data_2D8T
#
_entry.id   2D8T
#
loop_
_entity.id
_entity.type
_entity.pdbx_description
1 polymer 'RING finger protein 146'
2 non-polymer 'ZINC ION'
#
_entity_poly.entity_id   1
_entity_poly.type   'polypeptide(L)'
_entity_poly.pdbx_seq_one_letter_code
;GSSGSSGNTAPSLTVPECAICLQTCVHPVSLPCKHVFCYLCVKGASWLGKRCALCRQEIPEDFLDSGPSSG
;
_entity_poly.pdbx_strand_id   A
#
# COMPACT_ATOMS: atom_id res chain seq x y z
N GLY A 1 25.27 -2.02 3.93
CA GLY A 1 24.90 -3.24 3.24
C GLY A 1 23.59 -3.11 2.48
N SER A 2 22.79 -4.17 2.50
CA SER A 2 21.51 -4.17 1.80
C SER A 2 20.37 -3.87 2.77
N SER A 3 19.79 -2.69 2.65
CA SER A 3 18.68 -2.28 3.52
C SER A 3 17.69 -1.39 2.76
N GLY A 4 16.47 -1.89 2.61
CA GLY A 4 15.45 -1.14 1.90
C GLY A 4 15.10 -1.74 0.56
N SER A 5 14.16 -2.69 0.58
CA SER A 5 13.74 -3.36 -0.65
C SER A 5 12.22 -3.50 -0.70
N SER A 6 11.61 -2.86 -1.70
CA SER A 6 10.16 -2.90 -1.86
C SER A 6 9.77 -3.64 -3.13
N GLY A 7 8.49 -3.98 -3.26
CA GLY A 7 8.02 -4.68 -4.42
C GLY A 7 8.32 -3.94 -5.72
N ASN A 8 9.41 -4.31 -6.37
CA ASN A 8 9.81 -3.67 -7.62
C ASN A 8 9.44 -4.53 -8.82
N THR A 9 9.69 -5.83 -8.71
CA THR A 9 9.38 -6.77 -9.78
C THR A 9 7.93 -6.63 -10.23
N ALA A 10 7.72 -5.87 -11.30
CA ALA A 10 6.38 -5.65 -11.83
C ALA A 10 6.36 -5.85 -13.34
N PRO A 11 5.26 -6.46 -13.85
CA PRO A 11 5.09 -6.72 -15.27
C PRO A 11 4.87 -5.45 -16.08
N SER A 12 4.47 -4.37 -15.39
CA SER A 12 4.22 -3.10 -16.05
C SER A 12 4.75 -1.94 -15.19
N LEU A 13 4.71 -0.74 -15.75
CA LEU A 13 5.17 0.44 -15.04
C LEU A 13 4.04 1.45 -14.85
N THR A 14 3.17 1.17 -13.89
CA THR A 14 2.03 2.05 -13.60
C THR A 14 1.61 1.95 -12.14
N VAL A 15 0.63 2.77 -11.76
CA VAL A 15 0.13 2.77 -10.39
C VAL A 15 -1.27 2.18 -10.32
N PRO A 16 -1.45 1.16 -9.46
CA PRO A 16 -2.74 0.49 -9.28
C PRO A 16 -3.76 1.38 -8.58
N GLU A 17 -4.97 0.87 -8.41
CA GLU A 17 -6.04 1.61 -7.76
C GLU A 17 -6.13 1.27 -6.27
N CYS A 18 -6.91 2.04 -5.53
CA CYS A 18 -7.08 1.81 -4.11
C CYS A 18 -8.49 1.32 -3.79
N ALA A 19 -8.61 0.52 -2.74
CA ALA A 19 -9.92 -0.02 -2.34
C ALA A 19 -10.38 0.60 -1.03
N ILE A 20 -9.87 1.79 -0.72
CA ILE A 20 -10.23 2.49 0.51
C ILE A 20 -10.74 3.89 0.21
N CYS A 21 -10.08 4.57 -0.73
CA CYS A 21 -10.48 5.92 -1.12
C CYS A 21 -11.15 5.93 -2.48
N LEU A 22 -10.99 4.83 -3.22
CA LEU A 22 -11.58 4.71 -4.55
C LEU A 22 -10.91 5.67 -5.54
N GLN A 23 -9.58 5.65 -5.56
CA GLN A 23 -8.83 6.52 -6.45
C GLN A 23 -7.39 6.03 -6.60
N THR A 24 -6.72 6.45 -7.66
CA THR A 24 -5.34 6.05 -7.92
C THR A 24 -4.57 5.92 -6.61
N CYS A 25 -3.94 4.76 -6.42
CA CYS A 25 -3.16 4.50 -5.22
C CYS A 25 -1.84 5.25 -5.24
N VAL A 26 -1.78 6.37 -4.53
CA VAL A 26 -0.58 7.19 -4.47
C VAL A 26 0.63 6.35 -4.08
N HIS A 27 0.43 5.44 -3.13
CA HIS A 27 1.50 4.57 -2.65
C HIS A 27 1.02 3.12 -2.55
N PRO A 28 1.25 2.35 -3.62
CA PRO A 28 0.86 0.93 -3.66
C PRO A 28 1.69 0.06 -2.73
N VAL A 29 1.06 -0.42 -1.66
CA VAL A 29 1.75 -1.26 -0.69
C VAL A 29 1.18 -2.68 -0.71
N SER A 30 2.05 -3.65 -1.01
CA SER A 30 1.64 -5.04 -1.07
C SER A 30 1.42 -5.60 0.33
N LEU A 31 0.15 -5.73 0.72
CA LEU A 31 -0.19 -6.25 2.03
C LEU A 31 0.02 -7.77 2.09
N PRO A 32 0.19 -8.29 3.32
CA PRO A 32 0.41 -9.72 3.54
C PRO A 32 -0.84 -10.55 3.25
N CYS A 33 -1.89 -9.88 2.79
CA CYS A 33 -3.15 -10.56 2.48
C CYS A 33 -3.35 -10.64 0.97
N LYS A 34 -2.33 -10.25 0.21
CA LYS A 34 -2.40 -10.30 -1.24
C LYS A 34 -3.28 -9.17 -1.78
N HIS A 35 -3.02 -7.95 -1.33
CA HIS A 35 -3.79 -6.79 -1.76
C HIS A 35 -2.89 -5.58 -1.95
N VAL A 36 -3.47 -4.48 -2.41
CA VAL A 36 -2.73 -3.24 -2.62
C VAL A 36 -3.53 -2.02 -2.18
N PHE A 37 -2.90 -1.16 -1.40
CA PHE A 37 -3.56 0.05 -0.91
C PHE A 37 -2.55 1.17 -0.71
N CYS A 38 -3.06 2.39 -0.53
CA CYS A 38 -2.21 3.56 -0.34
C CYS A 38 -1.46 3.46 0.99
N TYR A 39 -0.14 3.59 0.92
CA TYR A 39 0.70 3.52 2.12
C TYR A 39 0.10 4.35 3.24
N LEU A 40 -0.69 5.36 2.89
CA LEU A 40 -1.33 6.22 3.87
C LEU A 40 -2.66 5.64 4.33
N CYS A 41 -3.40 5.05 3.39
CA CYS A 41 -4.69 4.45 3.71
C CYS A 41 -4.52 3.24 4.62
N VAL A 42 -3.33 2.63 4.58
CA VAL A 42 -3.04 1.47 5.41
C VAL A 42 -2.44 1.87 6.75
N LYS A 43 -1.59 2.90 6.73
CA LYS A 43 -0.96 3.38 7.94
C LYS A 43 -1.99 3.91 8.92
N GLY A 44 -3.10 4.42 8.40
CA GLY A 44 -4.15 4.95 9.25
C GLY A 44 -5.11 5.85 8.50
N ALA A 45 -6.21 5.28 8.03
CA ALA A 45 -7.21 6.04 7.28
C ALA A 45 -8.31 6.56 8.22
N SER A 46 -9.32 7.19 7.62
CA SER A 46 -10.43 7.74 8.40
C SER A 46 -11.27 6.61 9.02
N TRP A 47 -11.51 5.57 8.24
CA TRP A 47 -12.29 4.43 8.71
C TRP A 47 -11.45 3.16 8.76
N LEU A 48 -10.16 3.33 9.01
CA LEU A 48 -9.24 2.20 9.09
C LEU A 48 -8.26 2.37 10.26
N GLY A 49 -7.97 1.26 10.93
CA GLY A 49 -7.06 1.30 12.06
C GLY A 49 -6.16 0.08 12.13
N LYS A 50 -5.04 0.12 11.42
CA LYS A 50 -4.10 -0.99 11.41
C LYS A 50 -4.79 -2.28 10.98
N ARG A 51 -5.57 -2.20 9.91
CA ARG A 51 -6.29 -3.35 9.39
C ARG A 51 -6.76 -3.11 7.96
N CYS A 52 -6.59 -4.13 7.12
CA CYS A 52 -6.99 -4.02 5.72
C CYS A 52 -8.45 -3.60 5.60
N ALA A 53 -8.85 -3.21 4.39
CA ALA A 53 -10.22 -2.78 4.14
C ALA A 53 -10.97 -3.80 3.29
N LEU A 54 -10.23 -4.66 2.61
CA LEU A 54 -10.82 -5.69 1.76
C LEU A 54 -11.04 -6.98 2.53
N CYS A 55 -9.99 -7.48 3.17
CA CYS A 55 -10.07 -8.70 3.94
C CYS A 55 -9.93 -8.42 5.43
N ARG A 56 -9.54 -7.19 5.76
CA ARG A 56 -9.38 -6.77 7.15
C ARG A 56 -8.32 -7.63 7.84
N GLN A 57 -7.27 -8.00 7.10
CA GLN A 57 -6.20 -8.82 7.64
C GLN A 57 -5.32 -8.01 8.58
N GLU A 58 -5.33 -8.38 9.86
CA GLU A 58 -4.52 -7.68 10.86
C GLU A 58 -3.10 -7.46 10.35
N ILE A 59 -2.69 -6.19 10.33
CA ILE A 59 -1.35 -5.85 9.88
C ILE A 59 -0.39 -5.65 11.05
N PRO A 60 0.77 -6.30 10.99
CA PRO A 60 1.79 -6.21 12.04
C PRO A 60 2.45 -4.84 12.09
N GLU A 61 2.66 -4.33 13.30
CA GLU A 61 3.28 -3.02 13.48
C GLU A 61 4.62 -2.95 12.75
N ASP A 62 5.29 -4.10 12.64
CA ASP A 62 6.57 -4.17 11.96
C ASP A 62 6.42 -3.86 10.48
N PHE A 63 5.24 -4.10 9.94
CA PHE A 63 4.97 -3.85 8.53
C PHE A 63 5.39 -2.43 8.14
N LEU A 64 4.98 -1.46 8.94
CA LEU A 64 5.32 -0.06 8.68
C LEU A 64 6.58 0.35 9.44
N ASP A 65 6.62 0.00 10.73
CA ASP A 65 7.77 0.32 11.57
C ASP A 65 8.79 -0.81 11.56
N SER A 66 9.72 -0.76 10.63
CA SER A 66 10.76 -1.79 10.52
C SER A 66 12.15 -1.19 10.68
N GLY A 67 12.95 -1.79 11.55
CA GLY A 67 14.29 -1.29 11.80
C GLY A 67 14.33 -0.17 12.80
N PRO A 68 15.45 -0.04 13.52
CA PRO A 68 15.64 1.01 14.53
C PRO A 68 15.76 2.39 13.92
N SER A 69 15.38 3.41 14.69
CA SER A 69 15.44 4.79 14.22
C SER A 69 16.68 5.01 13.35
N SER A 70 17.85 4.74 13.93
CA SER A 70 19.10 4.91 13.21
C SER A 70 19.69 3.57 12.79
N GLY A 71 20.10 3.49 11.54
CA GLY A 71 20.67 2.25 11.02
C GLY A 71 22.17 2.18 11.21
N GLY A 1 21.79 21.08 -18.85
CA GLY A 1 21.21 21.58 -20.09
C GLY A 1 19.72 21.82 -20.00
N SER A 2 19.20 22.68 -20.86
CA SER A 2 17.78 23.00 -20.87
C SER A 2 17.04 22.13 -21.88
N SER A 3 17.62 21.98 -23.07
CA SER A 3 17.02 21.19 -24.13
C SER A 3 17.88 19.98 -24.45
N GLY A 4 17.38 19.12 -25.35
CA GLY A 4 18.11 17.93 -25.72
C GLY A 4 17.84 16.75 -24.81
N SER A 5 16.57 16.41 -24.65
CA SER A 5 16.17 15.30 -23.79
C SER A 5 16.74 13.99 -24.30
N SER A 6 16.80 12.99 -23.42
CA SER A 6 17.33 11.68 -23.78
C SER A 6 16.80 10.60 -22.84
N GLY A 7 16.54 9.42 -23.39
CA GLY A 7 16.03 8.33 -22.58
C GLY A 7 15.97 7.02 -23.35
N ASN A 8 17.06 6.26 -23.31
CA ASN A 8 17.12 4.99 -24.02
C ASN A 8 15.97 4.08 -23.60
N THR A 9 15.78 2.98 -24.33
CA THR A 9 14.71 2.03 -24.03
C THR A 9 14.57 1.82 -22.53
N ALA A 10 13.33 1.77 -22.06
CA ALA A 10 13.06 1.56 -20.64
C ALA A 10 11.65 1.04 -20.42
N PRO A 11 11.48 0.22 -19.36
CA PRO A 11 10.17 -0.36 -19.02
C PRO A 11 9.20 0.68 -18.50
N SER A 12 7.93 0.51 -18.86
CA SER A 12 6.88 1.44 -18.43
C SER A 12 6.63 1.32 -16.92
N LEU A 13 5.74 2.16 -16.41
CA LEU A 13 5.41 2.15 -14.99
C LEU A 13 4.01 2.70 -14.75
N THR A 14 3.10 1.82 -14.33
CA THR A 14 1.73 2.20 -14.07
C THR A 14 1.38 2.04 -12.59
N VAL A 15 0.34 2.75 -12.15
CA VAL A 15 -0.09 2.68 -10.76
C VAL A 15 -1.51 2.15 -10.65
N PRO A 16 -1.70 1.14 -9.79
CA PRO A 16 -3.01 0.52 -9.57
C PRO A 16 -3.98 1.45 -8.85
N GLU A 17 -5.16 0.93 -8.53
CA GLU A 17 -6.18 1.72 -7.84
C GLU A 17 -6.23 1.37 -6.36
N CYS A 18 -7.05 2.10 -5.61
CA CYS A 18 -7.19 1.86 -4.18
C CYS A 18 -8.60 1.41 -3.84
N ALA A 19 -8.71 0.53 -2.85
CA ALA A 19 -10.01 0.01 -2.43
C ALA A 19 -10.43 0.61 -1.09
N ILE A 20 -9.82 1.75 -0.74
CA ILE A 20 -10.13 2.42 0.51
C ILE A 20 -10.62 3.85 0.26
N CYS A 21 -10.09 4.48 -0.77
CA CYS A 21 -10.47 5.84 -1.12
C CYS A 21 -11.18 5.88 -2.47
N LEU A 22 -11.00 4.82 -3.25
CA LEU A 22 -11.63 4.73 -4.57
C LEU A 22 -10.98 5.70 -5.54
N GLN A 23 -9.65 5.65 -5.62
CA GLN A 23 -8.90 6.52 -6.52
C GLN A 23 -7.44 6.09 -6.61
N THR A 24 -6.79 6.42 -7.72
CA THR A 24 -5.40 6.07 -7.93
C THR A 24 -4.62 6.12 -6.63
N CYS A 25 -3.96 5.01 -6.29
CA CYS A 25 -3.19 4.93 -5.07
C CYS A 25 -1.80 5.54 -5.26
N VAL A 26 -1.48 6.53 -4.44
CA VAL A 26 -0.19 7.20 -4.52
C VAL A 26 0.96 6.24 -4.18
N HIS A 27 0.82 5.54 -3.06
CA HIS A 27 1.84 4.59 -2.62
C HIS A 27 1.23 3.21 -2.42
N PRO A 28 1.21 2.40 -3.49
CA PRO A 28 0.67 1.04 -3.44
C PRO A 28 1.53 0.10 -2.62
N VAL A 29 1.02 -0.31 -1.46
CA VAL A 29 1.75 -1.22 -0.58
C VAL A 29 1.14 -2.62 -0.63
N SER A 30 1.98 -3.60 -0.96
CA SER A 30 1.54 -4.99 -1.05
C SER A 30 1.35 -5.58 0.35
N LEU A 31 0.10 -5.82 0.72
CA LEU A 31 -0.21 -6.38 2.03
C LEU A 31 -0.03 -7.90 2.03
N PRO A 32 0.18 -8.48 3.21
CA PRO A 32 0.36 -9.92 3.37
C PRO A 32 -0.92 -10.72 3.11
N CYS A 33 -1.97 -9.99 2.71
CA CYS A 33 -3.26 -10.63 2.42
C CYS A 33 -3.54 -10.62 0.92
N LYS A 34 -2.49 -10.42 0.13
CA LYS A 34 -2.63 -10.39 -1.32
C LYS A 34 -3.48 -9.22 -1.78
N HIS A 35 -3.12 -8.02 -1.34
CA HIS A 35 -3.86 -6.82 -1.69
C HIS A 35 -2.92 -5.62 -1.81
N VAL A 36 -3.44 -4.51 -2.34
CA VAL A 36 -2.65 -3.30 -2.50
C VAL A 36 -3.47 -2.06 -2.15
N PHE A 37 -2.85 -1.16 -1.39
CA PHE A 37 -3.52 0.08 -0.99
C PHE A 37 -2.51 1.19 -0.73
N CYS A 38 -3.00 2.40 -0.56
CA CYS A 38 -2.15 3.56 -0.31
C CYS A 38 -1.48 3.45 1.06
N TYR A 39 -0.15 3.52 1.08
CA TYR A 39 0.60 3.43 2.32
C TYR A 39 -0.05 4.28 3.41
N LEU A 40 -0.69 5.37 3.00
CA LEU A 40 -1.35 6.27 3.94
C LEU A 40 -2.71 5.72 4.35
N CYS A 41 -3.35 5.00 3.43
CA CYS A 41 -4.67 4.42 3.70
C CYS A 41 -4.55 3.21 4.62
N VAL A 42 -3.44 2.50 4.52
CA VAL A 42 -3.20 1.31 5.34
C VAL A 42 -2.65 1.70 6.70
N LYS A 43 -1.73 2.67 6.72
CA LYS A 43 -1.13 3.13 7.96
C LYS A 43 -2.20 3.58 8.95
N GLY A 44 -3.32 4.06 8.43
CA GLY A 44 -4.41 4.51 9.28
C GLY A 44 -5.35 5.45 8.57
N ALA A 45 -6.17 4.90 7.69
CA ALA A 45 -7.14 5.70 6.93
C ALA A 45 -8.16 6.34 7.86
N SER A 46 -9.15 7.01 7.27
CA SER A 46 -10.19 7.67 8.04
C SER A 46 -11.07 6.65 8.77
N TRP A 47 -11.53 5.64 8.03
CA TRP A 47 -12.38 4.61 8.60
C TRP A 47 -11.59 3.31 8.77
N LEU A 48 -10.29 3.43 9.00
CA LEU A 48 -9.43 2.27 9.19
C LEU A 48 -8.52 2.44 10.39
N GLY A 49 -7.91 1.36 10.83
CA GLY A 49 -7.02 1.41 11.98
C GLY A 49 -6.06 0.24 12.03
N LYS A 50 -4.95 0.35 11.31
CA LYS A 50 -3.96 -0.71 11.27
C LYS A 50 -4.58 -2.04 10.86
N ARG A 51 -5.41 -2.01 9.82
CA ARG A 51 -6.07 -3.20 9.33
C ARG A 51 -6.59 -3.00 7.90
N CYS A 52 -6.39 -4.02 7.07
CA CYS A 52 -6.83 -3.94 5.68
C CYS A 52 -8.29 -3.51 5.59
N ALA A 53 -8.73 -3.17 4.38
CA ALA A 53 -10.10 -2.74 4.16
C ALA A 53 -10.88 -3.77 3.35
N LEU A 54 -10.15 -4.58 2.59
CA LEU A 54 -10.78 -5.61 1.76
C LEU A 54 -11.03 -6.88 2.56
N CYS A 55 -10.00 -7.37 3.23
CA CYS A 55 -10.11 -8.58 4.03
C CYS A 55 -9.95 -8.26 5.52
N ARG A 56 -9.47 -7.05 5.81
CA ARG A 56 -9.27 -6.62 7.19
C ARG A 56 -8.22 -7.49 7.88
N GLN A 57 -7.21 -7.91 7.11
CA GLN A 57 -6.14 -8.75 7.65
C GLN A 57 -5.27 -7.96 8.62
N GLU A 58 -5.16 -8.45 9.85
CA GLU A 58 -4.35 -7.78 10.86
C GLU A 58 -2.92 -7.57 10.37
N ILE A 59 -2.47 -6.32 10.42
CA ILE A 59 -1.12 -5.98 9.98
C ILE A 59 -0.18 -5.84 11.16
N PRO A 60 1.02 -6.43 11.04
CA PRO A 60 2.04 -6.40 12.09
C PRO A 60 2.65 -5.00 12.25
N GLU A 61 2.90 -4.61 13.50
CA GLU A 61 3.49 -3.30 13.79
C GLU A 61 4.79 -3.10 13.02
N ASP A 62 5.50 -4.21 12.77
CA ASP A 62 6.76 -4.15 12.04
C ASP A 62 6.54 -3.72 10.60
N PHE A 63 5.34 -3.98 10.08
CA PHE A 63 5.00 -3.62 8.71
C PHE A 63 5.31 -2.15 8.45
N LEU A 64 4.80 -1.27 9.30
CA LEU A 64 5.01 0.16 9.17
C LEU A 64 6.00 0.67 10.21
N ASP A 65 5.64 0.51 11.48
CA ASP A 65 6.49 0.96 12.58
C ASP A 65 7.78 0.16 12.61
N SER A 66 8.82 0.70 11.99
CA SER A 66 10.12 0.04 11.94
C SER A 66 11.14 0.77 12.82
N GLY A 67 11.10 0.48 14.11
CA GLY A 67 12.02 1.12 15.04
C GLY A 67 12.10 0.40 16.37
N PRO A 68 12.80 -0.75 16.39
CA PRO A 68 12.96 -1.55 17.60
C PRO A 68 13.86 -0.88 18.64
N SER A 69 13.23 -0.25 19.63
CA SER A 69 13.97 0.44 20.68
C SER A 69 14.17 -0.46 21.88
N SER A 70 13.12 -1.19 22.26
CA SER A 70 13.18 -2.09 23.40
C SER A 70 14.07 -1.52 24.51
N GLY A 71 13.93 -0.22 24.76
CA GLY A 71 14.72 0.43 25.78
C GLY A 71 16.20 0.37 25.49
N GLY A 1 0.71 24.64 -13.98
CA GLY A 1 1.49 24.22 -12.83
C GLY A 1 2.99 24.33 -13.06
N SER A 2 3.76 23.64 -12.25
CA SER A 2 5.22 23.67 -12.37
C SER A 2 5.68 22.82 -13.56
N SER A 3 6.75 23.27 -14.22
CA SER A 3 7.28 22.55 -15.37
C SER A 3 8.53 21.77 -14.98
N GLY A 4 9.05 21.01 -15.94
CA GLY A 4 10.25 20.21 -15.68
C GLY A 4 10.25 18.91 -16.44
N SER A 5 9.98 18.98 -17.74
CA SER A 5 9.94 17.79 -18.59
C SER A 5 11.34 17.41 -19.05
N SER A 6 12.30 17.50 -18.14
CA SER A 6 13.69 17.16 -18.45
C SER A 6 14.38 16.52 -17.26
N GLY A 7 15.18 15.49 -17.53
CA GLY A 7 15.88 14.79 -16.47
C GLY A 7 16.71 13.62 -16.98
N ASN A 8 16.05 12.49 -17.19
CA ASN A 8 16.73 11.29 -17.68
C ASN A 8 15.74 10.33 -18.33
N THR A 9 16.24 9.52 -19.26
CA THR A 9 15.40 8.56 -19.96
C THR A 9 14.81 7.53 -18.99
N ALA A 10 13.55 7.18 -19.22
CA ALA A 10 12.86 6.21 -18.37
C ALA A 10 11.67 5.60 -19.08
N PRO A 11 11.47 4.29 -18.90
CA PRO A 11 10.36 3.56 -19.52
C PRO A 11 9.00 3.95 -18.92
N SER A 12 7.94 3.53 -19.59
CA SER A 12 6.59 3.83 -19.12
C SER A 12 6.23 3.02 -17.88
N LEU A 13 5.41 3.59 -17.02
CA LEU A 13 5.00 2.92 -15.79
C LEU A 13 3.50 3.07 -15.56
N THR A 14 2.94 2.23 -14.69
CA THR A 14 1.52 2.27 -14.39
C THR A 14 1.27 2.07 -12.90
N VAL A 15 0.17 2.63 -12.40
CA VAL A 15 -0.17 2.52 -10.99
C VAL A 15 -1.59 1.97 -10.82
N PRO A 16 -1.74 1.01 -9.90
CA PRO A 16 -3.04 0.38 -9.62
C PRO A 16 -4.00 1.34 -8.92
N GLU A 17 -5.17 0.82 -8.54
CA GLU A 17 -6.17 1.63 -7.87
C GLU A 17 -6.20 1.33 -6.37
N CYS A 18 -7.00 2.10 -5.63
CA CYS A 18 -7.11 1.91 -4.19
C CYS A 18 -8.51 1.46 -3.81
N ALA A 19 -8.60 0.62 -2.79
CA ALA A 19 -9.90 0.12 -2.33
C ALA A 19 -10.30 0.78 -1.01
N ILE A 20 -9.68 1.91 -0.70
CA ILE A 20 -9.98 2.64 0.52
C ILE A 20 -10.52 4.03 0.22
N CYS A 21 -9.96 4.67 -0.81
CA CYS A 21 -10.38 6.00 -1.21
C CYS A 21 -11.11 5.97 -2.55
N LEU A 22 -10.95 4.87 -3.28
CA LEU A 22 -11.59 4.71 -4.57
C LEU A 22 -10.95 5.64 -5.60
N GLN A 23 -9.63 5.62 -5.68
CA GLN A 23 -8.90 6.45 -6.62
C GLN A 23 -7.44 6.03 -6.71
N THR A 24 -6.80 6.33 -7.84
CA THR A 24 -5.40 5.98 -8.05
C THR A 24 -4.61 6.06 -6.75
N CYS A 25 -3.94 4.98 -6.41
CA CYS A 25 -3.14 4.93 -5.19
C CYS A 25 -1.77 5.55 -5.41
N VAL A 26 -1.40 6.49 -4.53
CA VAL A 26 -0.10 7.16 -4.63
C VAL A 26 1.04 6.22 -4.28
N HIS A 27 0.83 5.40 -3.25
CA HIS A 27 1.84 4.44 -2.82
C HIS A 27 1.22 3.07 -2.56
N PRO A 28 1.25 2.22 -3.58
CA PRO A 28 0.70 0.86 -3.49
C PRO A 28 1.52 -0.05 -2.59
N VAL A 29 0.95 -0.43 -1.46
CA VAL A 29 1.63 -1.30 -0.51
C VAL A 29 1.09 -2.71 -0.57
N SER A 30 1.97 -3.67 -0.93
CA SER A 30 1.58 -5.06 -1.04
C SER A 30 1.38 -5.68 0.35
N LEU A 31 0.12 -5.83 0.75
CA LEU A 31 -0.20 -6.41 2.05
C LEU A 31 0.01 -7.92 2.05
N PRO A 32 0.21 -8.49 3.23
CA PRO A 32 0.43 -9.93 3.40
C PRO A 32 -0.83 -10.74 3.11
N CYS A 33 -1.89 -10.06 2.72
CA CYS A 33 -3.17 -10.71 2.41
C CYS A 33 -3.39 -10.76 0.91
N LYS A 34 -2.38 -10.39 0.14
CA LYS A 34 -2.47 -10.38 -1.32
C LYS A 34 -3.32 -9.22 -1.81
N HIS A 35 -3.01 -8.02 -1.33
CA HIS A 35 -3.75 -6.83 -1.72
C HIS A 35 -2.81 -5.62 -1.83
N VAL A 36 -3.35 -4.50 -2.31
CA VAL A 36 -2.56 -3.28 -2.45
C VAL A 36 -3.38 -2.05 -2.10
N PHE A 37 -2.77 -1.13 -1.36
CA PHE A 37 -3.45 0.10 -0.95
C PHE A 37 -2.44 1.22 -0.72
N CYS A 38 -2.94 2.45 -0.60
CA CYS A 38 -2.09 3.61 -0.38
C CYS A 38 -1.40 3.52 0.98
N TYR A 39 -0.08 3.56 0.97
CA TYR A 39 0.70 3.48 2.21
C TYR A 39 0.11 4.40 3.27
N LEU A 40 -0.57 5.45 2.82
CA LEU A 40 -1.18 6.41 3.74
C LEU A 40 -2.56 5.94 4.18
N CYS A 41 -3.25 5.23 3.28
CA CYS A 41 -4.58 4.73 3.56
C CYS A 41 -4.52 3.56 4.54
N VAL A 42 -3.40 2.85 4.53
CA VAL A 42 -3.21 1.70 5.41
C VAL A 42 -2.62 2.13 6.75
N LYS A 43 -1.61 2.99 6.70
CA LYS A 43 -0.97 3.47 7.91
C LYS A 43 -1.99 4.00 8.91
N GLY A 44 -2.96 4.75 8.41
CA GLY A 44 -4.00 5.29 9.27
C GLY A 44 -5.08 6.01 8.50
N ALA A 45 -6.33 5.63 8.74
CA ALA A 45 -7.47 6.24 8.06
C ALA A 45 -8.59 6.56 9.03
N SER A 46 -9.64 7.21 8.53
CA SER A 46 -10.78 7.58 9.36
C SER A 46 -11.39 6.33 10.01
N TRP A 47 -11.43 5.24 9.26
CA TRP A 47 -11.99 3.99 9.76
C TRP A 47 -10.98 2.86 9.67
N LEU A 48 -10.20 2.85 8.58
CA LEU A 48 -9.19 1.82 8.38
C LEU A 48 -7.92 2.16 9.15
N GLY A 49 -7.86 1.71 10.40
CA GLY A 49 -6.69 1.98 11.23
C GLY A 49 -5.52 1.09 10.86
N LYS A 50 -5.35 -0.01 11.58
CA LYS A 50 -4.26 -0.94 11.32
C LYS A 50 -4.80 -2.29 10.85
N ARG A 51 -5.73 -2.26 9.91
CA ARG A 51 -6.32 -3.48 9.37
C ARG A 51 -6.77 -3.27 7.93
N CYS A 52 -6.49 -4.25 7.08
CA CYS A 52 -6.87 -4.17 5.67
C CYS A 52 -8.31 -3.69 5.53
N ALA A 53 -8.71 -3.40 4.29
CA ALA A 53 -10.06 -2.94 4.01
C ALA A 53 -10.85 -3.97 3.21
N LEU A 54 -10.13 -4.78 2.44
CA LEU A 54 -10.76 -5.81 1.61
C LEU A 54 -11.00 -7.08 2.43
N CYS A 55 -9.96 -7.54 3.10
CA CYS A 55 -10.05 -8.76 3.92
C CYS A 55 -9.86 -8.43 5.40
N ARG A 56 -9.51 -7.18 5.68
CA ARG A 56 -9.30 -6.73 7.06
C ARG A 56 -8.29 -7.63 7.77
N GLN A 57 -7.28 -8.07 7.04
CA GLN A 57 -6.25 -8.94 7.60
C GLN A 57 -5.37 -8.18 8.59
N GLU A 58 -5.37 -8.62 9.84
CA GLU A 58 -4.56 -7.97 10.87
C GLU A 58 -3.15 -7.70 10.37
N ILE A 59 -2.72 -6.45 10.49
CA ILE A 59 -1.39 -6.05 10.05
C ILE A 59 -0.47 -5.80 11.25
N PRO A 60 0.73 -6.38 11.20
CA PRO A 60 1.72 -6.23 12.27
C PRO A 60 2.31 -4.82 12.31
N GLU A 61 2.51 -4.31 13.53
CA GLU A 61 3.06 -2.97 13.71
C GLU A 61 4.39 -2.82 12.98
N ASP A 62 5.16 -3.90 12.93
CA ASP A 62 6.46 -3.90 12.25
C ASP A 62 6.28 -3.68 10.75
N PHE A 63 5.08 -3.93 10.27
CA PHE A 63 4.78 -3.76 8.84
C PHE A 63 5.22 -2.38 8.35
N LEU A 64 4.79 -1.34 9.07
CA LEU A 64 5.14 0.02 8.72
C LEU A 64 6.48 0.43 9.32
N ASP A 65 6.56 0.38 10.65
CA ASP A 65 7.78 0.73 11.36
C ASP A 65 8.10 -0.29 12.45
N SER A 66 7.35 -0.21 13.56
CA SER A 66 7.56 -1.12 14.68
C SER A 66 6.34 -1.13 15.59
N GLY A 67 6.37 -2.02 16.57
CA GLY A 67 5.25 -2.12 17.50
C GLY A 67 5.61 -1.64 18.90
N PRO A 68 4.74 -0.80 19.49
CA PRO A 68 4.96 -0.25 20.83
C PRO A 68 4.83 -1.32 21.91
N SER A 69 4.37 -2.51 21.53
CA SER A 69 4.20 -3.60 22.48
C SER A 69 4.09 -4.93 21.74
N SER A 70 5.07 -5.80 21.95
CA SER A 70 5.09 -7.11 21.31
C SER A 70 4.55 -8.19 22.25
N GLY A 71 3.23 -8.24 22.38
CA GLY A 71 2.61 -9.22 23.25
C GLY A 71 2.45 -8.73 24.67
N GLY A 1 8.05 7.97 -46.16
CA GLY A 1 7.03 7.16 -46.78
C GLY A 1 6.47 6.11 -45.83
N SER A 2 5.80 5.12 -46.39
CA SER A 2 5.21 4.05 -45.58
C SER A 2 6.30 3.26 -44.85
N SER A 3 5.91 2.64 -43.74
CA SER A 3 6.85 1.86 -42.95
C SER A 3 6.56 0.37 -43.08
N GLY A 4 7.54 -0.46 -42.72
CA GLY A 4 7.37 -1.90 -42.81
C GLY A 4 6.20 -2.40 -41.99
N SER A 5 6.27 -3.66 -41.57
CA SER A 5 5.20 -4.26 -40.78
C SER A 5 5.76 -4.97 -39.55
N SER A 6 5.40 -4.46 -38.37
CA SER A 6 5.88 -5.05 -37.13
C SER A 6 5.10 -4.49 -35.94
N GLY A 7 4.48 -5.37 -35.17
CA GLY A 7 3.72 -4.95 -34.01
C GLY A 7 4.16 -5.64 -32.74
N ASN A 8 5.47 -5.75 -32.55
CA ASN A 8 6.02 -6.40 -31.36
C ASN A 8 6.44 -5.37 -30.33
N THR A 9 5.52 -5.02 -29.45
CA THR A 9 5.78 -4.04 -28.40
C THR A 9 5.21 -4.49 -27.06
N ALA A 10 5.99 -4.32 -25.99
CA ALA A 10 5.56 -4.70 -24.66
C ALA A 10 4.26 -4.01 -24.28
N PRO A 11 3.50 -4.63 -23.36
CA PRO A 11 2.22 -4.08 -22.89
C PRO A 11 2.40 -2.82 -22.05
N SER A 12 1.30 -2.14 -21.77
CA SER A 12 1.33 -0.91 -20.98
C SER A 12 0.97 -1.20 -19.52
N LEU A 13 1.46 -0.35 -18.62
CA LEU A 13 1.20 -0.51 -17.20
C LEU A 13 1.29 0.83 -16.48
N THR A 14 0.69 0.90 -15.29
CA THR A 14 0.70 2.13 -14.50
C THR A 14 0.25 1.86 -13.07
N VAL A 15 0.40 2.85 -12.21
CA VAL A 15 0.00 2.73 -10.81
C VAL A 15 -1.42 2.20 -10.70
N PRO A 16 -1.59 1.17 -9.84
CA PRO A 16 -2.90 0.54 -9.62
C PRO A 16 -3.86 1.45 -8.86
N GLU A 17 -5.09 0.99 -8.66
CA GLU A 17 -6.09 1.76 -7.96
C GLU A 17 -6.17 1.34 -6.49
N CYS A 18 -6.85 2.15 -5.68
CA CYS A 18 -7.00 1.88 -4.27
C CYS A 18 -8.39 1.30 -3.97
N ALA A 19 -8.48 0.47 -2.94
CA ALA A 19 -9.73 -0.13 -2.55
C ALA A 19 -10.26 0.47 -1.25
N ILE A 20 -9.69 1.61 -0.85
CA ILE A 20 -10.10 2.29 0.37
C ILE A 20 -10.66 3.68 0.06
N CYS A 21 -10.05 4.35 -0.91
CA CYS A 21 -10.48 5.68 -1.30
C CYS A 21 -11.16 5.65 -2.68
N LEU A 22 -10.97 4.55 -3.39
CA LEU A 22 -11.56 4.39 -4.71
C LEU A 22 -10.93 5.37 -5.71
N GLN A 23 -9.60 5.36 -5.77
CA GLN A 23 -8.88 6.24 -6.68
C GLN A 23 -7.39 5.87 -6.72
N THR A 24 -6.74 6.23 -7.82
CA THR A 24 -5.32 5.95 -7.99
C THR A 24 -4.58 6.01 -6.65
N CYS A 25 -3.85 4.95 -6.33
CA CYS A 25 -3.09 4.89 -5.08
C CYS A 25 -1.72 5.52 -5.24
N VAL A 26 -1.49 6.60 -4.50
CA VAL A 26 -0.21 7.30 -4.56
C VAL A 26 0.95 6.38 -4.18
N HIS A 27 0.73 5.55 -3.16
CA HIS A 27 1.76 4.62 -2.71
C HIS A 27 1.16 3.24 -2.47
N PRO A 28 1.20 2.39 -3.52
CA PRO A 28 0.67 1.03 -3.45
C PRO A 28 1.52 0.12 -2.57
N VAL A 29 0.95 -0.29 -1.43
CA VAL A 29 1.66 -1.15 -0.49
C VAL A 29 1.10 -2.57 -0.54
N SER A 30 1.97 -3.53 -0.83
CA SER A 30 1.56 -4.94 -0.91
C SER A 30 1.31 -5.51 0.48
N LEU A 31 0.05 -5.79 0.77
CA LEU A 31 -0.34 -6.35 2.06
C LEU A 31 -0.15 -7.86 2.10
N PRO A 32 -0.01 -8.41 3.31
CA PRO A 32 0.18 -9.86 3.50
C PRO A 32 -1.07 -10.66 3.16
N CYS A 33 -2.11 -9.96 2.71
CA CYS A 33 -3.38 -10.60 2.36
C CYS A 33 -3.58 -10.59 0.84
N LYS A 34 -2.49 -10.36 0.11
CA LYS A 34 -2.56 -10.32 -1.35
C LYS A 34 -3.42 -9.16 -1.82
N HIS A 35 -3.11 -7.96 -1.36
CA HIS A 35 -3.85 -6.77 -1.73
C HIS A 35 -2.92 -5.56 -1.85
N VAL A 36 -3.46 -4.45 -2.35
CA VAL A 36 -2.68 -3.22 -2.50
C VAL A 36 -3.50 -2.00 -2.10
N PHE A 37 -2.88 -1.10 -1.34
CA PHE A 37 -3.55 0.11 -0.89
C PHE A 37 -2.54 1.23 -0.67
N CYS A 38 -3.04 2.45 -0.52
CA CYS A 38 -2.18 3.61 -0.31
C CYS A 38 -1.51 3.55 1.06
N TYR A 39 -0.18 3.59 1.06
CA TYR A 39 0.58 3.54 2.30
C TYR A 39 -0.11 4.33 3.40
N LEU A 40 -0.69 5.46 3.04
CA LEU A 40 -1.38 6.32 4.00
C LEU A 40 -2.70 5.67 4.43
N CYS A 41 -3.48 5.22 3.46
CA CYS A 41 -4.76 4.60 3.74
C CYS A 41 -4.60 3.44 4.72
N VAL A 42 -3.51 2.70 4.58
CA VAL A 42 -3.24 1.57 5.46
C VAL A 42 -2.69 2.03 6.80
N LYS A 43 -1.89 3.08 6.78
CA LYS A 43 -1.31 3.63 8.00
C LYS A 43 -2.39 3.93 9.03
N GLY A 44 -3.30 4.83 8.69
CA GLY A 44 -4.39 5.19 9.59
C GLY A 44 -5.44 6.04 8.93
N ALA A 45 -6.19 5.45 8.01
CA ALA A 45 -7.24 6.17 7.30
C ALA A 45 -8.34 6.62 8.25
N SER A 46 -9.35 7.29 7.70
CA SER A 46 -10.46 7.79 8.51
C SER A 46 -11.05 6.67 9.37
N TRP A 47 -11.60 5.65 8.72
CA TRP A 47 -12.19 4.51 9.43
C TRP A 47 -11.17 3.40 9.61
N LEU A 48 -10.39 3.14 8.57
CA LEU A 48 -9.37 2.10 8.62
C LEU A 48 -8.19 2.52 9.50
N GLY A 49 -7.49 1.54 10.06
CA GLY A 49 -6.35 1.84 10.91
C GLY A 49 -5.21 0.85 10.71
N LYS A 50 -4.98 0.01 11.72
CA LYS A 50 -3.92 -0.97 11.66
C LYS A 50 -4.44 -2.31 11.14
N ARG A 51 -5.23 -2.25 10.06
CA ARG A 51 -5.80 -3.45 9.47
C ARG A 51 -6.30 -3.16 8.06
N CYS A 52 -6.33 -4.19 7.23
CA CYS A 52 -6.79 -4.06 5.85
C CYS A 52 -8.25 -3.62 5.81
N ALA A 53 -8.73 -3.28 4.61
CA ALA A 53 -10.11 -2.86 4.44
C ALA A 53 -10.90 -3.85 3.59
N LEU A 54 -10.19 -4.54 2.70
CA LEU A 54 -10.82 -5.53 1.82
C LEU A 54 -11.09 -6.82 2.57
N CYS A 55 -10.08 -7.31 3.29
CA CYS A 55 -10.21 -8.54 4.05
C CYS A 55 -9.98 -8.29 5.54
N ARG A 56 -9.44 -7.12 5.86
CA ARG A 56 -9.17 -6.75 7.24
C ARG A 56 -8.14 -7.68 7.86
N GLN A 57 -7.13 -8.05 7.07
CA GLN A 57 -6.08 -8.94 7.55
C GLN A 57 -5.20 -8.25 8.58
N GLU A 58 -5.15 -8.81 9.78
CA GLU A 58 -4.35 -8.24 10.86
C GLU A 58 -2.94 -7.91 10.37
N ILE A 59 -2.59 -6.63 10.38
CA ILE A 59 -1.27 -6.19 9.95
C ILE A 59 -0.33 -6.01 11.13
N PRO A 60 0.88 -6.60 11.02
CA PRO A 60 1.89 -6.52 12.07
C PRO A 60 2.47 -5.11 12.21
N GLU A 61 2.73 -4.71 13.45
CA GLU A 61 3.28 -3.39 13.73
C GLU A 61 4.56 -3.17 12.93
N ASP A 62 5.33 -4.23 12.75
CA ASP A 62 6.59 -4.14 12.01
C ASP A 62 6.33 -3.74 10.57
N PHE A 63 5.18 -4.10 10.04
CA PHE A 63 4.82 -3.77 8.66
C PHE A 63 5.18 -2.33 8.34
N LEU A 64 4.53 -1.39 9.02
CA LEU A 64 4.79 0.02 8.80
C LEU A 64 6.04 0.47 9.54
N ASP A 65 6.10 0.19 10.84
CA ASP A 65 7.24 0.55 11.65
C ASP A 65 8.54 0.46 10.85
N SER A 66 9.42 1.43 11.05
CA SER A 66 10.70 1.47 10.33
C SER A 66 11.22 0.05 10.10
N GLY A 67 11.15 -0.78 11.13
CA GLY A 67 11.62 -2.15 11.02
C GLY A 67 12.32 -2.63 12.28
N PRO A 68 13.61 -2.32 12.40
CA PRO A 68 14.42 -2.71 13.56
C PRO A 68 14.03 -1.95 14.82
N SER A 69 14.61 -2.35 15.95
CA SER A 69 14.31 -1.72 17.22
C SER A 69 15.34 -0.63 17.53
N SER A 70 14.96 0.62 17.26
CA SER A 70 15.84 1.76 17.50
C SER A 70 15.05 2.96 18.00
N GLY A 71 15.78 4.01 18.39
CA GLY A 71 15.12 5.21 18.89
C GLY A 71 16.05 6.07 19.71
N GLY A 1 19.91 -3.62 -2.92
CA GLY A 1 19.71 -4.63 -3.93
C GLY A 1 19.71 -4.06 -5.34
N SER A 2 20.59 -3.10 -5.58
CA SER A 2 20.69 -2.46 -6.89
C SER A 2 21.14 -3.46 -7.95
N SER A 3 20.21 -3.87 -8.80
CA SER A 3 20.52 -4.83 -9.86
C SER A 3 21.33 -4.17 -10.97
N GLY A 4 22.65 -4.29 -10.89
CA GLY A 4 23.51 -3.71 -11.89
C GLY A 4 23.43 -4.42 -13.22
N SER A 5 23.76 -5.71 -13.23
CA SER A 5 23.72 -6.50 -14.45
C SER A 5 22.55 -7.48 -14.43
N SER A 6 21.57 -7.24 -15.30
CA SER A 6 20.39 -8.08 -15.38
C SER A 6 19.51 -7.68 -16.56
N GLY A 7 19.35 -8.59 -17.52
CA GLY A 7 18.53 -8.30 -18.68
C GLY A 7 17.05 -8.48 -18.40
N ASN A 8 16.43 -7.43 -17.85
CA ASN A 8 15.00 -7.46 -17.53
C ASN A 8 14.40 -6.06 -17.58
N THR A 9 13.27 -5.94 -18.25
CA THR A 9 12.58 -4.66 -18.38
C THR A 9 11.07 -4.85 -18.45
N ALA A 10 10.34 -4.02 -17.71
CA ALA A 10 8.89 -4.09 -17.70
C ALA A 10 8.29 -3.40 -18.92
N PRO A 11 7.11 -3.87 -19.35
CA PRO A 11 6.41 -3.32 -20.50
C PRO A 11 5.87 -1.92 -20.25
N SER A 12 5.15 -1.76 -19.15
CA SER A 12 4.58 -0.46 -18.79
C SER A 12 4.68 -0.22 -17.29
N LEU A 13 4.75 1.05 -16.89
CA LEU A 13 4.85 1.42 -15.49
C LEU A 13 3.67 2.28 -15.07
N THR A 14 2.58 1.62 -14.68
CA THR A 14 1.37 2.32 -14.24
C THR A 14 1.10 2.08 -12.77
N VAL A 15 0.21 2.90 -12.20
CA VAL A 15 -0.14 2.77 -10.79
C VAL A 15 -1.53 2.18 -10.62
N PRO A 16 -1.66 1.22 -9.69
CA PRO A 16 -2.94 0.56 -9.41
C PRO A 16 -3.94 1.48 -8.73
N GLU A 17 -5.15 0.98 -8.50
CA GLU A 17 -6.19 1.77 -7.87
C GLU A 17 -6.34 1.38 -6.40
N CYS A 18 -6.97 2.26 -5.62
CA CYS A 18 -7.18 2.01 -4.19
C CYS A 18 -8.59 1.47 -3.93
N ALA A 19 -8.71 0.60 -2.95
CA ALA A 19 -10.00 0.01 -2.59
C ALA A 19 -10.52 0.59 -1.28
N ILE A 20 -9.92 1.69 -0.85
CA ILE A 20 -10.33 2.35 0.39
C ILE A 20 -10.82 3.76 0.14
N CYS A 21 -10.20 4.43 -0.84
CA CYS A 21 -10.57 5.80 -1.17
C CYS A 21 -11.21 5.86 -2.56
N LEU A 22 -10.95 4.83 -3.37
CA LEU A 22 -11.51 4.76 -4.72
C LEU A 22 -10.80 5.75 -5.64
N GLN A 23 -9.47 5.75 -5.61
CA GLN A 23 -8.69 6.64 -6.45
C GLN A 23 -7.25 6.13 -6.59
N THR A 24 -6.59 6.55 -7.67
CA THR A 24 -5.22 6.13 -7.92
C THR A 24 -4.45 5.95 -6.62
N CYS A 25 -3.78 4.81 -6.48
CA CYS A 25 -2.99 4.53 -5.29
C CYS A 25 -1.66 5.26 -5.31
N VAL A 26 -1.58 6.36 -4.54
CA VAL A 26 -0.36 7.14 -4.48
C VAL A 26 0.84 6.30 -4.05
N HIS A 27 0.62 5.44 -3.05
CA HIS A 27 1.67 4.57 -2.55
C HIS A 27 1.17 3.14 -2.40
N PRO A 28 1.38 2.33 -3.44
CA PRO A 28 0.97 0.92 -3.45
C PRO A 28 1.77 0.06 -2.48
N VAL A 29 1.12 -0.41 -1.43
CA VAL A 29 1.78 -1.24 -0.43
C VAL A 29 1.22 -2.67 -0.45
N SER A 30 2.09 -3.63 -0.69
CA SER A 30 1.69 -5.03 -0.74
C SER A 30 1.43 -5.57 0.66
N LEU A 31 0.16 -5.84 0.96
CA LEU A 31 -0.22 -6.36 2.26
C LEU A 31 -0.03 -7.88 2.32
N PRO A 32 0.09 -8.40 3.55
CA PRO A 32 0.28 -9.84 3.78
C PRO A 32 -0.97 -10.65 3.44
N CYS A 33 -1.98 -9.98 2.90
CA CYS A 33 -3.23 -10.63 2.53
C CYS A 33 -3.41 -10.65 1.01
N LYS A 34 -2.33 -10.36 0.29
CA LYS A 34 -2.37 -10.34 -1.17
C LYS A 34 -3.25 -9.22 -1.69
N HIS A 35 -2.94 -7.99 -1.25
CA HIS A 35 -3.71 -6.82 -1.67
C HIS A 35 -2.81 -5.60 -1.80
N VAL A 36 -3.35 -4.54 -2.38
CA VAL A 36 -2.59 -3.30 -2.58
C VAL A 36 -3.42 -2.08 -2.21
N PHE A 37 -2.82 -1.16 -1.47
CA PHE A 37 -3.51 0.06 -1.06
C PHE A 37 -2.53 1.19 -0.82
N CYS A 38 -3.05 2.40 -0.65
CA CYS A 38 -2.21 3.57 -0.41
C CYS A 38 -1.53 3.49 0.95
N TYR A 39 -0.21 3.59 0.96
CA TYR A 39 0.56 3.53 2.19
C TYR A 39 -0.09 4.36 3.29
N LEU A 40 -0.72 5.46 2.89
CA LEU A 40 -1.38 6.35 3.83
C LEU A 40 -2.72 5.76 4.29
N CYS A 41 -3.46 5.19 3.35
CA CYS A 41 -4.75 4.59 3.66
C CYS A 41 -4.58 3.38 4.57
N VAL A 42 -3.41 2.77 4.52
CA VAL A 42 -3.11 1.59 5.34
C VAL A 42 -2.50 2.00 6.68
N LYS A 43 -1.55 2.94 6.63
CA LYS A 43 -0.89 3.41 7.84
C LYS A 43 -1.91 3.95 8.84
N GLY A 44 -2.95 4.61 8.33
CA GLY A 44 -3.97 5.16 9.20
C GLY A 44 -5.05 5.90 8.42
N ALA A 45 -6.25 5.34 8.41
CA ALA A 45 -7.37 5.95 7.70
C ALA A 45 -8.48 6.35 8.66
N SER A 46 -9.43 7.15 8.17
CA SER A 46 -10.55 7.60 8.99
C SER A 46 -11.18 6.43 9.73
N TRP A 47 -11.59 5.41 8.98
CA TRP A 47 -12.22 4.23 9.57
C TRP A 47 -11.24 3.07 9.64
N LEU A 48 -10.44 2.91 8.60
CA LEU A 48 -9.44 1.84 8.54
C LEU A 48 -8.31 2.09 9.54
N GLY A 49 -8.25 1.24 10.57
CA GLY A 49 -7.22 1.38 11.58
C GLY A 49 -6.28 0.19 11.62
N LYS A 50 -5.02 0.41 11.30
CA LYS A 50 -4.02 -0.65 11.30
C LYS A 50 -4.64 -1.97 10.88
N ARG A 51 -5.38 -1.96 9.78
CA ARG A 51 -6.03 -3.17 9.27
C ARG A 51 -6.42 -3.00 7.81
N CYS A 52 -6.53 -4.12 7.10
CA CYS A 52 -6.89 -4.10 5.69
C CYS A 52 -8.33 -3.64 5.51
N ALA A 53 -8.73 -3.40 4.26
CA ALA A 53 -10.08 -2.97 3.95
C ALA A 53 -10.84 -4.03 3.15
N LEU A 54 -10.11 -4.78 2.34
CA LEU A 54 -10.71 -5.84 1.53
C LEU A 54 -11.02 -7.07 2.38
N CYS A 55 -9.99 -7.56 3.08
CA CYS A 55 -10.14 -8.74 3.93
C CYS A 55 -10.02 -8.37 5.41
N ARG A 56 -9.57 -7.14 5.66
CA ARG A 56 -9.39 -6.66 7.03
C ARG A 56 -8.37 -7.50 7.78
N GLN A 57 -7.38 -8.01 7.05
CA GLN A 57 -6.33 -8.83 7.64
C GLN A 57 -5.50 -8.02 8.63
N GLU A 58 -5.46 -8.47 9.88
CA GLU A 58 -4.70 -7.80 10.92
C GLU A 58 -3.26 -7.54 10.47
N ILE A 59 -2.83 -6.29 10.55
CA ILE A 59 -1.48 -5.92 10.15
C ILE A 59 -0.59 -5.66 11.36
N PRO A 60 0.62 -6.21 11.34
CA PRO A 60 1.59 -6.05 12.43
C PRO A 60 2.13 -4.63 12.53
N GLU A 61 2.97 -4.38 13.52
CA GLU A 61 3.56 -3.06 13.72
C GLU A 61 4.86 -2.92 12.93
N ASP A 62 5.48 -4.06 12.61
CA ASP A 62 6.72 -4.08 11.86
C ASP A 62 6.45 -4.07 10.36
N PHE A 63 5.20 -3.90 9.99
CA PHE A 63 4.80 -3.88 8.59
C PHE A 63 5.32 -2.63 7.89
N LEU A 64 5.23 -1.49 8.57
CA LEU A 64 5.69 -0.22 8.03
C LEU A 64 7.08 0.12 8.55
N ASP A 65 7.29 -0.07 9.84
CA ASP A 65 8.58 0.21 10.47
C ASP A 65 9.72 -0.10 9.51
N SER A 66 9.63 -1.24 8.82
CA SER A 66 10.65 -1.65 7.87
C SER A 66 10.23 -1.35 6.44
N GLY A 67 11.15 -1.51 5.50
CA GLY A 67 10.85 -1.27 4.10
C GLY A 67 11.30 -2.40 3.20
N PRO A 68 11.91 -2.04 2.07
CA PRO A 68 12.40 -3.02 1.09
C PRO A 68 13.61 -3.79 1.61
N SER A 69 13.99 -3.53 2.85
CA SER A 69 15.12 -4.20 3.47
C SER A 69 15.00 -4.20 4.99
N SER A 70 15.74 -5.10 5.64
CA SER A 70 15.71 -5.21 7.10
C SER A 70 16.47 -4.04 7.74
N GLY A 71 17.71 -3.85 7.33
CA GLY A 71 18.52 -2.76 7.87
C GLY A 71 19.97 -2.85 7.44
N GLY A 1 25.91 17.99 -30.74
CA GLY A 1 25.41 19.12 -29.97
C GLY A 1 26.03 19.22 -28.59
N SER A 2 25.42 20.01 -27.72
CA SER A 2 25.92 20.19 -26.37
C SER A 2 25.36 19.13 -25.43
N SER A 3 24.04 18.92 -25.50
CA SER A 3 23.37 17.94 -24.67
C SER A 3 23.11 16.65 -25.44
N GLY A 4 22.36 16.76 -26.53
CA GLY A 4 22.05 15.59 -27.34
C GLY A 4 21.26 14.56 -26.58
N SER A 5 19.96 14.45 -26.88
CA SER A 5 19.09 13.50 -26.21
C SER A 5 18.28 12.70 -27.23
N SER A 6 18.25 11.38 -27.04
CA SER A 6 17.52 10.50 -27.95
C SER A 6 17.12 9.21 -27.25
N GLY A 7 16.24 8.44 -27.89
CA GLY A 7 15.79 7.19 -27.31
C GLY A 7 14.52 6.68 -27.95
N ASN A 8 14.43 5.36 -28.13
CA ASN A 8 13.26 4.74 -28.74
C ASN A 8 12.27 4.27 -27.68
N THR A 9 12.77 3.49 -26.72
CA THR A 9 11.94 2.98 -25.64
C THR A 9 12.03 3.86 -24.41
N ALA A 10 10.92 4.47 -24.05
CA ALA A 10 10.87 5.35 -22.87
C ALA A 10 10.42 4.58 -21.63
N PRO A 11 10.63 5.19 -20.46
CA PRO A 11 10.26 4.58 -19.17
C PRO A 11 8.74 4.50 -18.99
N SER A 12 8.22 3.28 -18.94
CA SER A 12 6.79 3.08 -18.77
C SER A 12 6.48 2.56 -17.36
N LEU A 13 5.78 3.39 -16.59
CA LEU A 13 5.41 3.02 -15.22
C LEU A 13 3.94 3.31 -14.95
N THR A 14 3.21 2.29 -14.53
CA THR A 14 1.78 2.44 -14.23
C THR A 14 1.52 2.28 -12.75
N VAL A 15 0.32 2.68 -12.32
CA VAL A 15 -0.07 2.58 -10.92
C VAL A 15 -1.48 2.05 -10.77
N PRO A 16 -1.66 1.05 -9.89
CA PRO A 16 -2.96 0.44 -9.63
C PRO A 16 -3.92 1.38 -8.91
N GLU A 17 -5.12 0.87 -8.61
CA GLU A 17 -6.13 1.67 -7.92
C GLU A 17 -6.17 1.32 -6.44
N CYS A 18 -6.98 2.07 -5.68
CA CYS A 18 -7.12 1.84 -4.25
C CYS A 18 -8.53 1.38 -3.91
N ALA A 19 -8.63 0.48 -2.93
CA ALA A 19 -9.93 -0.05 -2.51
C ALA A 19 -10.35 0.57 -1.18
N ILE A 20 -9.82 1.75 -0.88
CA ILE A 20 -10.16 2.44 0.36
C ILE A 20 -10.64 3.86 0.09
N CYS A 21 -10.10 4.47 -0.95
CA CYS A 21 -10.48 5.84 -1.32
C CYS A 21 -11.16 5.86 -2.68
N LEU A 22 -11.00 4.78 -3.44
CA LEU A 22 -11.59 4.67 -4.76
C LEU A 22 -10.93 5.64 -5.75
N GLN A 23 -9.60 5.60 -5.80
CA GLN A 23 -8.85 6.46 -6.69
C GLN A 23 -7.39 6.03 -6.76
N THR A 24 -6.74 6.37 -7.88
CA THR A 24 -5.33 6.01 -8.06
C THR A 24 -4.57 6.06 -6.74
N CYS A 25 -3.90 4.97 -6.41
CA CYS A 25 -3.14 4.88 -5.18
C CYS A 25 -1.74 5.47 -5.36
N VAL A 26 -1.44 6.50 -4.57
CA VAL A 26 -0.14 7.17 -4.65
C VAL A 26 0.99 6.21 -4.28
N HIS A 27 0.84 5.53 -3.15
CA HIS A 27 1.85 4.58 -2.69
C HIS A 27 1.23 3.20 -2.48
N PRO A 28 1.25 2.38 -3.55
CA PRO A 28 0.70 1.02 -3.50
C PRO A 28 1.54 0.09 -2.64
N VAL A 29 1.00 -0.30 -1.49
CA VAL A 29 1.69 -1.20 -0.58
C VAL A 29 1.11 -2.61 -0.64
N SER A 30 1.96 -3.58 -0.95
CA SER A 30 1.54 -4.97 -1.05
C SER A 30 1.36 -5.58 0.34
N LEU A 31 0.10 -5.76 0.74
CA LEU A 31 -0.22 -6.33 2.03
C LEU A 31 -0.07 -7.84 2.02
N PRO A 32 0.12 -8.43 3.20
CA PRO A 32 0.28 -9.89 3.35
C PRO A 32 -1.01 -10.64 3.06
N CYS A 33 -2.08 -9.91 2.77
CA CYS A 33 -3.37 -10.51 2.47
C CYS A 33 -3.60 -10.57 0.96
N LYS A 34 -2.54 -10.39 0.20
CA LYS A 34 -2.63 -10.42 -1.26
C LYS A 34 -3.46 -9.25 -1.78
N HIS A 35 -3.17 -8.06 -1.28
CA HIS A 35 -3.89 -6.86 -1.70
C HIS A 35 -2.95 -5.66 -1.82
N VAL A 36 -3.47 -4.54 -2.29
CA VAL A 36 -2.68 -3.33 -2.45
C VAL A 36 -3.49 -2.09 -2.10
N PHE A 37 -2.88 -1.17 -1.37
CA PHE A 37 -3.55 0.06 -0.97
C PHE A 37 -2.53 1.18 -0.74
N CYS A 38 -3.03 2.41 -0.62
CA CYS A 38 -2.17 3.57 -0.39
C CYS A 38 -1.50 3.49 0.98
N TYR A 39 -0.18 3.57 0.99
CA TYR A 39 0.58 3.51 2.23
C TYR A 39 -0.10 4.33 3.32
N LEU A 40 -0.69 5.46 2.92
CA LEU A 40 -1.38 6.33 3.87
C LEU A 40 -2.71 5.72 4.30
N CYS A 41 -3.43 5.14 3.35
CA CYS A 41 -4.72 4.53 3.62
C CYS A 41 -4.57 3.33 4.57
N VAL A 42 -3.44 2.63 4.43
CA VAL A 42 -3.17 1.46 5.27
C VAL A 42 -2.65 1.88 6.64
N LYS A 43 -1.77 2.88 6.66
CA LYS A 43 -1.20 3.37 7.90
C LYS A 43 -2.29 3.53 8.97
N GLY A 44 -3.45 4.05 8.57
CA GLY A 44 -4.54 4.24 9.50
C GLY A 44 -5.60 5.18 8.97
N ALA A 45 -6.24 4.79 7.88
CA ALA A 45 -7.29 5.62 7.28
C ALA A 45 -8.29 6.09 8.32
N SER A 46 -9.14 7.04 7.94
CA SER A 46 -10.15 7.58 8.83
C SER A 46 -11.03 6.47 9.40
N TRP A 47 -11.46 5.57 8.52
CA TRP A 47 -12.31 4.45 8.93
C TRP A 47 -11.52 3.15 8.96
N LEU A 48 -10.29 3.22 9.43
CA LEU A 48 -9.43 2.04 9.50
C LEU A 48 -8.52 2.11 10.73
N GLY A 49 -7.98 0.96 11.11
CA GLY A 49 -7.09 0.91 12.27
C GLY A 49 -5.92 -0.03 12.07
N LYS A 50 -4.91 0.45 11.36
CA LYS A 50 -3.72 -0.36 11.08
C LYS A 50 -4.10 -1.74 10.56
N ARG A 51 -5.09 -1.77 9.67
CA ARG A 51 -5.55 -3.03 9.10
C ARG A 51 -6.06 -2.83 7.67
N CYS A 52 -6.30 -3.93 6.96
CA CYS A 52 -6.77 -3.87 5.59
C CYS A 52 -8.22 -3.39 5.54
N ALA A 53 -8.69 -3.05 4.34
CA ALA A 53 -10.06 -2.57 4.16
C ALA A 53 -10.87 -3.57 3.32
N LEU A 54 -10.17 -4.43 2.60
CA LEU A 54 -10.82 -5.43 1.76
C LEU A 54 -11.08 -6.71 2.54
N CYS A 55 -10.07 -7.16 3.28
CA CYS A 55 -10.19 -8.38 4.08
C CYS A 55 -9.96 -8.08 5.56
N ARG A 56 -9.45 -6.89 5.85
CA ARG A 56 -9.17 -6.49 7.22
C ARG A 56 -8.14 -7.41 7.87
N GLN A 57 -7.17 -7.83 7.07
CA GLN A 57 -6.11 -8.71 7.57
C GLN A 57 -5.25 -8.01 8.60
N GLU A 58 -5.15 -8.60 9.79
CA GLU A 58 -4.35 -8.02 10.86
C GLU A 58 -2.91 -7.75 10.40
N ILE A 59 -2.55 -6.47 10.40
CA ILE A 59 -1.21 -6.08 9.97
C ILE A 59 -0.28 -5.88 11.17
N PRO A 60 0.92 -6.46 11.09
CA PRO A 60 1.92 -6.37 12.15
C PRO A 60 2.50 -4.96 12.28
N GLU A 61 2.67 -4.52 13.52
CA GLU A 61 3.22 -3.20 13.79
C GLU A 61 4.54 -2.98 13.03
N ASP A 62 5.28 -4.06 12.85
CA ASP A 62 6.56 -4.01 12.16
C ASP A 62 6.37 -3.61 10.69
N PHE A 63 5.23 -3.99 10.13
CA PHE A 63 4.92 -3.68 8.74
C PHE A 63 5.23 -2.23 8.43
N LEU A 64 4.88 -1.34 9.35
CA LEU A 64 5.13 0.09 9.17
C LEU A 64 6.11 0.60 10.23
N ASP A 65 5.70 0.54 11.49
CA ASP A 65 6.54 0.99 12.59
C ASP A 65 6.15 0.30 13.90
N SER A 66 7.15 -0.25 14.57
CA SER A 66 6.91 -0.95 15.84
C SER A 66 6.68 0.04 16.97
N GLY A 67 7.59 1.00 17.11
CA GLY A 67 7.46 2.00 18.15
C GLY A 67 7.55 3.42 17.61
N PRO A 68 6.56 4.26 17.98
CA PRO A 68 6.51 5.65 17.54
C PRO A 68 7.60 6.50 18.17
N SER A 69 8.13 6.04 19.31
CA SER A 69 9.18 6.76 20.01
C SER A 69 10.54 6.56 19.33
N SER A 70 10.86 7.45 18.39
CA SER A 70 12.11 7.37 17.66
C SER A 70 13.27 7.86 18.52
N GLY A 71 13.05 8.97 19.21
CA GLY A 71 14.08 9.54 20.07
C GLY A 71 14.45 10.96 19.69
N GLY A 1 24.50 -9.01 -17.47
CA GLY A 1 23.81 -8.25 -16.45
C GLY A 1 23.41 -9.10 -15.26
N SER A 2 23.56 -8.55 -14.05
CA SER A 2 23.22 -9.28 -12.84
C SER A 2 22.08 -8.57 -12.10
N SER A 3 20.87 -9.08 -12.29
CA SER A 3 19.69 -8.50 -11.65
C SER A 3 19.05 -9.50 -10.69
N GLY A 4 18.29 -8.98 -9.72
CA GLY A 4 17.63 -9.84 -8.76
C GLY A 4 16.39 -10.50 -9.32
N SER A 5 16.51 -11.06 -10.53
CA SER A 5 15.39 -11.72 -11.18
C SER A 5 15.86 -12.45 -12.44
N SER A 6 15.17 -13.54 -12.76
CA SER A 6 15.51 -14.34 -13.94
C SER A 6 14.35 -14.34 -14.94
N GLY A 7 14.28 -13.30 -15.76
CA GLY A 7 13.22 -13.20 -16.74
C GLY A 7 13.01 -11.78 -17.22
N ASN A 8 12.80 -11.63 -18.53
CA ASN A 8 12.58 -10.31 -19.12
C ASN A 8 11.13 -9.88 -18.97
N THR A 9 10.59 -10.05 -17.76
CA THR A 9 9.21 -9.67 -17.48
C THR A 9 9.13 -8.70 -16.32
N ALA A 10 8.79 -7.45 -16.63
CA ALA A 10 8.68 -6.41 -15.62
C ALA A 10 7.43 -5.57 -15.83
N PRO A 11 6.89 -5.02 -14.73
CA PRO A 11 5.69 -4.18 -14.77
C PRO A 11 5.94 -2.84 -15.44
N SER A 12 4.96 -2.37 -16.22
CA SER A 12 5.08 -1.10 -16.92
C SER A 12 4.99 0.07 -15.94
N LEU A 13 5.28 1.27 -16.44
CA LEU A 13 5.25 2.47 -15.62
C LEU A 13 3.81 2.91 -15.37
N THR A 14 3.12 2.19 -14.48
CA THR A 14 1.75 2.50 -14.14
C THR A 14 1.48 2.33 -12.65
N VAL A 15 0.28 2.66 -12.22
CA VAL A 15 -0.10 2.54 -10.82
C VAL A 15 -1.52 1.99 -10.68
N PRO A 16 -1.69 1.01 -9.78
CA PRO A 16 -2.99 0.38 -9.53
C PRO A 16 -3.96 1.33 -8.81
N GLU A 17 -5.14 0.81 -8.48
CA GLU A 17 -6.14 1.61 -7.79
C GLU A 17 -6.19 1.28 -6.31
N CYS A 18 -7.00 2.04 -5.57
CA CYS A 18 -7.14 1.82 -4.13
C CYS A 18 -8.56 1.37 -3.78
N ALA A 19 -8.66 0.48 -2.80
CA ALA A 19 -9.96 -0.03 -2.36
C ALA A 19 -10.38 0.59 -1.04
N ILE A 20 -9.81 1.75 -0.72
CA ILE A 20 -10.12 2.45 0.52
C ILE A 20 -10.64 3.85 0.25
N CYS A 21 -10.07 4.50 -0.76
CA CYS A 21 -10.46 5.85 -1.13
C CYS A 21 -11.17 5.86 -2.48
N LEU A 22 -10.99 4.78 -3.24
CA LEU A 22 -11.61 4.67 -4.56
C LEU A 22 -10.95 5.62 -5.55
N GLN A 23 -9.63 5.59 -5.61
CA GLN A 23 -8.89 6.45 -6.53
C GLN A 23 -7.43 6.02 -6.61
N THR A 24 -6.78 6.34 -7.73
CA THR A 24 -5.39 5.98 -7.94
C THR A 24 -4.61 6.04 -6.62
N CYS A 25 -3.94 4.94 -6.29
CA CYS A 25 -3.15 4.87 -5.07
C CYS A 25 -1.76 5.46 -5.27
N VAL A 26 -1.46 6.50 -4.51
CA VAL A 26 -0.16 7.17 -4.60
C VAL A 26 0.97 6.22 -4.25
N HIS A 27 0.85 5.57 -3.09
CA HIS A 27 1.87 4.63 -2.63
C HIS A 27 1.26 3.24 -2.41
N PRO A 28 1.26 2.41 -3.47
CA PRO A 28 0.71 1.06 -3.42
C PRO A 28 1.57 0.13 -2.56
N VAL A 29 1.04 -0.28 -1.40
CA VAL A 29 1.75 -1.17 -0.50
C VAL A 29 1.17 -2.57 -0.55
N SER A 30 2.03 -3.55 -0.83
CA SER A 30 1.60 -4.94 -0.92
C SER A 30 1.36 -5.51 0.48
N LEU A 31 0.10 -5.73 0.82
CA LEU A 31 -0.25 -6.28 2.13
C LEU A 31 -0.04 -7.79 2.16
N PRO A 32 0.13 -8.33 3.38
CA PRO A 32 0.36 -9.76 3.58
C PRO A 32 -0.89 -10.59 3.28
N CYS A 33 -1.95 -9.92 2.82
CA CYS A 33 -3.20 -10.59 2.50
C CYS A 33 -3.42 -10.61 0.98
N LYS A 34 -2.37 -10.33 0.23
CA LYS A 34 -2.45 -10.31 -1.23
C LYS A 34 -3.32 -9.16 -1.71
N HIS A 35 -2.99 -7.95 -1.26
CA HIS A 35 -3.73 -6.76 -1.65
C HIS A 35 -2.81 -5.55 -1.76
N VAL A 36 -3.34 -4.46 -2.32
CA VAL A 36 -2.57 -3.23 -2.47
C VAL A 36 -3.39 -2.01 -2.12
N PHE A 37 -2.79 -1.09 -1.36
CA PHE A 37 -3.47 0.13 -0.95
C PHE A 37 -2.47 1.25 -0.69
N CYS A 38 -2.98 2.47 -0.57
CA CYS A 38 -2.13 3.63 -0.33
C CYS A 38 -1.44 3.53 1.02
N TYR A 39 -0.11 3.65 1.02
CA TYR A 39 0.67 3.57 2.25
C TYR A 39 0.03 4.41 3.35
N LEU A 40 -0.66 5.48 2.96
CA LEU A 40 -1.31 6.35 3.91
C LEU A 40 -2.66 5.79 4.34
N CYS A 41 -3.33 5.09 3.43
CA CYS A 41 -4.62 4.50 3.71
C CYS A 41 -4.48 3.29 4.63
N VAL A 42 -3.35 2.61 4.52
CA VAL A 42 -3.09 1.43 5.36
C VAL A 42 -2.52 1.84 6.72
N LYS A 43 -1.58 2.78 6.70
CA LYS A 43 -0.96 3.26 7.92
C LYS A 43 -2.01 3.74 8.92
N GLY A 44 -3.11 4.29 8.40
CA GLY A 44 -4.17 4.77 9.26
C GLY A 44 -5.10 5.73 8.54
N ALA A 45 -6.24 5.21 8.09
CA ALA A 45 -7.22 6.04 7.37
C ALA A 45 -8.34 6.49 8.32
N SER A 46 -9.28 7.26 7.77
CA SER A 46 -10.39 7.76 8.56
C SER A 46 -11.04 6.64 9.36
N TRP A 47 -11.50 5.61 8.65
CA TRP A 47 -12.15 4.47 9.30
C TRP A 47 -11.16 3.33 9.49
N LEU A 48 -10.35 3.06 8.47
CA LEU A 48 -9.36 2.00 8.54
C LEU A 48 -8.33 2.28 9.62
N GLY A 49 -7.84 1.22 10.25
CA GLY A 49 -6.86 1.36 11.30
C GLY A 49 -6.09 0.08 11.56
N LYS A 50 -4.78 0.11 11.33
CA LYS A 50 -3.94 -1.06 11.54
C LYS A 50 -4.63 -2.32 11.06
N ARG A 51 -5.45 -2.19 10.02
CA ARG A 51 -6.16 -3.33 9.47
C ARG A 51 -6.52 -3.09 8.00
N CYS A 52 -6.61 -4.17 7.24
CA CYS A 52 -6.93 -4.08 5.82
C CYS A 52 -8.36 -3.57 5.61
N ALA A 53 -8.69 -3.23 4.37
CA ALA A 53 -10.01 -2.73 4.05
C ALA A 53 -10.78 -3.72 3.18
N LEU A 54 -10.05 -4.61 2.53
CA LEU A 54 -10.67 -5.62 1.67
C LEU A 54 -10.99 -6.88 2.46
N CYS A 55 -9.98 -7.42 3.14
CA CYS A 55 -10.15 -8.63 3.93
C CYS A 55 -9.98 -8.33 5.43
N ARG A 56 -9.61 -7.10 5.73
CA ARG A 56 -9.40 -6.68 7.12
C ARG A 56 -8.39 -7.60 7.82
N GLN A 57 -7.38 -8.03 7.08
CA GLN A 57 -6.36 -8.91 7.63
C GLN A 57 -5.49 -8.17 8.64
N GLU A 58 -5.25 -8.81 9.79
CA GLU A 58 -4.45 -8.21 10.84
C GLU A 58 -3.05 -7.85 10.32
N ILE A 59 -2.71 -6.57 10.43
CA ILE A 59 -1.40 -6.09 9.97
C ILE A 59 -0.47 -5.81 11.15
N PRO A 60 0.74 -6.38 11.09
CA PRO A 60 1.75 -6.20 12.14
C PRO A 60 2.30 -4.78 12.18
N GLU A 61 2.61 -4.30 13.38
CA GLU A 61 3.15 -2.95 13.54
C GLU A 61 4.47 -2.80 12.80
N ASP A 62 5.19 -3.91 12.64
CA ASP A 62 6.46 -3.90 11.95
C ASP A 62 6.27 -3.66 10.45
N PHE A 63 5.07 -3.93 9.96
CA PHE A 63 4.75 -3.75 8.55
C PHE A 63 5.15 -2.35 8.09
N LEU A 64 4.80 -1.34 8.88
CA LEU A 64 5.13 0.04 8.55
C LEU A 64 6.44 0.46 9.20
N ASP A 65 6.53 0.30 10.51
CA ASP A 65 7.74 0.67 11.25
C ASP A 65 8.58 -0.56 11.54
N SER A 66 9.41 -0.96 10.59
CA SER A 66 10.27 -2.12 10.74
C SER A 66 10.80 -2.22 12.17
N GLY A 67 11.28 -1.10 12.69
CA GLY A 67 11.81 -1.07 14.05
C GLY A 67 10.83 -0.50 15.04
N PRO A 68 10.93 -0.94 16.30
CA PRO A 68 10.05 -0.48 17.38
C PRO A 68 10.30 0.97 17.77
N SER A 69 11.58 1.37 17.71
CA SER A 69 11.95 2.74 18.05
C SER A 69 12.26 3.55 16.80
N SER A 70 11.21 4.11 16.20
CA SER A 70 11.37 4.92 14.99
C SER A 70 11.38 6.40 15.32
N GLY A 71 10.45 6.82 16.16
CA GLY A 71 10.37 8.22 16.54
C GLY A 71 11.58 8.67 17.33
N GLY A 1 -17.44 17.37 -28.11
CA GLY A 1 -17.14 16.62 -29.32
C GLY A 1 -16.35 17.43 -30.33
N SER A 2 -15.31 18.11 -29.85
CA SER A 2 -14.47 18.93 -30.72
C SER A 2 -13.88 18.09 -31.85
N SER A 3 -13.66 18.73 -33.00
CA SER A 3 -13.10 18.04 -34.16
C SER A 3 -11.89 17.21 -33.77
N GLY A 4 -12.08 15.90 -33.70
CA GLY A 4 -10.98 15.01 -33.33
C GLY A 4 -11.11 13.65 -33.97
N SER A 5 -11.00 12.60 -33.17
CA SER A 5 -11.09 11.23 -33.67
C SER A 5 -11.33 10.25 -32.53
N SER A 6 -11.49 8.98 -32.87
CA SER A 6 -11.72 7.94 -31.88
C SER A 6 -10.43 7.60 -31.13
N GLY A 7 -10.56 6.73 -30.13
CA GLY A 7 -9.39 6.34 -29.36
C GLY A 7 -9.44 4.88 -28.94
N ASN A 8 -8.36 4.15 -29.21
CA ASN A 8 -8.28 2.74 -28.86
C ASN A 8 -7.30 2.52 -27.71
N THR A 9 -7.84 2.36 -26.50
CA THR A 9 -7.02 2.15 -25.32
C THR A 9 -5.93 1.11 -25.59
N ALA A 10 -4.70 1.43 -25.20
CA ALA A 10 -3.58 0.52 -25.39
C ALA A 10 -3.16 -0.14 -24.08
N PRO A 11 -2.76 -1.41 -24.15
CA PRO A 11 -2.33 -2.17 -22.99
C PRO A 11 -1.00 -1.68 -22.42
N SER A 12 -0.96 -1.44 -21.12
CA SER A 12 0.25 -0.96 -20.47
C SER A 12 0.20 -1.23 -18.97
N LEU A 13 1.28 -0.88 -18.27
CA LEU A 13 1.36 -1.08 -16.83
C LEU A 13 1.51 0.24 -16.10
N THR A 14 0.45 0.65 -15.40
CA THR A 14 0.47 1.90 -14.65
C THR A 14 0.02 1.70 -13.21
N VAL A 15 0.42 2.61 -12.33
CA VAL A 15 0.06 2.53 -10.93
C VAL A 15 -1.34 1.95 -10.75
N PRO A 16 -1.49 1.01 -9.81
CA PRO A 16 -2.77 0.37 -9.52
C PRO A 16 -3.76 1.31 -8.86
N GLU A 17 -4.95 0.79 -8.53
CA GLU A 17 -5.98 1.60 -7.90
C GLU A 17 -6.08 1.28 -6.40
N CYS A 18 -6.91 2.05 -5.70
CA CYS A 18 -7.10 1.85 -4.26
C CYS A 18 -8.51 1.35 -3.97
N ALA A 19 -8.63 0.52 -2.94
CA ALA A 19 -9.91 -0.03 -2.55
C ALA A 19 -10.39 0.57 -1.23
N ILE A 20 -9.85 1.73 -0.89
CA ILE A 20 -10.22 2.42 0.34
C ILE A 20 -10.68 3.84 0.06
N CYS A 21 -10.14 4.44 -0.99
CA CYS A 21 -10.50 5.80 -1.36
C CYS A 21 -11.17 5.83 -2.74
N LEU A 22 -11.00 4.76 -3.50
CA LEU A 22 -11.59 4.65 -4.82
C LEU A 22 -10.91 5.61 -5.80
N GLN A 23 -9.59 5.57 -5.84
CA GLN A 23 -8.83 6.45 -6.72
C GLN A 23 -7.36 6.01 -6.77
N THR A 24 -6.72 6.26 -7.91
CA THR A 24 -5.32 5.90 -8.09
C THR A 24 -4.54 6.03 -6.78
N CYS A 25 -3.84 4.97 -6.42
CA CYS A 25 -3.05 4.96 -5.19
C CYS A 25 -1.67 5.56 -5.43
N VAL A 26 -1.33 6.57 -4.64
CA VAL A 26 -0.04 7.24 -4.76
C VAL A 26 1.10 6.29 -4.39
N HIS A 27 0.90 5.52 -3.34
CA HIS A 27 1.91 4.57 -2.88
C HIS A 27 1.28 3.19 -2.63
N PRO A 28 1.31 2.33 -3.66
CA PRO A 28 0.76 0.97 -3.58
C PRO A 28 1.59 0.07 -2.68
N VAL A 29 1.00 -0.32 -1.55
CA VAL A 29 1.68 -1.19 -0.60
C VAL A 29 1.10 -2.60 -0.63
N SER A 30 1.95 -3.57 -0.96
CA SER A 30 1.51 -4.97 -1.03
C SER A 30 1.30 -5.54 0.36
N LEU A 31 0.04 -5.77 0.72
CA LEU A 31 -0.29 -6.32 2.03
C LEU A 31 -0.14 -7.83 2.05
N PRO A 32 0.06 -8.39 3.25
CA PRO A 32 0.23 -9.84 3.43
C PRO A 32 -1.06 -10.61 3.15
N CYS A 33 -2.10 -9.89 2.76
CA CYS A 33 -3.39 -10.51 2.46
C CYS A 33 -3.64 -10.54 0.96
N LYS A 34 -2.60 -10.32 0.18
CA LYS A 34 -2.71 -10.32 -1.27
C LYS A 34 -3.54 -9.14 -1.76
N HIS A 35 -3.17 -7.94 -1.31
CA HIS A 35 -3.88 -6.72 -1.70
C HIS A 35 -2.93 -5.53 -1.80
N VAL A 36 -3.43 -4.42 -2.30
CA VAL A 36 -2.63 -3.21 -2.45
C VAL A 36 -3.43 -1.96 -2.11
N PHE A 37 -2.81 -1.05 -1.37
CA PHE A 37 -3.46 0.18 -0.97
C PHE A 37 -2.44 1.30 -0.76
N CYS A 38 -2.93 2.53 -0.66
CA CYS A 38 -2.06 3.69 -0.45
C CYS A 38 -1.40 3.61 0.92
N TYR A 39 -0.06 3.58 0.91
CA TYR A 39 0.70 3.50 2.16
C TYR A 39 0.05 4.35 3.25
N LEU A 40 -0.55 5.47 2.85
CA LEU A 40 -1.22 6.36 3.79
C LEU A 40 -2.56 5.79 4.23
N CYS A 41 -3.36 5.36 3.26
CA CYS A 41 -4.67 4.79 3.55
C CYS A 41 -4.55 3.64 4.54
N VAL A 42 -3.48 2.87 4.42
CA VAL A 42 -3.25 1.73 5.31
C VAL A 42 -2.76 2.20 6.68
N LYS A 43 -1.89 3.20 6.68
CA LYS A 43 -1.34 3.74 7.92
C LYS A 43 -2.42 3.88 8.98
N GLY A 44 -3.57 4.43 8.58
CA GLY A 44 -4.67 4.61 9.51
C GLY A 44 -5.75 5.52 8.95
N ALA A 45 -6.44 5.06 7.91
CA ALA A 45 -7.50 5.84 7.29
C ALA A 45 -8.58 6.20 8.31
N SER A 46 -9.56 6.97 7.87
CA SER A 46 -10.65 7.39 8.75
C SER A 46 -11.34 6.19 9.37
N TRP A 47 -11.83 5.29 8.53
CA TRP A 47 -12.52 4.09 9.00
C TRP A 47 -11.57 2.89 9.01
N LEU A 48 -10.33 3.12 9.43
CA LEU A 48 -9.33 2.07 9.48
C LEU A 48 -8.48 2.18 10.74
N GLY A 49 -8.09 1.03 11.30
CA GLY A 49 -7.28 1.03 12.49
C GLY A 49 -6.19 -0.02 12.45
N LYS A 50 -5.17 0.21 11.63
CA LYS A 50 -4.06 -0.73 11.50
C LYS A 50 -4.55 -2.07 10.99
N ARG A 51 -5.39 -2.04 9.96
CA ARG A 51 -5.94 -3.27 9.38
C ARG A 51 -6.44 -3.02 7.97
N CYS A 52 -6.31 -4.01 7.11
CA CYS A 52 -6.76 -3.91 5.72
C CYS A 52 -8.20 -3.39 5.66
N ALA A 53 -8.68 -3.16 4.43
CA ALA A 53 -10.03 -2.68 4.24
C ALA A 53 -10.85 -3.66 3.41
N LEU A 54 -10.16 -4.45 2.59
CA LEU A 54 -10.82 -5.43 1.73
C LEU A 54 -11.11 -6.71 2.50
N CYS A 55 -10.13 -7.16 3.29
CA CYS A 55 -10.29 -8.37 4.08
C CYS A 55 -10.08 -8.08 5.56
N ARG A 56 -9.56 -6.89 5.86
CA ARG A 56 -9.30 -6.50 7.24
C ARG A 56 -8.27 -7.41 7.89
N GLN A 57 -7.22 -7.71 7.16
CA GLN A 57 -6.15 -8.59 7.67
C GLN A 57 -5.33 -7.87 8.73
N GLU A 58 -5.13 -8.53 9.86
CA GLU A 58 -4.36 -7.96 10.95
C GLU A 58 -2.90 -7.73 10.54
N ILE A 59 -2.53 -6.47 10.40
CA ILE A 59 -1.17 -6.12 10.00
C ILE A 59 -0.27 -5.92 11.21
N PRO A 60 0.93 -6.51 11.17
CA PRO A 60 1.91 -6.42 12.26
C PRO A 60 2.49 -5.01 12.39
N GLU A 61 3.22 -4.78 13.48
CA GLU A 61 3.83 -3.48 13.73
C GLU A 61 5.07 -3.29 12.87
N ASP A 62 5.80 -4.38 12.65
CA ASP A 62 7.02 -4.33 11.85
C ASP A 62 6.71 -3.94 10.41
N PHE A 63 5.45 -4.14 10.01
CA PHE A 63 5.02 -3.81 8.65
C PHE A 63 5.37 -2.36 8.30
N LEU A 64 4.91 -1.44 9.13
CA LEU A 64 5.17 -0.02 8.92
C LEU A 64 6.33 0.45 9.77
N ASP A 65 6.30 0.12 11.05
CA ASP A 65 7.36 0.50 11.97
C ASP A 65 8.44 -0.57 12.05
N SER A 66 9.36 -0.56 11.08
CA SER A 66 10.44 -1.53 11.04
C SER A 66 11.51 -1.21 12.07
N GLY A 67 11.61 -2.06 13.09
CA GLY A 67 12.60 -1.86 14.13
C GLY A 67 12.05 -1.04 15.28
N PRO A 68 11.70 -1.72 16.39
CA PRO A 68 11.16 -1.07 17.58
C PRO A 68 12.21 -0.24 18.31
N SER A 69 13.42 -0.22 17.78
CA SER A 69 14.51 0.53 18.39
C SER A 69 14.84 1.78 17.56
N SER A 70 14.75 2.94 18.20
CA SER A 70 15.04 4.20 17.54
C SER A 70 16.52 4.54 17.62
N GLY A 71 16.90 5.66 17.02
CA GLY A 71 18.29 6.08 17.04
C GLY A 71 18.99 5.84 15.71
N GLY A 1 21.07 -28.11 -36.18
CA GLY A 1 20.96 -27.04 -35.22
C GLY A 1 20.07 -25.91 -35.71
N SER A 2 19.25 -25.37 -34.82
CA SER A 2 18.34 -24.29 -35.18
C SER A 2 17.75 -23.64 -33.92
N SER A 3 17.84 -22.32 -33.84
CA SER A 3 17.33 -21.58 -32.70
C SER A 3 15.91 -21.07 -32.98
N GLY A 4 15.15 -20.86 -31.90
CA GLY A 4 13.79 -20.38 -32.06
C GLY A 4 13.66 -18.90 -31.79
N SER A 5 13.12 -18.55 -30.63
CA SER A 5 12.94 -17.15 -30.25
C SER A 5 12.86 -17.01 -28.73
N SER A 6 13.25 -15.85 -28.23
CA SER A 6 13.22 -15.58 -26.80
C SER A 6 12.06 -14.66 -26.43
N GLY A 7 11.77 -14.57 -25.14
CA GLY A 7 10.68 -13.73 -24.68
C GLY A 7 11.16 -12.41 -24.12
N ASN A 8 10.44 -11.34 -24.44
CA ASN A 8 10.80 -10.00 -23.97
C ASN A 8 9.63 -9.34 -23.25
N THR A 9 9.68 -9.33 -21.92
CA THR A 9 8.61 -8.72 -21.12
C THR A 9 9.19 -7.93 -19.96
N ALA A 10 8.72 -6.70 -19.79
CA ALA A 10 9.18 -5.84 -18.71
C ALA A 10 8.01 -5.20 -17.97
N PRO A 11 8.24 -4.85 -16.70
CA PRO A 11 7.21 -4.21 -15.86
C PRO A 11 6.88 -2.80 -16.31
N SER A 12 5.66 -2.36 -16.03
CA SER A 12 5.22 -1.02 -16.40
C SER A 12 5.27 -0.07 -15.21
N LEU A 13 5.57 1.19 -15.48
CA LEU A 13 5.65 2.20 -14.43
C LEU A 13 4.27 2.75 -14.08
N THR A 14 3.25 1.93 -14.31
CA THR A 14 1.87 2.33 -14.01
C THR A 14 1.55 2.16 -12.54
N VAL A 15 0.40 2.69 -12.12
CA VAL A 15 -0.03 2.59 -10.73
C VAL A 15 -1.45 2.05 -10.63
N PRO A 16 -1.65 1.04 -9.77
CA PRO A 16 -2.96 0.42 -9.56
C PRO A 16 -3.93 1.36 -8.84
N GLU A 17 -5.14 0.86 -8.59
CA GLU A 17 -6.16 1.66 -7.92
C GLU A 17 -6.24 1.30 -6.44
N CYS A 18 -6.98 2.09 -5.68
CA CYS A 18 -7.15 1.86 -4.25
C CYS A 18 -8.55 1.34 -3.93
N ALA A 19 -8.64 0.50 -2.91
CA ALA A 19 -9.92 -0.07 -2.50
C ALA A 19 -10.39 0.54 -1.19
N ILE A 20 -9.86 1.71 -0.85
CA ILE A 20 -10.22 2.39 0.38
C ILE A 20 -10.71 3.81 0.10
N CYS A 21 -10.12 4.44 -0.92
CA CYS A 21 -10.50 5.80 -1.29
C CYS A 21 -11.19 5.82 -2.66
N LEU A 22 -11.01 4.74 -3.41
CA LEU A 22 -11.61 4.62 -4.74
C LEU A 22 -10.97 5.60 -5.72
N GLN A 23 -9.64 5.56 -5.79
CA GLN A 23 -8.90 6.44 -6.70
C GLN A 23 -7.43 6.02 -6.78
N THR A 24 -6.80 6.34 -7.90
CA THR A 24 -5.40 6.00 -8.10
C THR A 24 -4.62 6.07 -6.80
N CYS A 25 -3.94 4.99 -6.45
CA CYS A 25 -3.15 4.93 -5.23
C CYS A 25 -1.79 5.58 -5.42
N VAL A 26 -1.50 6.60 -4.61
CA VAL A 26 -0.24 7.30 -4.70
C VAL A 26 0.92 6.41 -4.29
N HIS A 27 0.69 5.57 -3.28
CA HIS A 27 1.72 4.66 -2.79
C HIS A 27 1.15 3.26 -2.59
N PRO A 28 1.20 2.43 -3.64
CA PRO A 28 0.70 1.06 -3.59
C PRO A 28 1.55 0.15 -2.71
N VAL A 29 1.00 -0.26 -1.58
CA VAL A 29 1.72 -1.13 -0.66
C VAL A 29 1.14 -2.54 -0.66
N SER A 30 1.96 -3.52 -1.01
CA SER A 30 1.53 -4.90 -1.07
C SER A 30 1.36 -5.47 0.35
N LEU A 31 0.11 -5.71 0.74
CA LEU A 31 -0.18 -6.25 2.06
C LEU A 31 0.01 -7.76 2.08
N PRO A 32 0.24 -8.31 3.28
CA PRO A 32 0.45 -9.74 3.47
C PRO A 32 -0.82 -10.55 3.24
N CYS A 33 -1.88 -9.87 2.82
CA CYS A 33 -3.16 -10.52 2.56
C CYS A 33 -3.46 -10.55 1.06
N LYS A 34 -2.42 -10.33 0.25
CA LYS A 34 -2.58 -10.33 -1.20
C LYS A 34 -3.44 -9.17 -1.65
N HIS A 35 -3.06 -7.96 -1.26
CA HIS A 35 -3.79 -6.77 -1.63
C HIS A 35 -2.87 -5.56 -1.73
N VAL A 36 -3.37 -4.48 -2.31
CA VAL A 36 -2.58 -3.26 -2.47
C VAL A 36 -3.41 -2.02 -2.13
N PHE A 37 -2.79 -1.09 -1.40
CA PHE A 37 -3.48 0.14 -1.01
C PHE A 37 -2.47 1.27 -0.80
N CYS A 38 -2.98 2.49 -0.67
CA CYS A 38 -2.13 3.66 -0.45
C CYS A 38 -1.45 3.59 0.91
N TYR A 39 -0.12 3.66 0.91
CA TYR A 39 0.65 3.60 2.15
C TYR A 39 -0.03 4.41 3.25
N LEU A 40 -0.57 5.57 2.89
CA LEU A 40 -1.25 6.42 3.84
C LEU A 40 -2.57 5.80 4.30
N CYS A 41 -3.37 5.34 3.33
CA CYS A 41 -4.65 4.71 3.63
C CYS A 41 -4.48 3.56 4.62
N VAL A 42 -3.43 2.77 4.42
CA VAL A 42 -3.15 1.63 5.30
C VAL A 42 -2.60 2.10 6.64
N LYS A 43 -1.77 3.13 6.61
CA LYS A 43 -1.17 3.68 7.82
C LYS A 43 -2.22 3.81 8.93
N GLY A 44 -3.36 4.39 8.58
CA GLY A 44 -4.43 4.56 9.54
C GLY A 44 -5.52 5.49 9.05
N ALA A 45 -6.13 5.14 7.92
CA ALA A 45 -7.19 5.95 7.35
C ALA A 45 -8.21 6.36 8.40
N SER A 46 -9.13 7.23 8.01
CA SER A 46 -10.16 7.71 8.94
C SER A 46 -10.80 6.54 9.70
N TRP A 47 -11.39 5.62 8.95
CA TRP A 47 -12.03 4.46 9.55
C TRP A 47 -11.05 3.29 9.65
N LEU A 48 -10.29 3.07 8.59
CA LEU A 48 -9.32 1.98 8.56
C LEU A 48 -8.27 2.16 9.65
N GLY A 49 -8.16 1.17 10.54
CA GLY A 49 -7.19 1.24 11.61
C GLY A 49 -6.29 0.02 11.66
N LYS A 50 -5.03 0.20 11.34
CA LYS A 50 -4.06 -0.89 11.35
C LYS A 50 -4.72 -2.20 10.95
N ARG A 51 -5.61 -2.14 9.96
CA ARG A 51 -6.31 -3.31 9.47
C ARG A 51 -6.79 -3.12 8.04
N CYS A 52 -6.50 -4.09 7.18
CA CYS A 52 -6.89 -4.02 5.79
C CYS A 52 -8.36 -3.60 5.66
N ALA A 53 -8.79 -3.36 4.42
CA ALA A 53 -10.17 -2.95 4.16
C ALA A 53 -10.90 -4.00 3.34
N LEU A 54 -10.18 -4.69 2.47
CA LEU A 54 -10.76 -5.72 1.63
C LEU A 54 -11.00 -7.00 2.41
N CYS A 55 -10.02 -7.39 3.23
CA CYS A 55 -10.13 -8.59 4.04
C CYS A 55 -9.95 -8.27 5.52
N ARG A 56 -9.51 -7.05 5.81
CA ARG A 56 -9.29 -6.62 7.18
C ARG A 56 -8.27 -7.51 7.87
N GLN A 57 -7.26 -7.94 7.12
CA GLN A 57 -6.22 -8.80 7.65
C GLN A 57 -5.34 -8.03 8.64
N GLU A 58 -5.27 -8.53 9.87
CA GLU A 58 -4.46 -7.88 10.90
C GLU A 58 -3.05 -7.62 10.41
N ILE A 59 -2.60 -6.37 10.53
CA ILE A 59 -1.26 -5.99 10.08
C ILE A 59 -0.33 -5.78 11.28
N PRO A 60 0.83 -6.44 11.23
CA PRO A 60 1.84 -6.34 12.30
C PRO A 60 2.50 -4.98 12.34
N GLU A 61 2.66 -4.44 13.55
CA GLU A 61 3.28 -3.13 13.73
C GLU A 61 4.62 -3.06 13.02
N ASP A 62 5.30 -4.20 12.93
CA ASP A 62 6.60 -4.28 12.28
C ASP A 62 6.47 -3.95 10.79
N PHE A 63 5.33 -4.29 10.22
CA PHE A 63 5.07 -4.05 8.80
C PHE A 63 5.51 -2.65 8.40
N LEU A 64 4.98 -1.64 9.09
CA LEU A 64 5.32 -0.25 8.81
C LEU A 64 6.63 0.14 9.51
N ASP A 65 6.66 -0.03 10.83
CA ASP A 65 7.84 0.31 11.61
C ASP A 65 9.09 -0.36 11.03
N SER A 66 9.91 0.44 10.36
CA SER A 66 11.13 -0.08 9.74
C SER A 66 12.19 -0.39 10.81
N GLY A 67 12.52 -1.67 10.94
CA GLY A 67 13.51 -2.08 11.92
C GLY A 67 13.14 -1.66 13.33
N PRO A 68 14.16 -1.30 14.12
CA PRO A 68 13.96 -0.87 15.51
C PRO A 68 13.30 0.50 15.61
N SER A 69 12.52 0.70 16.67
CA SER A 69 11.81 1.96 16.86
C SER A 69 12.44 2.76 18.01
N SER A 70 13.25 3.75 17.66
CA SER A 70 13.91 4.58 18.66
C SER A 70 13.72 6.06 18.35
N GLY A 71 13.58 6.87 19.40
CA GLY A 71 13.39 8.29 19.22
C GLY A 71 13.73 9.08 20.47
N GLY A 1 -4.86 21.04 1.69
CA GLY A 1 -3.43 21.14 1.44
C GLY A 1 -2.78 19.80 1.17
N SER A 2 -1.75 19.80 0.35
CA SER A 2 -1.05 18.57 -0.01
C SER A 2 0.44 18.84 -0.23
N SER A 3 1.26 17.82 0.01
CA SER A 3 2.70 17.94 -0.17
C SER A 3 3.30 16.63 -0.66
N GLY A 4 3.88 16.68 -1.87
CA GLY A 4 4.48 15.49 -2.44
C GLY A 4 5.95 15.70 -2.78
N SER A 5 6.28 15.54 -4.06
CA SER A 5 7.65 15.70 -4.51
C SER A 5 7.70 15.98 -6.01
N SER A 6 8.86 16.43 -6.50
CA SER A 6 9.04 16.72 -7.91
C SER A 6 10.34 16.14 -8.43
N GLY A 7 10.24 15.07 -9.20
CA GLY A 7 11.43 14.44 -9.76
C GLY A 7 11.40 12.94 -9.61
N ASN A 8 11.27 12.23 -10.73
CA ASN A 8 11.23 10.77 -10.72
C ASN A 8 11.85 10.19 -11.99
N THR A 9 12.00 8.88 -12.03
CA THR A 9 12.58 8.20 -13.18
C THR A 9 12.19 6.72 -13.20
N ALA A 10 11.74 6.26 -14.37
CA ALA A 10 11.34 4.85 -14.51
C ALA A 10 11.04 4.54 -15.97
N PRO A 11 10.96 3.23 -16.28
CA PRO A 11 10.68 2.76 -17.64
C PRO A 11 9.24 3.04 -18.06
N SER A 12 8.30 2.77 -17.16
CA SER A 12 6.88 3.00 -17.43
C SER A 12 6.21 3.70 -16.26
N LEU A 13 5.03 4.26 -16.52
CA LEU A 13 4.28 4.95 -15.49
C LEU A 13 2.89 4.34 -15.31
N THR A 14 2.84 3.23 -14.56
CA THR A 14 1.58 2.54 -14.31
C THR A 14 1.35 2.36 -12.82
N VAL A 15 0.13 2.62 -12.37
CA VAL A 15 -0.23 2.47 -10.96
C VAL A 15 -1.63 1.92 -10.80
N PRO A 16 -1.79 0.95 -9.90
CA PRO A 16 -3.08 0.30 -9.62
C PRO A 16 -4.05 1.24 -8.92
N GLU A 17 -5.20 0.71 -8.51
CA GLU A 17 -6.22 1.50 -7.84
C GLU A 17 -6.25 1.17 -6.34
N CYS A 18 -6.98 1.99 -5.59
CA CYS A 18 -7.11 1.79 -4.15
C CYS A 18 -8.51 1.33 -3.77
N ALA A 19 -8.60 0.47 -2.77
CA ALA A 19 -9.88 -0.04 -2.31
C ALA A 19 -10.28 0.58 -0.98
N ILE A 20 -9.72 1.75 -0.69
CA ILE A 20 -10.01 2.46 0.55
C ILE A 20 -10.55 3.86 0.27
N CYS A 21 -10.00 4.50 -0.76
CA CYS A 21 -10.42 5.84 -1.13
C CYS A 21 -11.15 5.84 -2.48
N LEU A 22 -10.99 4.75 -3.21
CA LEU A 22 -11.64 4.61 -4.52
C LEU A 22 -11.01 5.56 -5.54
N GLN A 23 -9.68 5.52 -5.62
CA GLN A 23 -8.96 6.38 -6.56
C GLN A 23 -7.50 5.96 -6.66
N THR A 24 -6.87 6.27 -7.80
CA THR A 24 -5.48 5.93 -8.02
C THR A 24 -4.68 6.00 -6.71
N CYS A 25 -4.03 4.90 -6.36
CA CYS A 25 -3.23 4.84 -5.15
C CYS A 25 -1.87 5.49 -5.35
N VAL A 26 -1.54 6.45 -4.49
CA VAL A 26 -0.27 7.16 -4.58
C VAL A 26 0.89 6.25 -4.18
N HIS A 27 0.69 5.46 -3.13
CA HIS A 27 1.72 4.55 -2.66
C HIS A 27 1.16 3.14 -2.48
N PRO A 28 1.20 2.35 -3.57
CA PRO A 28 0.71 0.98 -3.57
C PRO A 28 1.58 0.04 -2.72
N VAL A 29 1.08 -0.32 -1.54
CA VAL A 29 1.82 -1.21 -0.65
C VAL A 29 1.25 -2.61 -0.69
N SER A 30 2.10 -3.59 -1.00
CA SER A 30 1.68 -4.98 -1.08
C SER A 30 1.48 -5.57 0.31
N LEU A 31 0.22 -5.78 0.68
CA LEU A 31 -0.11 -6.33 1.98
C LEU A 31 0.06 -7.84 2.00
N PRO A 32 0.23 -8.41 3.20
CA PRO A 32 0.41 -9.86 3.37
C PRO A 32 -0.88 -10.63 3.09
N CYS A 33 -1.90 -9.93 2.63
CA CYS A 33 -3.18 -10.54 2.32
C CYS A 33 -3.44 -10.55 0.82
N LYS A 34 -2.37 -10.35 0.04
CA LYS A 34 -2.48 -10.31 -1.42
C LYS A 34 -3.36 -9.16 -1.87
N HIS A 35 -3.02 -7.96 -1.45
CA HIS A 35 -3.77 -6.77 -1.82
C HIS A 35 -2.85 -5.56 -1.96
N VAL A 36 -3.42 -4.45 -2.43
CA VAL A 36 -2.65 -3.22 -2.62
C VAL A 36 -3.45 -1.99 -2.19
N PHE A 37 -2.80 -1.11 -1.45
CA PHE A 37 -3.45 0.12 -0.97
C PHE A 37 -2.43 1.22 -0.75
N CYS A 38 -2.93 2.45 -0.61
CA CYS A 38 -2.06 3.60 -0.39
C CYS A 38 -1.36 3.52 0.96
N TYR A 39 -0.03 3.59 0.94
CA TYR A 39 0.75 3.51 2.17
C TYR A 39 0.13 4.35 3.27
N LEU A 40 -0.52 5.44 2.88
CA LEU A 40 -1.16 6.33 3.84
C LEU A 40 -2.50 5.76 4.29
N CYS A 41 -3.23 5.17 3.35
CA CYS A 41 -4.53 4.58 3.64
C CYS A 41 -4.40 3.40 4.59
N VAL A 42 -3.27 2.71 4.51
CA VAL A 42 -3.01 1.55 5.36
C VAL A 42 -2.44 1.98 6.71
N LYS A 43 -1.51 2.93 6.68
CA LYS A 43 -0.89 3.43 7.89
C LYS A 43 -1.93 4.02 8.84
N GLY A 44 -2.85 4.80 8.27
CA GLY A 44 -3.89 5.42 9.09
C GLY A 44 -4.96 6.06 8.24
N ALA A 45 -6.18 5.54 8.34
CA ALA A 45 -7.31 6.06 7.58
C ALA A 45 -8.44 6.50 8.51
N SER A 46 -9.50 7.04 7.92
CA SER A 46 -10.65 7.51 8.70
C SER A 46 -11.41 6.34 9.29
N TRP A 47 -11.87 5.43 8.43
CA TRP A 47 -12.63 4.26 8.87
C TRP A 47 -11.73 3.03 8.90
N LEU A 48 -10.50 3.20 9.37
CA LEU A 48 -9.56 2.09 9.44
C LEU A 48 -8.71 2.19 10.72
N GLY A 49 -7.97 1.13 11.01
CA GLY A 49 -7.13 1.11 12.18
C GLY A 49 -6.08 0.02 12.14
N LYS A 50 -4.99 0.28 11.43
CA LYS A 50 -3.90 -0.68 11.31
C LYS A 50 -4.43 -2.03 10.82
N ARG A 51 -5.29 -1.99 9.81
CA ARG A 51 -5.87 -3.21 9.25
C ARG A 51 -6.35 -2.97 7.82
N CYS A 52 -6.33 -4.02 7.02
CA CYS A 52 -6.78 -3.93 5.63
C CYS A 52 -8.22 -3.46 5.55
N ALA A 53 -8.66 -3.11 4.34
CA ALA A 53 -10.02 -2.64 4.13
C ALA A 53 -10.83 -3.66 3.32
N LEU A 54 -10.14 -4.43 2.50
CA LEU A 54 -10.80 -5.45 1.68
C LEU A 54 -11.06 -6.72 2.49
N CYS A 55 -9.99 -7.28 3.06
CA CYS A 55 -10.11 -8.49 3.85
C CYS A 55 -9.93 -8.19 5.33
N ARG A 56 -9.44 -7.00 5.63
CA ARG A 56 -9.20 -6.58 7.01
C ARG A 56 -8.19 -7.49 7.70
N GLN A 57 -7.21 -7.95 6.92
CA GLN A 57 -6.18 -8.83 7.45
C GLN A 57 -5.33 -8.11 8.49
N GLU A 58 -5.33 -8.63 9.72
CA GLU A 58 -4.57 -8.03 10.81
C GLU A 58 -3.14 -7.74 10.36
N ILE A 59 -2.75 -6.48 10.42
CA ILE A 59 -1.40 -6.07 10.03
C ILE A 59 -0.54 -5.80 11.25
N PRO A 60 0.66 -6.42 11.27
CA PRO A 60 1.62 -6.25 12.37
C PRO A 60 2.22 -4.86 12.42
N GLU A 61 2.56 -4.40 13.62
CA GLU A 61 3.15 -3.08 13.80
C GLU A 61 4.49 -2.98 13.08
N ASP A 62 5.20 -4.10 13.01
CA ASP A 62 6.50 -4.15 12.35
C ASP A 62 6.36 -3.89 10.85
N PHE A 63 5.17 -4.15 10.32
CA PHE A 63 4.91 -3.94 8.90
C PHE A 63 5.35 -2.55 8.46
N LEU A 64 4.92 -1.54 9.20
CA LEU A 64 5.26 -0.15 8.89
C LEU A 64 6.47 0.30 9.71
N ASP A 65 6.42 0.06 11.01
CA ASP A 65 7.50 0.45 11.90
C ASP A 65 8.39 -0.76 12.22
N SER A 66 9.34 -1.04 11.34
CA SER A 66 10.25 -2.16 11.52
C SER A 66 10.76 -2.22 12.96
N GLY A 67 10.58 -3.37 13.60
CA GLY A 67 11.02 -3.53 14.97
C GLY A 67 9.89 -3.49 15.96
N PRO A 68 9.34 -4.67 16.29
CA PRO A 68 8.22 -4.79 17.23
C PRO A 68 8.63 -4.47 18.66
N SER A 69 7.67 -4.47 19.58
CA SER A 69 7.93 -4.18 20.97
C SER A 69 8.22 -2.70 21.18
N SER A 70 7.45 -1.86 20.51
CA SER A 70 7.62 -0.42 20.61
C SER A 70 7.90 0.00 22.06
N GLY A 71 9.06 0.57 22.29
CA GLY A 71 9.42 1.00 23.63
C GLY A 71 9.10 2.47 23.88
N GLY A 1 -12.31 23.51 -42.13
CA GLY A 1 -11.79 22.71 -41.04
C GLY A 1 -10.84 21.63 -41.52
N SER A 2 -10.05 21.09 -40.61
CA SER A 2 -9.09 20.03 -40.93
C SER A 2 -8.95 19.05 -39.79
N SER A 3 -8.71 17.78 -40.13
CA SER A 3 -8.55 16.74 -39.12
C SER A 3 -7.42 17.06 -38.16
N GLY A 4 -7.47 16.48 -36.97
CA GLY A 4 -6.44 16.72 -35.97
C GLY A 4 -6.18 15.51 -35.10
N SER A 5 -5.01 15.48 -34.48
CA SER A 5 -4.64 14.37 -33.61
C SER A 5 -5.33 14.48 -32.26
N SER A 6 -5.32 13.38 -31.49
CA SER A 6 -5.96 13.36 -30.18
C SER A 6 -4.95 12.95 -29.11
N GLY A 7 -5.18 13.43 -27.89
CA GLY A 7 -4.29 13.11 -26.79
C GLY A 7 -4.17 11.62 -26.55
N ASN A 8 -2.94 11.12 -26.53
CA ASN A 8 -2.68 9.71 -26.32
C ASN A 8 -2.32 9.43 -24.86
N THR A 9 -3.34 9.28 -24.02
CA THR A 9 -3.14 9.01 -22.60
C THR A 9 -4.01 7.85 -22.13
N ALA A 10 -3.37 6.83 -21.57
CA ALA A 10 -4.10 5.67 -21.07
C ALA A 10 -3.33 4.98 -19.95
N PRO A 11 -4.06 4.31 -19.05
CA PRO A 11 -3.46 3.60 -17.91
C PRO A 11 -2.69 2.36 -18.35
N SER A 12 -1.40 2.55 -18.61
CA SER A 12 -0.54 1.44 -19.04
C SER A 12 0.52 1.13 -17.99
N LEU A 13 0.50 -0.09 -17.48
CA LEU A 13 1.46 -0.51 -16.46
C LEU A 13 1.82 0.65 -15.53
N THR A 14 0.80 1.36 -15.07
CA THR A 14 1.00 2.48 -14.18
C THR A 14 0.39 2.22 -12.81
N VAL A 15 0.78 3.03 -11.82
CA VAL A 15 0.27 2.88 -10.47
C VAL A 15 -1.18 2.40 -10.47
N PRO A 16 -1.47 1.34 -9.70
CA PRO A 16 -2.81 0.77 -9.60
C PRO A 16 -3.77 1.69 -8.86
N GLU A 17 -4.99 1.20 -8.63
CA GLU A 17 -6.01 1.97 -7.94
C GLU A 17 -6.11 1.55 -6.47
N CYS A 18 -6.97 2.24 -5.72
CA CYS A 18 -7.16 1.94 -4.31
C CYS A 18 -8.55 1.38 -4.06
N ALA A 19 -8.73 0.77 -2.89
CA ALA A 19 -10.02 0.19 -2.52
C ALA A 19 -10.58 0.85 -1.26
N ILE A 20 -9.80 1.74 -0.67
CA ILE A 20 -10.22 2.44 0.53
C ILE A 20 -10.73 3.85 0.21
N CYS A 21 -10.10 4.48 -0.77
CA CYS A 21 -10.49 5.83 -1.18
C CYS A 21 -11.18 5.81 -2.54
N LEU A 22 -10.93 4.75 -3.30
CA LEU A 22 -11.53 4.61 -4.63
C LEU A 22 -10.88 5.56 -5.62
N GLN A 23 -9.55 5.55 -5.68
CA GLN A 23 -8.81 6.41 -6.58
C GLN A 23 -7.34 6.00 -6.65
N THR A 24 -6.66 6.43 -7.69
CA THR A 24 -5.24 6.11 -7.88
C THR A 24 -4.51 6.14 -6.55
N CYS A 25 -3.79 5.06 -6.25
CA CYS A 25 -3.03 4.97 -5.01
C CYS A 25 -1.66 5.60 -5.17
N VAL A 26 -1.37 6.59 -4.32
CA VAL A 26 -0.08 7.28 -4.36
C VAL A 26 1.06 6.34 -3.99
N HIS A 27 0.82 5.50 -2.99
CA HIS A 27 1.83 4.55 -2.53
C HIS A 27 1.22 3.16 -2.33
N PRO A 28 1.26 2.34 -3.40
CA PRO A 28 0.72 0.98 -3.38
C PRO A 28 1.55 0.05 -2.50
N VAL A 29 0.97 -0.37 -1.37
CA VAL A 29 1.66 -1.27 -0.45
C VAL A 29 1.08 -2.68 -0.51
N SER A 30 1.91 -3.64 -0.90
CA SER A 30 1.48 -5.03 -0.99
C SER A 30 1.30 -5.64 0.38
N LEU A 31 0.04 -5.87 0.77
CA LEU A 31 -0.27 -6.45 2.06
C LEU A 31 -0.09 -7.97 2.03
N PRO A 32 0.14 -8.56 3.21
CA PRO A 32 0.33 -10.01 3.35
C PRO A 32 -0.96 -10.78 3.10
N CYS A 33 -2.02 -10.07 2.72
CA CYS A 33 -3.30 -10.70 2.45
C CYS A 33 -3.61 -10.70 0.95
N LYS A 34 -2.58 -10.49 0.15
CA LYS A 34 -2.73 -10.47 -1.30
C LYS A 34 -3.59 -9.29 -1.73
N HIS A 35 -3.20 -8.09 -1.29
CA HIS A 35 -3.94 -6.88 -1.63
C HIS A 35 -3.00 -5.69 -1.79
N VAL A 36 -3.52 -4.59 -2.30
CA VAL A 36 -2.72 -3.38 -2.50
C VAL A 36 -3.52 -2.13 -2.18
N PHE A 37 -2.96 -1.29 -1.32
CA PHE A 37 -3.63 -0.04 -0.92
C PHE A 37 -2.61 1.06 -0.69
N CYS A 38 -3.11 2.29 -0.52
CA CYS A 38 -2.24 3.44 -0.30
C CYS A 38 -1.59 3.37 1.07
N TYR A 39 -0.26 3.49 1.10
CA TYR A 39 0.49 3.43 2.35
C TYR A 39 -0.20 4.26 3.43
N LEU A 40 -0.76 5.39 3.04
CA LEU A 40 -1.46 6.27 3.98
C LEU A 40 -2.79 5.67 4.39
N CYS A 41 -3.48 5.04 3.43
CA CYS A 41 -4.77 4.42 3.70
C CYS A 41 -4.62 3.22 4.63
N VAL A 42 -3.50 2.53 4.51
CA VAL A 42 -3.23 1.36 5.35
C VAL A 42 -2.69 1.77 6.72
N LYS A 43 -1.73 2.69 6.72
CA LYS A 43 -1.14 3.17 7.96
C LYS A 43 -2.21 3.67 8.92
N GLY A 44 -3.31 4.15 8.37
CA GLY A 44 -4.40 4.66 9.19
C GLY A 44 -5.35 5.56 8.43
N ALA A 45 -6.32 4.95 7.74
CA ALA A 45 -7.29 5.70 6.97
C ALA A 45 -8.40 6.25 7.85
N SER A 46 -9.26 7.08 7.27
CA SER A 46 -10.36 7.67 8.02
C SER A 46 -11.21 6.60 8.68
N TRP A 47 -11.66 5.63 7.89
CA TRP A 47 -12.48 4.53 8.41
C TRP A 47 -11.66 3.26 8.53
N LEU A 48 -10.47 3.37 9.08
CA LEU A 48 -9.58 2.22 9.26
C LEU A 48 -8.67 2.41 10.46
N GLY A 49 -7.89 1.38 10.79
CA GLY A 49 -6.98 1.46 11.91
C GLY A 49 -6.07 0.24 12.01
N LYS A 50 -4.91 0.33 11.38
CA LYS A 50 -3.95 -0.76 11.39
C LYS A 50 -4.62 -2.09 11.02
N ARG A 51 -5.40 -2.06 9.95
CA ARG A 51 -6.10 -3.25 9.48
C ARG A 51 -6.62 -3.05 8.06
N CYS A 52 -6.42 -4.06 7.21
CA CYS A 52 -6.87 -4.00 5.83
C CYS A 52 -8.33 -3.57 5.75
N ALA A 53 -8.77 -3.26 4.54
CA ALA A 53 -10.16 -2.84 4.32
C ALA A 53 -10.92 -3.86 3.50
N LEU A 54 -10.20 -4.66 2.72
CA LEU A 54 -10.81 -5.68 1.88
C LEU A 54 -11.05 -6.96 2.69
N CYS A 55 -10.01 -7.42 3.38
CA CYS A 55 -10.10 -8.62 4.18
C CYS A 55 -9.91 -8.32 5.66
N ARG A 56 -9.47 -7.09 5.95
CA ARG A 56 -9.25 -6.67 7.33
C ARG A 56 -8.20 -7.53 8.01
N GLN A 57 -7.20 -7.97 7.23
CA GLN A 57 -6.14 -8.82 7.76
C GLN A 57 -5.24 -8.03 8.71
N GLU A 58 -5.19 -8.45 9.96
CA GLU A 58 -4.37 -7.78 10.96
C GLU A 58 -2.95 -7.58 10.44
N ILE A 59 -2.49 -6.33 10.45
CA ILE A 59 -1.15 -6.00 9.98
C ILE A 59 -0.21 -5.73 11.16
N PRO A 60 0.99 -6.34 11.10
CA PRO A 60 2.00 -6.18 12.14
C PRO A 60 2.59 -4.77 12.17
N GLU A 61 3.04 -4.36 13.35
CA GLU A 61 3.64 -3.03 13.51
C GLU A 61 4.90 -2.90 12.67
N ASP A 62 5.63 -4.00 12.54
CA ASP A 62 6.87 -4.01 11.76
C ASP A 62 6.60 -3.68 10.30
N PHE A 63 5.41 -4.04 9.83
CA PHE A 63 5.03 -3.78 8.44
C PHE A 63 5.39 -2.36 8.04
N LEU A 64 4.91 -1.39 8.82
CA LEU A 64 5.19 0.01 8.54
C LEU A 64 6.53 0.44 9.13
N ASP A 65 6.71 0.18 10.42
CA ASP A 65 7.95 0.52 11.10
C ASP A 65 8.23 -0.44 12.25
N SER A 66 9.47 -0.94 12.31
CA SER A 66 9.85 -1.88 13.35
C SER A 66 10.01 -1.17 14.68
N GLY A 67 9.10 -1.46 15.62
CA GLY A 67 9.15 -0.84 16.92
C GLY A 67 10.57 -0.71 17.44
N PRO A 68 11.00 0.53 17.71
CA PRO A 68 12.34 0.81 18.23
C PRO A 68 12.53 0.34 19.67
N SER A 69 13.79 0.18 20.07
CA SER A 69 14.10 -0.27 21.41
C SER A 69 13.58 0.71 22.46
N SER A 70 14.05 1.95 22.39
CA SER A 70 13.64 2.99 23.32
C SER A 70 12.35 3.67 22.85
N GLY A 71 11.60 4.22 23.80
CA GLY A 71 10.36 4.89 23.46
C GLY A 71 10.48 6.40 23.53
N GLY A 1 32.81 5.73 -23.53
CA GLY A 1 31.54 5.77 -22.82
C GLY A 1 30.62 6.86 -23.32
N SER A 2 29.38 6.50 -23.62
CA SER A 2 28.41 7.46 -24.13
C SER A 2 27.14 7.45 -23.27
N SER A 3 27.00 8.46 -22.43
CA SER A 3 25.84 8.58 -21.55
C SER A 3 24.75 9.41 -22.20
N GLY A 4 25.15 10.29 -23.12
CA GLY A 4 24.19 11.14 -23.80
C GLY A 4 23.45 12.06 -22.84
N SER A 5 22.12 12.10 -22.97
CA SER A 5 21.30 12.95 -22.12
C SER A 5 20.23 12.13 -21.40
N SER A 6 19.51 11.32 -22.17
CA SER A 6 18.45 10.48 -21.62
C SER A 6 17.96 9.48 -22.65
N GLY A 7 17.68 8.26 -22.19
CA GLY A 7 17.20 7.22 -23.10
C GLY A 7 15.96 6.53 -22.58
N ASN A 8 15.00 7.31 -22.09
CA ASN A 8 13.76 6.77 -21.56
C ASN A 8 14.04 5.72 -20.49
N THR A 9 14.94 6.05 -19.56
CA THR A 9 15.29 5.14 -18.49
C THR A 9 14.53 5.48 -17.21
N ALA A 10 13.59 4.61 -16.84
CA ALA A 10 12.79 4.81 -15.64
C ALA A 10 11.88 3.62 -15.39
N PRO A 11 11.56 3.38 -14.11
CA PRO A 11 10.68 2.28 -13.69
C PRO A 11 9.23 2.50 -14.12
N SER A 12 8.43 1.45 -14.00
CA SER A 12 7.02 1.53 -14.38
C SER A 12 6.39 2.82 -13.87
N LEU A 13 5.70 3.53 -14.76
CA LEU A 13 5.06 4.79 -14.40
C LEU A 13 3.59 4.56 -14.06
N THR A 14 3.11 3.34 -14.27
CA THR A 14 1.73 3.00 -13.98
C THR A 14 1.49 2.84 -12.49
N VAL A 15 0.23 2.98 -12.07
CA VAL A 15 -0.11 2.84 -10.66
C VAL A 15 -1.50 2.22 -10.50
N PRO A 16 -1.60 1.24 -9.59
CA PRO A 16 -2.85 0.53 -9.31
C PRO A 16 -3.88 1.43 -8.62
N GLU A 17 -5.06 0.88 -8.36
CA GLU A 17 -6.13 1.64 -7.71
C GLU A 17 -6.19 1.29 -6.22
N CYS A 18 -6.99 2.05 -5.48
CA CYS A 18 -7.15 1.83 -4.05
C CYS A 18 -8.54 1.32 -3.72
N ALA A 19 -8.62 0.45 -2.71
CA ALA A 19 -9.90 -0.11 -2.30
C ALA A 19 -10.37 0.50 -0.99
N ILE A 20 -9.84 1.66 -0.65
CA ILE A 20 -10.20 2.34 0.58
C ILE A 20 -10.73 3.75 0.30
N CYS A 21 -10.17 4.40 -0.72
CA CYS A 21 -10.59 5.74 -1.10
C CYS A 21 -11.27 5.73 -2.47
N LEU A 22 -11.04 4.67 -3.23
CA LEU A 22 -11.63 4.53 -4.55
C LEU A 22 -10.98 5.50 -5.53
N GLN A 23 -9.66 5.50 -5.58
CA GLN A 23 -8.92 6.38 -6.48
C GLN A 23 -7.46 5.92 -6.61
N THR A 24 -6.80 6.39 -7.66
CA THR A 24 -5.41 6.03 -7.90
C THR A 24 -4.64 5.88 -6.59
N CYS A 25 -3.93 4.77 -6.45
CA CYS A 25 -3.15 4.50 -5.25
C CYS A 25 -1.82 5.25 -5.28
N VAL A 26 -1.75 6.37 -4.56
CA VAL A 26 -0.53 7.17 -4.52
C VAL A 26 0.67 6.33 -4.11
N HIS A 27 0.45 5.42 -3.16
CA HIS A 27 1.52 4.54 -2.68
C HIS A 27 1.04 3.10 -2.58
N PRO A 28 1.27 2.32 -3.65
CA PRO A 28 0.87 0.92 -3.69
C PRO A 28 1.68 0.04 -2.74
N VAL A 29 1.03 -0.45 -1.70
CA VAL A 29 1.70 -1.31 -0.71
C VAL A 29 1.17 -2.73 -0.77
N SER A 30 2.04 -3.68 -1.05
CA SER A 30 1.65 -5.08 -1.14
C SER A 30 1.40 -5.66 0.26
N LEU A 31 0.13 -5.76 0.62
CA LEU A 31 -0.25 -6.30 1.93
C LEU A 31 -0.04 -7.80 1.98
N PRO A 32 0.08 -8.34 3.20
CA PRO A 32 0.29 -9.78 3.42
C PRO A 32 -0.95 -10.60 3.07
N CYS A 33 -1.98 -9.93 2.57
CA CYS A 33 -3.22 -10.59 2.20
C CYS A 33 -3.40 -10.59 0.68
N LYS A 34 -2.34 -10.28 -0.04
CA LYS A 34 -2.38 -10.25 -1.49
C LYS A 34 -3.25 -9.11 -1.99
N HIS A 35 -2.97 -7.89 -1.54
CA HIS A 35 -3.73 -6.72 -1.93
C HIS A 35 -2.81 -5.50 -2.10
N VAL A 36 -3.38 -4.39 -2.55
CA VAL A 36 -2.62 -3.17 -2.75
C VAL A 36 -3.43 -1.95 -2.33
N PHE A 37 -2.87 -1.17 -1.41
CA PHE A 37 -3.54 0.04 -0.93
C PHE A 37 -2.54 1.17 -0.74
N CYS A 38 -3.06 2.38 -0.54
CA CYS A 38 -2.22 3.56 -0.36
C CYS A 38 -1.49 3.50 0.98
N TYR A 39 -0.16 3.45 0.92
CA TYR A 39 0.66 3.39 2.13
C TYR A 39 0.04 4.21 3.25
N LEU A 40 -0.59 5.33 2.88
CA LEU A 40 -1.22 6.22 3.85
C LEU A 40 -2.53 5.62 4.35
N CYS A 41 -3.39 5.23 3.42
CA CYS A 41 -4.68 4.63 3.76
C CYS A 41 -4.50 3.47 4.73
N VAL A 42 -3.43 2.72 4.54
CA VAL A 42 -3.14 1.57 5.40
C VAL A 42 -2.58 2.01 6.75
N LYS A 43 -1.78 3.06 6.73
CA LYS A 43 -1.18 3.59 7.95
C LYS A 43 -2.26 3.93 8.98
N GLY A 44 -3.20 4.78 8.59
CA GLY A 44 -4.28 5.16 9.49
C GLY A 44 -5.31 6.02 8.81
N ALA A 45 -6.11 5.42 7.94
CA ALA A 45 -7.16 6.14 7.22
C ALA A 45 -8.30 6.52 8.15
N SER A 46 -9.15 7.43 7.70
CA SER A 46 -10.28 7.89 8.49
C SER A 46 -10.96 6.72 9.20
N TRP A 47 -11.37 5.72 8.42
CA TRP A 47 -12.04 4.55 8.97
C TRP A 47 -11.11 3.33 8.91
N LEU A 48 -9.84 3.54 9.22
CA LEU A 48 -8.86 2.46 9.20
C LEU A 48 -7.75 2.71 10.22
N GLY A 49 -6.83 1.76 10.33
CA GLY A 49 -5.74 1.89 11.27
C GLY A 49 -4.63 0.89 11.01
N LYS A 50 -4.70 -0.25 11.69
CA LYS A 50 -3.69 -1.31 11.53
C LYS A 50 -4.33 -2.58 11.00
N ARG A 51 -5.22 -2.43 10.02
CA ARG A 51 -5.89 -3.58 9.42
C ARG A 51 -6.30 -3.27 7.98
N CYS A 52 -6.49 -4.33 7.20
CA CYS A 52 -6.88 -4.17 5.80
C CYS A 52 -8.33 -3.73 5.68
N ALA A 53 -8.74 -3.36 4.47
CA ALA A 53 -10.10 -2.91 4.22
C ALA A 53 -10.85 -3.91 3.35
N LEU A 54 -10.11 -4.66 2.54
CA LEU A 54 -10.70 -5.66 1.66
C LEU A 54 -10.98 -6.96 2.40
N CYS A 55 -9.98 -7.45 3.11
CA CYS A 55 -10.13 -8.69 3.88
C CYS A 55 -9.93 -8.43 5.37
N ARG A 56 -9.44 -7.25 5.70
CA ARG A 56 -9.21 -6.88 7.09
C ARG A 56 -8.15 -7.78 7.72
N GLN A 57 -7.16 -8.16 6.92
CA GLN A 57 -6.08 -9.02 7.40
C GLN A 57 -5.24 -8.32 8.45
N GLU A 58 -5.35 -8.78 9.70
CA GLU A 58 -4.61 -8.17 10.80
C GLU A 58 -3.18 -7.83 10.37
N ILE A 59 -2.87 -6.54 10.36
CA ILE A 59 -1.54 -6.08 9.96
C ILE A 59 -0.67 -5.79 11.19
N PRO A 60 0.54 -6.38 11.20
CA PRO A 60 1.49 -6.21 12.30
C PRO A 60 2.06 -4.80 12.35
N GLU A 61 2.05 -4.20 13.54
CA GLU A 61 2.57 -2.85 13.71
C GLU A 61 3.95 -2.71 13.07
N ASP A 62 4.71 -3.79 13.09
CA ASP A 62 6.05 -3.79 12.51
C ASP A 62 6.00 -3.54 11.01
N PHE A 63 4.93 -4.01 10.38
CA PHE A 63 4.75 -3.83 8.94
C PHE A 63 5.20 -2.45 8.49
N LEU A 64 4.68 -1.42 9.16
CA LEU A 64 5.03 -0.04 8.83
C LEU A 64 6.13 0.47 9.75
N ASP A 65 5.85 0.52 11.05
CA ASP A 65 6.81 0.98 12.04
C ASP A 65 8.09 0.15 11.97
N SER A 66 9.19 0.79 11.59
CA SER A 66 10.47 0.12 11.47
C SER A 66 10.86 -0.54 12.80
N GLY A 67 11.60 -1.63 12.72
CA GLY A 67 12.03 -2.33 13.92
C GLY A 67 12.48 -3.75 13.63
N PRO A 68 13.69 -3.89 13.07
CA PRO A 68 14.26 -5.19 12.74
C PRO A 68 14.64 -6.00 13.98
N SER A 69 14.68 -7.31 13.83
CA SER A 69 15.03 -8.20 14.94
C SER A 69 16.49 -8.01 15.35
N SER A 70 17.38 -8.09 14.37
CA SER A 70 18.81 -7.93 14.63
C SER A 70 19.14 -6.49 15.03
N GLY A 71 18.56 -5.53 14.32
CA GLY A 71 18.80 -4.14 14.62
C GLY A 71 19.05 -3.31 13.37
N GLY A 1 14.38 -10.23 -1.67
CA GLY A 1 13.74 -9.77 -0.45
C GLY A 1 14.00 -8.31 -0.17
N SER A 2 13.66 -7.46 -1.14
CA SER A 2 13.87 -6.02 -0.99
C SER A 2 12.54 -5.31 -0.73
N SER A 3 12.09 -5.34 0.52
CA SER A 3 10.84 -4.70 0.90
C SER A 3 11.03 -3.19 1.07
N GLY A 4 10.93 -2.47 -0.04
CA GLY A 4 11.09 -1.03 0.01
C GLY A 4 11.50 -0.45 -1.33
N SER A 5 12.49 -1.07 -1.97
CA SER A 5 12.98 -0.61 -3.26
C SER A 5 13.01 -1.75 -4.28
N SER A 6 12.24 -1.60 -5.36
CA SER A 6 12.18 -2.62 -6.39
C SER A 6 12.76 -2.10 -7.70
N GLY A 7 12.81 -2.97 -8.71
CA GLY A 7 13.35 -2.58 -10.00
C GLY A 7 12.37 -2.82 -11.13
N ASN A 8 11.40 -1.92 -11.27
CA ASN A 8 10.40 -2.03 -12.32
C ASN A 8 11.00 -1.72 -13.68
N THR A 9 10.88 -2.66 -14.61
CA THR A 9 11.42 -2.49 -15.95
C THR A 9 10.30 -2.15 -16.94
N ALA A 10 9.92 -0.88 -16.97
CA ALA A 10 8.86 -0.42 -17.87
C ALA A 10 8.84 1.10 -17.96
N PRO A 11 8.56 1.62 -19.16
CA PRO A 11 8.49 3.06 -19.40
C PRO A 11 7.28 3.71 -18.73
N SER A 12 7.54 4.54 -17.72
CA SER A 12 6.47 5.21 -16.99
C SER A 12 5.63 4.21 -16.22
N LEU A 13 6.28 3.42 -15.37
CA LEU A 13 5.60 2.42 -14.56
C LEU A 13 4.17 2.84 -14.27
N THR A 14 3.24 1.89 -14.31
CA THR A 14 1.84 2.16 -14.05
C THR A 14 1.53 2.08 -12.55
N VAL A 15 0.35 2.56 -12.17
CA VAL A 15 -0.06 2.54 -10.77
C VAL A 15 -1.48 1.98 -10.63
N PRO A 16 -1.64 1.00 -9.72
CA PRO A 16 -2.93 0.37 -9.47
C PRO A 16 -3.92 1.31 -8.77
N GLU A 17 -5.12 0.80 -8.51
CA GLU A 17 -6.14 1.60 -7.85
C GLU A 17 -6.21 1.28 -6.36
N CYS A 18 -7.01 2.04 -5.63
CA CYS A 18 -7.16 1.84 -4.19
C CYS A 18 -8.58 1.40 -3.85
N ALA A 19 -8.71 0.54 -2.85
CA ALA A 19 -10.01 0.05 -2.42
C ALA A 19 -10.45 0.70 -1.11
N ILE A 20 -9.84 1.84 -0.80
CA ILE A 20 -10.17 2.56 0.42
C ILE A 20 -10.66 3.97 0.10
N CYS A 21 -10.05 4.60 -0.89
CA CYS A 21 -10.42 5.95 -1.29
C CYS A 21 -11.13 5.94 -2.64
N LEU A 22 -10.97 4.83 -3.38
CA LEU A 22 -11.60 4.70 -4.69
C LEU A 22 -10.95 5.63 -5.71
N GLN A 23 -9.62 5.56 -5.81
CA GLN A 23 -8.89 6.39 -6.75
C GLN A 23 -7.42 5.98 -6.79
N THR A 24 -6.76 6.31 -7.90
CA THR A 24 -5.35 5.97 -8.08
C THR A 24 -4.59 6.06 -6.76
N CYS A 25 -3.95 4.97 -6.38
CA CYS A 25 -3.18 4.92 -5.14
C CYS A 25 -1.81 5.54 -5.32
N VAL A 26 -1.50 6.55 -4.52
CA VAL A 26 -0.21 7.22 -4.60
C VAL A 26 0.93 6.29 -4.22
N HIS A 27 0.79 5.65 -3.05
CA HIS A 27 1.81 4.73 -2.57
C HIS A 27 1.21 3.34 -2.34
N PRO A 28 1.22 2.51 -3.40
CA PRO A 28 0.69 1.14 -3.34
C PRO A 28 1.55 0.23 -2.48
N VAL A 29 1.01 -0.19 -1.34
CA VAL A 29 1.73 -1.08 -0.44
C VAL A 29 1.18 -2.49 -0.49
N SER A 30 2.03 -3.46 -0.79
CA SER A 30 1.63 -4.85 -0.88
C SER A 30 1.36 -5.44 0.51
N LEU A 31 0.10 -5.68 0.80
CA LEU A 31 -0.28 -6.24 2.10
C LEU A 31 -0.05 -7.75 2.14
N PRO A 32 0.10 -8.30 3.36
CA PRO A 32 0.33 -9.73 3.56
C PRO A 32 -0.90 -10.57 3.23
N CYS A 33 -1.95 -9.90 2.75
CA CYS A 33 -3.20 -10.58 2.40
C CYS A 33 -3.40 -10.57 0.89
N LYS A 34 -2.33 -10.33 0.14
CA LYS A 34 -2.40 -10.29 -1.31
C LYS A 34 -3.28 -9.14 -1.79
N HIS A 35 -2.96 -7.93 -1.34
CA HIS A 35 -3.73 -6.75 -1.73
C HIS A 35 -2.82 -5.53 -1.87
N VAL A 36 -3.38 -4.43 -2.35
CA VAL A 36 -2.62 -3.21 -2.53
C VAL A 36 -3.45 -1.98 -2.16
N PHE A 37 -2.84 -1.08 -1.38
CA PHE A 37 -3.53 0.14 -0.96
C PHE A 37 -2.52 1.25 -0.67
N CYS A 38 -3.02 2.48 -0.58
CA CYS A 38 -2.18 3.63 -0.31
C CYS A 38 -1.56 3.54 1.08
N TYR A 39 -0.24 3.63 1.15
CA TYR A 39 0.48 3.56 2.41
C TYR A 39 -0.24 4.39 3.48
N LEU A 40 -0.75 5.54 3.09
CA LEU A 40 -1.46 6.43 4.01
C LEU A 40 -2.81 5.84 4.39
N CYS A 41 -3.45 5.17 3.44
CA CYS A 41 -4.75 4.56 3.68
C CYS A 41 -4.64 3.37 4.61
N VAL A 42 -3.51 2.68 4.53
CA VAL A 42 -3.27 1.51 5.38
C VAL A 42 -2.64 1.91 6.71
N LYS A 43 -1.74 2.89 6.66
CA LYS A 43 -1.07 3.37 7.85
C LYS A 43 -2.02 4.17 8.73
N GLY A 44 -3.01 4.79 8.10
CA GLY A 44 -3.98 5.58 8.85
C GLY A 44 -5.00 6.25 7.94
N ALA A 45 -6.19 5.66 7.86
CA ALA A 45 -7.25 6.21 7.01
C ALA A 45 -8.37 6.81 7.86
N SER A 46 -9.44 7.24 7.20
CA SER A 46 -10.58 7.84 7.90
C SER A 46 -11.13 6.87 8.95
N TRP A 47 -11.49 5.67 8.51
CA TRP A 47 -12.03 4.66 9.42
C TRP A 47 -11.00 3.58 9.71
N LEU A 48 -10.21 3.24 8.69
CA LEU A 48 -9.18 2.22 8.85
C LEU A 48 -8.20 2.58 9.96
N GLY A 49 -7.42 1.59 10.40
CA GLY A 49 -6.46 1.83 11.46
C GLY A 49 -5.27 0.88 11.38
N LYS A 50 -5.45 -0.31 11.94
CA LYS A 50 -4.38 -1.31 11.94
C LYS A 50 -4.88 -2.64 11.36
N ARG A 51 -5.64 -2.55 10.27
CA ARG A 51 -6.18 -3.75 9.63
C ARG A 51 -6.62 -3.44 8.21
N CYS A 52 -6.48 -4.43 7.33
CA CYS A 52 -6.86 -4.26 5.93
C CYS A 52 -8.31 -3.79 5.81
N ALA A 53 -8.69 -3.37 4.62
CA ALA A 53 -10.05 -2.88 4.37
C ALA A 53 -10.82 -3.85 3.47
N LEU A 54 -10.09 -4.69 2.75
CA LEU A 54 -10.70 -5.66 1.86
C LEU A 54 -10.99 -6.97 2.58
N CYS A 55 -9.98 -7.50 3.26
CA CYS A 55 -10.13 -8.75 4.00
C CYS A 55 -9.99 -8.51 5.50
N ARG A 56 -9.53 -7.32 5.87
CA ARG A 56 -9.35 -6.96 7.26
C ARG A 56 -8.29 -7.86 7.92
N GLN A 57 -7.30 -8.26 7.13
CA GLN A 57 -6.23 -9.13 7.63
C GLN A 57 -5.33 -8.37 8.60
N GLU A 58 -5.17 -8.92 9.80
CA GLU A 58 -4.33 -8.29 10.82
C GLU A 58 -2.96 -7.93 10.25
N ILE A 59 -2.54 -6.69 10.46
CA ILE A 59 -1.25 -6.22 9.98
C ILE A 59 -0.23 -6.13 11.11
N PRO A 60 0.97 -6.68 10.88
CA PRO A 60 2.05 -6.67 11.87
C PRO A 60 2.62 -5.27 12.09
N GLU A 61 2.86 -4.94 13.36
CA GLU A 61 3.40 -3.63 13.71
C GLU A 61 4.66 -3.33 12.91
N ASP A 62 5.37 -4.39 12.52
CA ASP A 62 6.60 -4.24 11.74
C ASP A 62 6.29 -3.76 10.32
N PHE A 63 5.08 -4.04 9.85
CA PHE A 63 4.68 -3.64 8.52
C PHE A 63 5.00 -2.16 8.27
N LEU A 64 4.66 -1.32 9.24
CA LEU A 64 4.91 0.11 9.13
C LEU A 64 5.86 0.58 10.23
N ASP A 65 5.64 0.09 11.45
CA ASP A 65 6.47 0.45 12.59
C ASP A 65 7.55 -0.59 12.83
N SER A 66 8.74 -0.35 12.28
CA SER A 66 9.86 -1.27 12.43
C SER A 66 9.99 -1.72 13.88
N GLY A 67 9.93 -0.76 14.80
CA GLY A 67 10.05 -1.07 16.21
C GLY A 67 10.41 0.14 17.04
N PRO A 68 9.45 1.06 17.21
CA PRO A 68 9.66 2.29 17.98
C PRO A 68 9.78 2.01 19.48
N SER A 69 10.41 2.93 20.20
CA SER A 69 10.60 2.79 21.63
C SER A 69 10.11 4.03 22.38
N SER A 70 8.94 4.52 21.98
CA SER A 70 8.36 5.71 22.60
C SER A 70 7.22 5.33 23.54
N GLY A 71 7.41 4.25 24.29
CA GLY A 71 6.39 3.79 25.21
C GLY A 71 6.79 3.98 26.66
N GLY A 1 15.16 18.43 5.33
CA GLY A 1 15.73 17.55 4.33
C GLY A 1 15.41 16.08 4.59
N SER A 2 15.93 15.21 3.73
CA SER A 2 15.69 13.77 3.87
C SER A 2 16.98 13.04 4.23
N SER A 3 16.83 11.81 4.72
CA SER A 3 17.98 11.01 5.11
C SER A 3 18.39 10.06 3.99
N GLY A 4 17.42 9.29 3.50
CA GLY A 4 17.70 8.34 2.43
C GLY A 4 17.68 6.91 2.90
N SER A 5 16.57 6.22 2.65
CA SER A 5 16.42 4.83 3.06
C SER A 5 16.27 3.92 1.85
N SER A 6 15.24 4.19 1.03
CA SER A 6 14.99 3.39 -0.16
C SER A 6 13.91 4.04 -1.02
N GLY A 7 14.28 4.37 -2.25
CA GLY A 7 13.32 4.99 -3.16
C GLY A 7 12.62 3.98 -4.05
N ASN A 8 11.43 4.34 -4.51
CA ASN A 8 10.65 3.46 -5.37
C ASN A 8 10.89 3.78 -6.85
N THR A 9 11.97 3.24 -7.41
CA THR A 9 12.29 3.48 -8.80
C THR A 9 12.01 2.24 -9.66
N ALA A 10 11.31 2.46 -10.77
CA ALA A 10 10.97 1.37 -11.68
C ALA A 10 11.08 1.81 -13.13
N PRO A 11 11.31 0.84 -14.02
CA PRO A 11 11.44 1.09 -15.47
C PRO A 11 10.12 1.50 -16.10
N SER A 12 9.10 1.63 -15.28
CA SER A 12 7.77 2.01 -15.77
C SER A 12 7.13 3.04 -14.85
N LEU A 13 5.98 3.58 -15.27
CA LEU A 13 5.27 4.57 -14.48
C LEU A 13 3.81 4.18 -14.31
N THR A 14 3.56 2.90 -14.04
CA THR A 14 2.21 2.41 -13.86
C THR A 14 1.85 2.32 -12.38
N VAL A 15 0.57 2.52 -12.07
CA VAL A 15 0.10 2.48 -10.69
C VAL A 15 -1.34 1.96 -10.62
N PRO A 16 -1.56 0.95 -9.76
CA PRO A 16 -2.87 0.34 -9.58
C PRO A 16 -3.86 1.27 -8.90
N GLU A 17 -5.07 0.78 -8.63
CA GLU A 17 -6.09 1.58 -7.98
C GLU A 17 -6.18 1.26 -6.49
N CYS A 18 -6.99 2.02 -5.76
CA CYS A 18 -7.16 1.82 -4.33
C CYS A 18 -8.58 1.37 -4.00
N ALA A 19 -8.71 0.52 -2.98
CA ALA A 19 -10.02 0.03 -2.56
C ALA A 19 -10.46 0.68 -1.26
N ILE A 20 -9.88 1.84 -0.95
CA ILE A 20 -10.21 2.56 0.26
C ILE A 20 -10.70 3.97 -0.04
N CYS A 21 -10.07 4.60 -1.04
CA CYS A 21 -10.44 5.95 -1.43
C CYS A 21 -11.13 5.95 -2.78
N LEU A 22 -10.98 4.86 -3.53
CA LEU A 22 -11.59 4.73 -4.85
C LEU A 22 -10.92 5.66 -5.85
N GLN A 23 -9.60 5.61 -5.93
CA GLN A 23 -8.85 6.44 -6.85
C GLN A 23 -7.39 6.00 -6.92
N THR A 24 -6.73 6.32 -8.03
CA THR A 24 -5.34 5.96 -8.22
C THR A 24 -4.56 6.03 -6.91
N CYS A 25 -3.91 4.94 -6.55
CA CYS A 25 -3.13 4.89 -5.32
C CYS A 25 -1.77 5.54 -5.50
N VAL A 26 -1.48 6.53 -4.66
CA VAL A 26 -0.21 7.25 -4.73
C VAL A 26 0.95 6.36 -4.27
N HIS A 27 0.67 5.48 -3.32
CA HIS A 27 1.68 4.58 -2.80
C HIS A 27 1.12 3.16 -2.63
N PRO A 28 1.25 2.35 -3.68
CA PRO A 28 0.76 0.97 -3.68
C PRO A 28 1.58 0.06 -2.76
N VAL A 29 0.98 -0.34 -1.64
CA VAL A 29 1.66 -1.21 -0.69
C VAL A 29 1.06 -2.62 -0.71
N SER A 30 1.89 -3.60 -1.05
CA SER A 30 1.45 -4.98 -1.09
C SER A 30 1.25 -5.55 0.31
N LEU A 31 0.00 -5.63 0.74
CA LEU A 31 -0.32 -6.15 2.07
C LEU A 31 -0.10 -7.66 2.12
N PRO A 32 0.09 -8.18 3.35
CA PRO A 32 0.31 -9.62 3.57
C PRO A 32 -0.94 -10.44 3.31
N CYS A 33 -2.00 -9.78 2.84
CA CYS A 33 -3.25 -10.45 2.53
C CYS A 33 -3.48 -10.56 1.02
N LYS A 34 -2.44 -10.21 0.26
CA LYS A 34 -2.52 -10.27 -1.20
C LYS A 34 -3.36 -9.11 -1.74
N HIS A 35 -3.10 -7.91 -1.25
CA HIS A 35 -3.83 -6.73 -1.68
C HIS A 35 -2.92 -5.53 -1.81
N VAL A 36 -3.42 -4.45 -2.40
CA VAL A 36 -2.63 -3.23 -2.58
C VAL A 36 -3.46 -2.00 -2.24
N PHE A 37 -2.85 -1.07 -1.51
CA PHE A 37 -3.52 0.16 -1.12
C PHE A 37 -2.51 1.29 -0.89
N CYS A 38 -3.02 2.51 -0.77
CA CYS A 38 -2.17 3.67 -0.55
C CYS A 38 -1.49 3.61 0.82
N TYR A 39 -0.16 3.64 0.81
CA TYR A 39 0.61 3.58 2.05
C TYR A 39 -0.06 4.39 3.15
N LEU A 40 -0.64 5.53 2.77
CA LEU A 40 -1.32 6.41 3.72
C LEU A 40 -2.65 5.79 4.18
N CYS A 41 -3.42 5.30 3.21
CA CYS A 41 -4.71 4.69 3.50
C CYS A 41 -4.55 3.52 4.48
N VAL A 42 -3.47 2.76 4.31
CA VAL A 42 -3.20 1.63 5.18
C VAL A 42 -2.67 2.07 6.53
N LYS A 43 -1.81 3.09 6.51
CA LYS A 43 -1.23 3.62 7.74
C LYS A 43 -2.26 3.67 8.86
N GLY A 44 -3.41 4.30 8.57
CA GLY A 44 -4.45 4.40 9.58
C GLY A 44 -5.61 5.26 9.10
N ALA A 45 -6.23 4.87 8.00
CA ALA A 45 -7.35 5.62 7.45
C ALA A 45 -8.37 5.96 8.53
N SER A 46 -9.34 6.80 8.18
CA SER A 46 -10.38 7.21 9.13
C SER A 46 -11.07 6.00 9.74
N TRP A 47 -11.82 5.28 8.91
CA TRP A 47 -12.53 4.09 9.37
C TRP A 47 -11.63 2.86 9.32
N LEU A 48 -10.37 3.04 9.72
CA LEU A 48 -9.42 1.94 9.73
C LEU A 48 -8.50 2.02 10.95
N GLY A 49 -8.08 0.86 11.45
CA GLY A 49 -7.21 0.83 12.61
C GLY A 49 -5.95 0.03 12.36
N LYS A 50 -5.11 0.53 11.44
CA LYS A 50 -3.86 -0.15 11.11
C LYS A 50 -4.12 -1.55 10.57
N ARG A 51 -5.14 -1.67 9.72
CA ARG A 51 -5.50 -2.95 9.13
C ARG A 51 -6.01 -2.78 7.71
N CYS A 52 -6.20 -3.88 7.00
CA CYS A 52 -6.68 -3.85 5.64
C CYS A 52 -8.15 -3.39 5.59
N ALA A 53 -8.64 -3.13 4.38
CA ALA A 53 -10.01 -2.68 4.21
C ALA A 53 -10.82 -3.69 3.39
N LEU A 54 -10.12 -4.42 2.52
CA LEU A 54 -10.78 -5.42 1.68
C LEU A 54 -11.04 -6.70 2.47
N CYS A 55 -10.02 -7.18 3.17
CA CYS A 55 -10.15 -8.40 3.98
C CYS A 55 -9.95 -8.09 5.46
N ARG A 56 -9.41 -6.92 5.75
CA ARG A 56 -9.16 -6.51 7.13
C ARG A 56 -8.20 -7.46 7.82
N GLN A 57 -7.13 -7.83 7.12
CA GLN A 57 -6.13 -8.75 7.67
C GLN A 57 -5.26 -8.05 8.70
N GLU A 58 -5.16 -8.66 9.88
CA GLU A 58 -4.36 -8.09 10.96
C GLU A 58 -2.96 -7.73 10.48
N ILE A 59 -2.63 -6.45 10.56
CA ILE A 59 -1.32 -5.97 10.13
C ILE A 59 -0.41 -5.71 11.32
N PRO A 60 0.73 -6.41 11.35
CA PRO A 60 1.72 -6.27 12.43
C PRO A 60 2.42 -4.92 12.41
N GLU A 61 2.59 -4.33 13.58
CA GLU A 61 3.26 -3.04 13.69
C GLU A 61 4.61 -3.06 12.97
N ASP A 62 5.25 -4.22 12.97
CA ASP A 62 6.55 -4.37 12.33
C ASP A 62 6.45 -4.12 10.83
N PHE A 63 5.28 -4.41 10.25
CA PHE A 63 5.05 -4.20 8.84
C PHE A 63 5.46 -2.79 8.42
N LEU A 64 5.08 -1.80 9.22
CA LEU A 64 5.39 -0.42 8.93
C LEU A 64 6.57 0.06 9.78
N ASP A 65 6.47 -0.12 11.09
CA ASP A 65 7.52 0.30 12.00
C ASP A 65 7.90 -0.85 12.94
N SER A 66 9.17 -1.24 12.91
CA SER A 66 9.66 -2.33 13.76
C SER A 66 9.35 -2.04 15.23
N GLY A 67 9.90 -0.95 15.75
CA GLY A 67 9.67 -0.59 17.13
C GLY A 67 10.84 -0.95 18.02
N PRO A 68 10.57 -1.10 19.33
CA PRO A 68 11.60 -1.45 20.32
C PRO A 68 12.09 -2.88 20.16
N SER A 69 13.38 -3.02 19.88
CA SER A 69 13.98 -4.34 19.70
C SER A 69 14.97 -4.65 20.81
N SER A 70 14.46 -5.22 21.91
CA SER A 70 15.30 -5.56 23.06
C SER A 70 15.79 -7.01 22.96
N GLY A 71 16.17 -7.42 21.76
CA GLY A 71 16.65 -8.77 21.56
C GLY A 71 15.91 -9.49 20.43
N GLY A 1 6.36 -20.46 -22.86
CA GLY A 1 6.11 -21.55 -23.79
C GLY A 1 5.64 -21.06 -25.15
N SER A 2 5.26 -22.00 -26.01
CA SER A 2 4.80 -21.65 -27.34
C SER A 2 3.61 -20.70 -27.28
N SER A 3 3.48 -19.85 -28.29
CA SER A 3 2.39 -18.88 -28.34
C SER A 3 1.31 -19.33 -29.33
N GLY A 4 1.75 -19.80 -30.49
CA GLY A 4 0.82 -20.25 -31.51
C GLY A 4 0.42 -19.15 -32.46
N SER A 5 -0.89 -18.94 -32.63
CA SER A 5 -1.40 -17.91 -33.53
C SER A 5 -1.61 -16.60 -32.78
N SER A 6 -2.48 -16.64 -31.77
CA SER A 6 -2.78 -15.45 -30.98
C SER A 6 -1.50 -14.81 -30.45
N GLY A 7 -1.30 -13.55 -30.81
CA GLY A 7 -0.11 -12.84 -30.37
C GLY A 7 -0.12 -12.55 -28.88
N ASN A 8 1.06 -12.49 -28.27
CA ASN A 8 1.17 -12.22 -26.84
C ASN A 8 1.13 -10.72 -26.57
N THR A 9 -0.08 -10.16 -26.55
CA THR A 9 -0.25 -8.73 -26.30
C THR A 9 -0.67 -8.48 -24.85
N ALA A 10 0.31 -8.43 -23.96
CA ALA A 10 0.04 -8.18 -22.54
C ALA A 10 -0.36 -6.74 -22.31
N PRO A 11 -1.01 -6.48 -21.17
CA PRO A 11 -1.46 -5.13 -20.79
C PRO A 11 -0.29 -4.21 -20.43
N SER A 12 -0.59 -2.94 -20.22
CA SER A 12 0.44 -1.96 -19.89
C SER A 12 0.77 -2.01 -18.39
N LEU A 13 1.82 -1.30 -18.00
CA LEU A 13 2.24 -1.26 -16.60
C LEU A 13 2.04 0.12 -16.01
N THR A 14 0.97 0.27 -15.23
CA THR A 14 0.66 1.55 -14.60
C THR A 14 0.26 1.37 -13.15
N VAL A 15 0.20 2.47 -12.40
CA VAL A 15 -0.17 2.43 -10.99
C VAL A 15 -1.59 1.92 -10.82
N PRO A 16 -1.76 0.93 -9.93
CA PRO A 16 -3.08 0.34 -9.66
C PRO A 16 -4.00 1.30 -8.90
N GLU A 17 -5.22 0.86 -8.62
CA GLU A 17 -6.18 1.68 -7.91
C GLU A 17 -6.21 1.33 -6.43
N CYS A 18 -6.97 2.09 -5.65
CA CYS A 18 -7.08 1.87 -4.21
C CYS A 18 -8.48 1.40 -3.84
N ALA A 19 -8.57 0.60 -2.78
CA ALA A 19 -9.85 0.10 -2.32
C ALA A 19 -10.27 0.76 -1.01
N ILE A 20 -9.67 1.91 -0.72
CA ILE A 20 -9.97 2.65 0.50
C ILE A 20 -10.48 4.05 0.19
N CYS A 21 -9.90 4.66 -0.84
CA CYS A 21 -10.29 6.01 -1.25
C CYS A 21 -11.01 5.98 -2.59
N LEU A 22 -10.87 4.87 -3.31
CA LEU A 22 -11.51 4.73 -4.61
C LEU A 22 -10.86 5.63 -5.65
N GLN A 23 -9.53 5.58 -5.73
CA GLN A 23 -8.80 6.40 -6.68
C GLN A 23 -7.34 5.96 -6.77
N THR A 24 -6.69 6.27 -7.89
CA THR A 24 -5.31 5.90 -8.11
C THR A 24 -4.51 5.99 -6.80
N CYS A 25 -3.86 4.90 -6.44
CA CYS A 25 -3.07 4.84 -5.22
C CYS A 25 -1.69 5.48 -5.43
N VAL A 26 -1.38 6.49 -4.63
CA VAL A 26 -0.10 7.17 -4.75
C VAL A 26 1.05 6.25 -4.37
N HIS A 27 0.83 5.42 -3.36
CA HIS A 27 1.85 4.47 -2.90
C HIS A 27 1.25 3.09 -2.68
N PRO A 28 1.30 2.25 -3.72
CA PRO A 28 0.76 0.88 -3.66
C PRO A 28 1.60 -0.02 -2.76
N VAL A 29 1.03 -0.41 -1.62
CA VAL A 29 1.72 -1.28 -0.69
C VAL A 29 1.12 -2.69 -0.69
N SER A 30 1.95 -3.67 -1.02
CA SER A 30 1.50 -5.06 -1.06
C SER A 30 1.31 -5.62 0.34
N LEU A 31 0.05 -5.83 0.70
CA LEU A 31 -0.28 -6.36 2.03
C LEU A 31 -0.08 -7.88 2.07
N PRO A 32 0.10 -8.42 3.28
CA PRO A 32 0.30 -9.85 3.49
C PRO A 32 -0.96 -10.66 3.21
N CYS A 33 -2.01 -9.98 2.77
CA CYS A 33 -3.28 -10.64 2.46
C CYS A 33 -3.52 -10.67 0.95
N LYS A 34 -2.47 -10.41 0.18
CA LYS A 34 -2.57 -10.41 -1.27
C LYS A 34 -3.42 -9.26 -1.76
N HIS A 35 -3.07 -8.04 -1.34
CA HIS A 35 -3.81 -6.86 -1.74
C HIS A 35 -2.88 -5.65 -1.86
N VAL A 36 -3.40 -4.55 -2.40
CA VAL A 36 -2.61 -3.33 -2.57
C VAL A 36 -3.42 -2.10 -2.18
N PHE A 37 -2.78 -1.18 -1.46
CA PHE A 37 -3.43 0.04 -1.03
C PHE A 37 -2.42 1.16 -0.83
N CYS A 38 -2.91 2.39 -0.70
CA CYS A 38 -2.06 3.55 -0.50
C CYS A 38 -1.34 3.48 0.85
N TYR A 39 -0.02 3.54 0.81
CA TYR A 39 0.78 3.47 2.03
C TYR A 39 0.14 4.30 3.14
N LEU A 40 -0.42 5.44 2.77
CA LEU A 40 -1.07 6.33 3.74
C LEU A 40 -2.39 5.73 4.23
N CYS A 41 -3.24 5.35 3.29
CA CYS A 41 -4.53 4.76 3.64
C CYS A 41 -4.37 3.62 4.64
N VAL A 42 -3.30 2.84 4.47
CA VAL A 42 -3.02 1.72 5.36
C VAL A 42 -2.40 2.20 6.67
N LYS A 43 -1.51 3.18 6.57
CA LYS A 43 -0.84 3.73 7.74
C LYS A 43 -1.86 4.12 8.81
N GLY A 44 -2.76 5.03 8.47
CA GLY A 44 -3.76 5.47 9.42
C GLY A 44 -5.05 5.88 8.74
N ALA A 45 -6.19 5.47 9.33
CA ALA A 45 -7.49 5.80 8.76
C ALA A 45 -8.57 5.75 9.83
N SER A 46 -9.55 6.62 9.73
CA SER A 46 -10.65 6.67 10.68
C SER A 46 -11.42 5.36 10.71
N TRP A 47 -11.88 4.93 9.54
CA TRP A 47 -12.63 3.68 9.43
C TRP A 47 -11.69 2.49 9.38
N LEU A 48 -10.66 2.57 8.53
CA LEU A 48 -9.70 1.50 8.38
C LEU A 48 -8.85 1.36 9.65
N GLY A 49 -7.97 2.34 9.88
CA GLY A 49 -7.11 2.31 11.04
C GLY A 49 -5.78 1.63 10.77
N LYS A 50 -5.57 0.49 11.40
CA LYS A 50 -4.33 -0.26 11.23
C LYS A 50 -4.61 -1.67 10.71
N ARG A 51 -5.47 -1.77 9.69
CA ARG A 51 -5.83 -3.05 9.11
C ARG A 51 -6.25 -2.89 7.66
N CYS A 52 -6.50 -4.00 6.99
CA CYS A 52 -6.92 -3.99 5.59
C CYS A 52 -8.39 -3.58 5.46
N ALA A 53 -8.84 -3.40 4.23
CA ALA A 53 -10.22 -3.01 3.98
C ALA A 53 -10.95 -4.09 3.18
N LEU A 54 -10.21 -4.77 2.31
CA LEU A 54 -10.79 -5.83 1.48
C LEU A 54 -11.06 -7.09 2.31
N CYS A 55 -10.09 -7.45 3.15
CA CYS A 55 -10.22 -8.63 3.99
C CYS A 55 -10.02 -8.27 5.46
N ARG A 56 -9.51 -7.07 5.70
CA ARG A 56 -9.27 -6.60 7.07
C ARG A 56 -8.21 -7.46 7.76
N GLN A 57 -7.19 -7.86 7.00
CA GLN A 57 -6.12 -8.69 7.54
C GLN A 57 -5.31 -7.93 8.58
N GLU A 58 -5.18 -8.52 9.77
CA GLU A 58 -4.43 -7.90 10.85
C GLU A 58 -3.01 -7.56 10.41
N ILE A 59 -2.68 -6.28 10.41
CA ILE A 59 -1.35 -5.82 10.01
C ILE A 59 -0.46 -5.58 11.22
N PRO A 60 0.70 -6.25 11.25
CA PRO A 60 1.66 -6.12 12.35
C PRO A 60 2.34 -4.75 12.38
N GLU A 61 2.46 -4.19 13.57
CA GLU A 61 3.09 -2.88 13.72
C GLU A 61 4.42 -2.82 12.98
N ASP A 62 5.14 -3.93 12.99
CA ASP A 62 6.43 -4.00 12.30
C ASP A 62 6.28 -3.75 10.81
N PHE A 63 5.14 -4.15 10.26
CA PHE A 63 4.86 -3.97 8.84
C PHE A 63 5.33 -2.59 8.37
N LEU A 64 5.00 -1.57 9.15
CA LEU A 64 5.39 -0.21 8.82
C LEU A 64 6.53 0.28 9.70
N ASP A 65 6.38 0.10 11.01
CA ASP A 65 7.40 0.51 11.96
C ASP A 65 8.70 -0.26 11.73
N SER A 66 9.75 0.16 12.43
CA SER A 66 11.05 -0.49 12.30
C SER A 66 10.90 -2.00 12.18
N GLY A 67 11.03 -2.51 10.95
CA GLY A 67 10.91 -3.94 10.74
C GLY A 67 12.17 -4.70 11.07
N PRO A 68 12.05 -6.02 11.22
CA PRO A 68 13.18 -6.90 11.56
C PRO A 68 14.18 -7.01 10.41
N SER A 69 13.67 -7.18 9.20
CA SER A 69 14.52 -7.31 8.02
C SER A 69 15.55 -6.19 7.98
N SER A 70 16.83 -6.56 8.08
CA SER A 70 17.91 -5.59 8.05
C SER A 70 18.99 -6.00 7.05
N GLY A 71 19.37 -5.08 6.17
CA GLY A 71 20.38 -5.36 5.18
C GLY A 71 21.77 -5.43 5.79
N GLY A 1 -5.46 30.37 -14.54
CA GLY A 1 -6.23 29.24 -15.01
C GLY A 1 -5.64 28.62 -16.26
N SER A 2 -5.95 27.34 -16.48
CA SER A 2 -5.43 26.62 -17.64
C SER A 2 -6.27 25.38 -17.93
N SER A 3 -6.71 25.24 -19.17
CA SER A 3 -7.51 24.09 -19.56
C SER A 3 -6.90 22.79 -19.05
N GLY A 4 -7.65 21.70 -19.19
CA GLY A 4 -7.17 20.41 -18.73
C GLY A 4 -6.03 19.88 -19.58
N SER A 5 -6.05 18.57 -19.84
CA SER A 5 -5.00 17.94 -20.63
C SER A 5 -5.36 16.50 -20.97
N SER A 6 -4.65 15.92 -21.91
CA SER A 6 -4.89 14.54 -22.33
C SER A 6 -3.58 13.79 -22.56
N GLY A 7 -3.31 12.79 -21.72
CA GLY A 7 -2.09 12.03 -21.85
C GLY A 7 -2.15 11.05 -23.02
N ASN A 8 -1.10 10.23 -23.14
CA ASN A 8 -1.04 9.25 -24.22
C ASN A 8 -0.83 7.84 -23.66
N THR A 9 -1.36 6.85 -24.35
CA THR A 9 -1.23 5.46 -23.93
C THR A 9 0.23 5.08 -23.76
N ALA A 10 0.59 4.65 -22.55
CA ALA A 10 1.96 4.25 -22.25
C ALA A 10 2.12 2.73 -22.33
N PRO A 11 3.16 2.29 -23.05
CA PRO A 11 3.45 0.87 -23.23
C PRO A 11 3.94 0.21 -21.95
N SER A 12 3.88 0.96 -20.84
CA SER A 12 4.32 0.45 -19.56
C SER A 12 3.21 0.56 -18.51
N LEU A 13 3.09 -0.44 -17.66
CA LEU A 13 2.06 -0.45 -16.62
C LEU A 13 2.01 0.88 -15.89
N THR A 14 1.03 1.04 -15.02
CA THR A 14 0.87 2.27 -14.26
C THR A 14 0.30 1.99 -12.87
N VAL A 15 0.60 2.87 -11.92
CA VAL A 15 0.13 2.72 -10.55
C VAL A 15 -1.30 2.20 -10.52
N PRO A 16 -1.54 1.16 -9.71
CA PRO A 16 -2.86 0.55 -9.57
C PRO A 16 -3.84 1.45 -8.85
N GLU A 17 -5.05 0.95 -8.62
CA GLU A 17 -6.08 1.70 -7.93
C GLU A 17 -6.17 1.31 -6.46
N CYS A 18 -6.94 2.08 -5.69
CA CYS A 18 -7.11 1.82 -4.27
C CYS A 18 -8.52 1.33 -3.97
N ALA A 19 -8.64 0.49 -2.94
CA ALA A 19 -9.94 -0.05 -2.55
C ALA A 19 -10.41 0.56 -1.24
N ILE A 20 -9.87 1.73 -0.89
CA ILE A 20 -10.24 2.40 0.34
C ILE A 20 -10.75 3.81 0.05
N CYS A 21 -10.17 4.47 -0.95
CA CYS A 21 -10.57 5.81 -1.32
C CYS A 21 -11.23 5.82 -2.69
N LEU A 22 -11.01 4.76 -3.46
CA LEU A 22 -11.58 4.64 -4.79
C LEU A 22 -10.91 5.62 -5.75
N GLN A 23 -9.58 5.61 -5.78
CA GLN A 23 -8.81 6.49 -6.66
C GLN A 23 -7.36 6.06 -6.73
N THR A 24 -6.69 6.45 -7.81
CA THR A 24 -5.28 6.10 -8.00
C THR A 24 -4.52 6.12 -6.68
N CYS A 25 -3.87 5.01 -6.36
CA CYS A 25 -3.11 4.90 -5.12
C CYS A 25 -1.75 5.55 -5.25
N VAL A 26 -1.51 6.59 -4.46
CA VAL A 26 -0.23 7.30 -4.49
C VAL A 26 0.92 6.39 -4.11
N HIS A 27 0.70 5.55 -3.10
CA HIS A 27 1.72 4.63 -2.62
C HIS A 27 1.13 3.24 -2.40
N PRO A 28 1.19 2.39 -3.44
CA PRO A 28 0.67 1.03 -3.38
C PRO A 28 1.50 0.12 -2.48
N VAL A 29 0.94 -0.24 -1.33
CA VAL A 29 1.65 -1.10 -0.39
C VAL A 29 1.07 -2.52 -0.42
N SER A 30 1.91 -3.49 -0.77
CA SER A 30 1.49 -4.88 -0.84
C SER A 30 1.31 -5.46 0.56
N LEU A 31 0.06 -5.72 0.94
CA LEU A 31 -0.24 -6.28 2.25
C LEU A 31 -0.04 -7.79 2.27
N PRO A 32 0.16 -8.35 3.47
CA PRO A 32 0.36 -9.79 3.64
C PRO A 32 -0.90 -10.60 3.37
N CYS A 33 -1.94 -9.92 2.87
CA CYS A 33 -3.19 -10.57 2.56
C CYS A 33 -3.43 -10.62 1.05
N LYS A 34 -2.37 -10.36 0.29
CA LYS A 34 -2.45 -10.37 -1.17
C LYS A 34 -3.34 -9.22 -1.66
N HIS A 35 -3.01 -8.01 -1.24
CA HIS A 35 -3.78 -6.84 -1.64
C HIS A 35 -2.88 -5.61 -1.77
N VAL A 36 -3.43 -4.52 -2.29
CA VAL A 36 -2.67 -3.28 -2.46
C VAL A 36 -3.50 -2.07 -2.09
N PHE A 37 -2.91 -1.16 -1.33
CA PHE A 37 -3.60 0.05 -0.91
C PHE A 37 -2.62 1.19 -0.68
N CYS A 38 -3.14 2.41 -0.59
CA CYS A 38 -2.31 3.58 -0.38
C CYS A 38 -1.60 3.51 0.98
N TYR A 39 -0.29 3.69 0.98
CA TYR A 39 0.50 3.64 2.20
C TYR A 39 -0.19 4.44 3.31
N LEU A 40 -0.82 5.54 2.94
CA LEU A 40 -1.51 6.39 3.90
C LEU A 40 -2.82 5.75 4.36
N CYS A 41 -3.59 5.23 3.40
CA CYS A 41 -4.86 4.59 3.72
C CYS A 41 -4.65 3.44 4.71
N VAL A 42 -3.55 2.72 4.55
CA VAL A 42 -3.24 1.60 5.43
C VAL A 42 -2.69 2.09 6.77
N LYS A 43 -1.89 3.15 6.72
CA LYS A 43 -1.30 3.72 7.93
C LYS A 43 -2.36 3.93 9.00
N GLY A 44 -3.29 4.85 8.74
CA GLY A 44 -4.34 5.13 9.70
C GLY A 44 -5.45 5.99 9.11
N ALA A 45 -6.07 5.49 8.05
CA ALA A 45 -7.16 6.21 7.39
C ALA A 45 -8.27 6.56 8.38
N SER A 46 -9.27 7.27 7.90
CA SER A 46 -10.40 7.67 8.74
C SER A 46 -10.95 6.48 9.51
N TRP A 47 -11.59 5.56 8.79
CA TRP A 47 -12.17 4.37 9.40
C TRP A 47 -11.15 3.24 9.48
N LEU A 48 -10.28 3.16 8.47
CA LEU A 48 -9.26 2.13 8.42
C LEU A 48 -8.14 2.43 9.41
N GLY A 49 -7.33 1.40 9.72
CA GLY A 49 -6.24 1.58 10.65
C GLY A 49 -5.23 0.46 10.58
N LYS A 50 -5.01 -0.22 11.71
CA LYS A 50 -4.07 -1.33 11.77
C LYS A 50 -4.69 -2.61 11.23
N ARG A 51 -5.42 -2.50 10.12
CA ARG A 51 -6.07 -3.65 9.51
C ARG A 51 -6.46 -3.34 8.07
N CYS A 52 -6.47 -4.39 7.23
CA CYS A 52 -6.82 -4.24 5.83
C CYS A 52 -8.23 -3.70 5.67
N ALA A 53 -8.63 -3.45 4.43
CA ALA A 53 -9.97 -2.93 4.14
C ALA A 53 -10.79 -3.94 3.35
N LEU A 54 -10.12 -4.70 2.49
CA LEU A 54 -10.80 -5.70 1.67
C LEU A 54 -11.08 -6.97 2.49
N CYS A 55 -10.05 -7.44 3.20
CA CYS A 55 -10.19 -8.64 4.01
C CYS A 55 -9.99 -8.31 5.50
N ARG A 56 -9.59 -7.08 5.77
CA ARG A 56 -9.37 -6.65 7.15
C ARG A 56 -8.35 -7.55 7.85
N GLN A 57 -7.36 -8.00 7.10
CA GLN A 57 -6.32 -8.87 7.65
C GLN A 57 -5.46 -8.13 8.67
N GLU A 58 -5.28 -8.73 9.84
CA GLU A 58 -4.47 -8.12 10.89
C GLU A 58 -3.07 -7.80 10.39
N ILE A 59 -2.67 -6.54 10.55
CA ILE A 59 -1.35 -6.10 10.11
C ILE A 59 -0.44 -5.85 11.30
N PRO A 60 0.80 -6.37 11.22
CA PRO A 60 1.80 -6.21 12.28
C PRO A 60 2.30 -4.77 12.39
N GLU A 61 2.73 -4.40 13.60
CA GLU A 61 3.23 -3.05 13.83
C GLU A 61 4.50 -2.79 13.03
N ASP A 62 5.33 -3.82 12.89
CA ASP A 62 6.57 -3.72 12.13
C ASP A 62 6.32 -3.87 10.64
N PHE A 63 5.05 -3.90 10.25
CA PHE A 63 4.68 -4.05 8.85
C PHE A 63 5.39 -3.01 7.98
N LEU A 64 5.09 -1.74 8.22
CA LEU A 64 5.71 -0.65 7.46
C LEU A 64 7.16 -0.48 7.85
N ASP A 65 7.41 -0.26 9.14
CA ASP A 65 8.77 -0.08 9.65
C ASP A 65 9.64 -1.27 9.28
N SER A 66 10.35 -1.17 8.16
CA SER A 66 11.23 -2.24 7.71
C SER A 66 12.45 -2.36 8.61
N GLY A 67 12.43 -3.36 9.49
CA GLY A 67 13.55 -3.57 10.38
C GLY A 67 13.11 -3.65 11.83
N PRO A 68 12.92 -4.88 12.33
CA PRO A 68 12.50 -5.13 13.72
C PRO A 68 13.59 -4.77 14.73
N SER A 69 14.84 -4.90 14.30
CA SER A 69 15.98 -4.60 15.18
C SER A 69 16.33 -3.12 15.12
N SER A 70 15.31 -2.27 15.10
CA SER A 70 15.51 -0.83 15.05
C SER A 70 15.19 -0.18 16.39
N GLY A 71 15.98 0.81 16.76
CA GLY A 71 15.77 1.50 18.02
C GLY A 71 17.02 2.15 18.55
N GLY A 1 20.90 -12.40 0.99
CA GLY A 1 20.35 -11.38 0.11
C GLY A 1 19.48 -11.98 -0.98
N SER A 2 18.94 -11.11 -1.83
CA SER A 2 18.08 -11.55 -2.93
C SER A 2 18.79 -11.44 -4.26
N SER A 3 18.30 -12.15 -5.27
CA SER A 3 18.89 -12.13 -6.60
C SER A 3 17.99 -11.40 -7.59
N GLY A 4 16.70 -11.70 -7.54
CA GLY A 4 15.75 -11.06 -8.43
C GLY A 4 15.24 -12.01 -9.50
N SER A 5 13.93 -12.25 -9.49
CA SER A 5 13.31 -13.14 -10.47
C SER A 5 12.97 -12.40 -11.74
N SER A 6 13.89 -11.55 -12.19
CA SER A 6 13.69 -10.76 -13.41
C SER A 6 13.66 -11.68 -14.64
N GLY A 7 12.47 -12.11 -15.01
CA GLY A 7 12.32 -12.97 -16.16
C GLY A 7 11.13 -12.60 -17.03
N ASN A 8 9.93 -12.80 -16.49
CA ASN A 8 8.70 -12.48 -17.22
C ASN A 8 8.05 -11.22 -16.67
N THR A 9 8.43 -10.07 -17.20
CA THR A 9 7.89 -8.80 -16.77
C THR A 9 7.18 -8.07 -17.92
N ALA A 10 5.86 -7.96 -17.81
CA ALA A 10 5.07 -7.30 -18.83
C ALA A 10 5.84 -6.13 -19.45
N PRO A 11 5.53 -5.82 -20.72
CA PRO A 11 6.18 -4.72 -21.44
C PRO A 11 5.77 -3.35 -20.91
N SER A 12 4.55 -3.26 -20.40
CA SER A 12 4.03 -2.01 -19.86
C SER A 12 3.27 -2.25 -18.56
N LEU A 13 3.09 -1.18 -17.80
CA LEU A 13 2.39 -1.27 -16.52
C LEU A 13 2.06 0.12 -15.98
N THR A 14 1.08 0.18 -15.08
CA THR A 14 0.67 1.45 -14.48
C THR A 14 0.24 1.26 -13.03
N VAL A 15 0.33 2.33 -12.24
CA VAL A 15 -0.05 2.28 -10.84
C VAL A 15 -1.46 1.75 -10.67
N PRO A 16 -1.62 0.81 -9.73
CA PRO A 16 -2.93 0.18 -9.45
C PRO A 16 -3.89 1.16 -8.78
N GLU A 17 -5.06 0.65 -8.39
CA GLU A 17 -6.07 1.48 -7.74
C GLU A 17 -6.10 1.19 -6.23
N CYS A 18 -6.93 1.96 -5.52
CA CYS A 18 -7.06 1.79 -4.08
C CYS A 18 -8.48 1.33 -3.72
N ALA A 19 -8.57 0.49 -2.67
CA ALA A 19 -9.85 -0.01 -2.23
C ALA A 19 -10.30 0.67 -0.94
N ILE A 20 -9.73 1.84 -0.67
CA ILE A 20 -10.06 2.60 0.53
C ILE A 20 -10.59 3.98 0.18
N CYS A 21 -9.98 4.61 -0.82
CA CYS A 21 -10.39 5.93 -1.25
C CYS A 21 -11.09 5.86 -2.61
N LEU A 22 -10.90 4.76 -3.31
CA LEU A 22 -11.51 4.56 -4.62
C LEU A 22 -10.88 5.47 -5.67
N GLN A 23 -9.55 5.45 -5.73
CA GLN A 23 -8.82 6.27 -6.68
C GLN A 23 -7.35 5.86 -6.75
N THR A 24 -6.71 6.15 -7.88
CA THR A 24 -5.31 5.80 -8.06
C THR A 24 -4.52 5.93 -6.77
N CYS A 25 -3.85 4.85 -6.38
CA CYS A 25 -3.08 4.84 -5.15
C CYS A 25 -1.70 5.48 -5.37
N VAL A 26 -1.39 6.48 -4.56
CA VAL A 26 -0.12 7.19 -4.66
C VAL A 26 1.02 6.32 -4.17
N HIS A 27 0.74 5.46 -3.19
CA HIS A 27 1.75 4.57 -2.64
C HIS A 27 1.20 3.15 -2.48
N PRO A 28 1.31 2.36 -3.55
CA PRO A 28 0.83 0.97 -3.56
C PRO A 28 1.67 0.06 -2.68
N VAL A 29 1.11 -0.34 -1.55
CA VAL A 29 1.80 -1.22 -0.62
C VAL A 29 1.21 -2.62 -0.63
N SER A 30 2.05 -3.62 -0.89
CA SER A 30 1.60 -5.01 -0.94
C SER A 30 1.36 -5.54 0.47
N LEU A 31 0.09 -5.75 0.80
CA LEU A 31 -0.27 -6.27 2.13
C LEU A 31 -0.06 -7.78 2.21
N PRO A 32 0.09 -8.29 3.43
CA PRO A 32 0.30 -9.72 3.67
C PRO A 32 -0.95 -10.55 3.36
N CYS A 33 -1.98 -9.89 2.88
CA CYS A 33 -3.24 -10.57 2.54
C CYS A 33 -3.46 -10.58 1.04
N LYS A 34 -2.38 -10.37 0.29
CA LYS A 34 -2.46 -10.37 -1.18
C LYS A 34 -3.32 -9.22 -1.67
N HIS A 35 -2.97 -8.00 -1.25
CA HIS A 35 -3.71 -6.81 -1.65
C HIS A 35 -2.79 -5.60 -1.74
N VAL A 36 -3.30 -4.51 -2.32
CA VAL A 36 -2.51 -3.29 -2.46
C VAL A 36 -3.35 -2.07 -2.09
N PHE A 37 -2.73 -1.13 -1.38
CA PHE A 37 -3.40 0.09 -0.95
C PHE A 37 -2.40 1.23 -0.76
N CYS A 38 -2.92 2.44 -0.66
CA CYS A 38 -2.08 3.62 -0.47
C CYS A 38 -1.37 3.57 0.89
N TYR A 39 -0.05 3.67 0.86
CA TYR A 39 0.74 3.63 2.09
C TYR A 39 0.12 4.51 3.16
N LEU A 40 -0.46 5.63 2.75
CA LEU A 40 -1.10 6.56 3.67
C LEU A 40 -2.44 6.02 4.14
N CYS A 41 -3.14 5.32 3.25
CA CYS A 41 -4.44 4.75 3.57
C CYS A 41 -4.30 3.58 4.52
N VAL A 42 -3.15 2.92 4.48
CA VAL A 42 -2.89 1.78 5.35
C VAL A 42 -2.24 2.21 6.65
N LYS A 43 -1.23 3.08 6.55
CA LYS A 43 -0.53 3.58 7.73
C LYS A 43 -1.52 4.07 8.79
N GLY A 44 -2.53 4.82 8.34
CA GLY A 44 -3.53 5.34 9.26
C GLY A 44 -4.82 5.72 8.56
N ALA A 45 -5.91 5.72 9.30
CA ALA A 45 -7.21 6.06 8.76
C ALA A 45 -8.27 6.19 9.85
N SER A 46 -9.50 6.49 9.46
CA SER A 46 -10.59 6.64 10.41
C SER A 46 -11.24 5.30 10.70
N TRP A 47 -12.05 4.82 9.76
CA TRP A 47 -12.74 3.55 9.92
C TRP A 47 -11.77 2.39 9.75
N LEU A 48 -10.99 2.41 8.68
CA LEU A 48 -10.02 1.36 8.41
C LEU A 48 -9.08 1.16 9.59
N GLY A 49 -8.44 2.24 10.01
CA GLY A 49 -7.53 2.17 11.13
C GLY A 49 -6.23 1.46 10.78
N LYS A 50 -5.89 0.43 11.56
CA LYS A 50 -4.68 -0.34 11.33
C LYS A 50 -5.01 -1.74 10.81
N ARG A 51 -5.78 -1.80 9.72
CA ARG A 51 -6.17 -3.07 9.14
C ARG A 51 -6.52 -2.89 7.66
N CYS A 52 -6.69 -4.01 6.96
CA CYS A 52 -7.02 -3.99 5.54
C CYS A 52 -8.46 -3.53 5.33
N ALA A 53 -8.83 -3.31 4.06
CA ALA A 53 -10.18 -2.87 3.73
C ALA A 53 -10.91 -3.93 2.91
N LEU A 54 -10.15 -4.76 2.21
CA LEU A 54 -10.73 -5.82 1.39
C LEU A 54 -10.98 -7.07 2.22
N CYS A 55 -10.02 -7.43 3.06
CA CYS A 55 -10.15 -8.60 3.91
C CYS A 55 -9.99 -8.23 5.39
N ARG A 56 -9.65 -6.96 5.63
CA ARG A 56 -9.47 -6.48 7.00
C ARG A 56 -8.46 -7.34 7.75
N GLN A 57 -7.43 -7.80 7.04
CA GLN A 57 -6.40 -8.64 7.65
C GLN A 57 -5.56 -7.83 8.64
N GLU A 58 -5.35 -8.39 9.82
CA GLU A 58 -4.56 -7.72 10.85
C GLU A 58 -3.15 -7.41 10.35
N ILE A 59 -2.80 -6.12 10.35
CA ILE A 59 -1.49 -5.69 9.89
C ILE A 59 -0.53 -5.50 11.06
N PRO A 60 0.61 -6.18 11.01
CA PRO A 60 1.64 -6.10 12.05
C PRO A 60 2.34 -4.74 12.07
N GLU A 61 2.66 -4.26 13.27
CA GLU A 61 3.33 -2.98 13.43
C GLU A 61 4.63 -2.95 12.65
N ASP A 62 5.31 -4.09 12.59
CA ASP A 62 6.58 -4.20 11.87
C ASP A 62 6.38 -3.89 10.39
N PHE A 63 5.19 -4.18 9.88
CA PHE A 63 4.88 -3.94 8.47
C PHE A 63 5.38 -2.57 8.03
N LEU A 64 5.02 -1.55 8.79
CA LEU A 64 5.43 -0.18 8.47
C LEU A 64 6.83 0.11 9.02
N ASP A 65 7.04 -0.24 10.29
CA ASP A 65 8.33 -0.02 10.93
C ASP A 65 9.29 -1.16 10.61
N SER A 66 9.30 -1.59 9.36
CA SER A 66 10.16 -2.67 8.93
C SER A 66 11.60 -2.42 9.37
N GLY A 67 12.05 -3.17 10.37
CA GLY A 67 13.41 -3.01 10.87
C GLY A 67 13.63 -1.65 11.51
N PRO A 68 13.70 -1.63 12.85
CA PRO A 68 13.91 -0.39 13.60
C PRO A 68 15.32 0.15 13.43
N SER A 69 16.25 -0.72 13.06
CA SER A 69 17.64 -0.33 12.87
C SER A 69 17.86 0.18 11.44
N SER A 70 18.73 1.17 11.29
CA SER A 70 19.04 1.74 9.99
C SER A 70 20.50 1.51 9.61
N GLY A 71 20.77 0.38 8.95
CA GLY A 71 22.13 0.07 8.56
C GLY A 71 23.15 0.50 9.58
N GLY A 1 -3.21 16.67 4.23
CA GLY A 1 -3.48 17.06 2.86
C GLY A 1 -2.37 17.90 2.26
N SER A 2 -1.36 17.23 1.71
CA SER A 2 -0.23 17.93 1.11
C SER A 2 0.08 17.38 -0.28
N SER A 3 -0.48 18.02 -1.30
CA SER A 3 -0.29 17.60 -2.68
C SER A 3 1.20 17.51 -3.01
N GLY A 4 1.68 16.29 -3.27
CA GLY A 4 3.07 16.08 -3.59
C GLY A 4 3.34 14.71 -4.18
N SER A 5 3.91 14.68 -5.38
CA SER A 5 4.22 13.42 -6.04
C SER A 5 5.72 13.14 -6.03
N SER A 6 6.10 11.97 -5.54
CA SER A 6 7.50 11.59 -5.46
C SER A 6 7.71 10.17 -6.01
N GLY A 7 8.69 10.03 -6.89
CA GLY A 7 8.97 8.73 -7.47
C GLY A 7 9.29 8.81 -8.95
N ASN A 8 10.55 8.55 -9.30
CA ASN A 8 10.99 8.59 -10.69
C ASN A 8 11.57 7.25 -11.13
N THR A 9 12.42 6.68 -10.27
CA THR A 9 13.05 5.40 -10.56
C THR A 9 12.03 4.27 -10.57
N ALA A 10 11.46 3.98 -11.74
CA ALA A 10 10.48 2.92 -11.88
C ALA A 10 10.53 2.29 -13.27
N PRO A 11 10.19 1.00 -13.36
CA PRO A 11 10.19 0.26 -14.63
C PRO A 11 9.08 0.72 -15.56
N SER A 12 7.87 0.84 -15.03
CA SER A 12 6.72 1.26 -15.82
C SER A 12 5.95 2.37 -15.10
N LEU A 13 5.54 3.38 -15.87
CA LEU A 13 4.79 4.50 -15.30
C LEU A 13 3.33 4.13 -15.10
N THR A 14 3.10 2.95 -14.53
CA THR A 14 1.75 2.48 -14.26
C THR A 14 1.49 2.32 -12.77
N VAL A 15 0.25 2.56 -12.36
CA VAL A 15 -0.12 2.43 -10.96
C VAL A 15 -1.55 1.92 -10.81
N PRO A 16 -1.75 0.95 -9.91
CA PRO A 16 -3.06 0.36 -9.65
C PRO A 16 -4.00 1.33 -8.95
N GLU A 17 -5.17 0.84 -8.55
CA GLU A 17 -6.16 1.66 -7.86
C GLU A 17 -6.19 1.34 -6.37
N CYS A 18 -7.00 2.09 -5.63
CA CYS A 18 -7.12 1.89 -4.19
C CYS A 18 -8.53 1.45 -3.82
N ALA A 19 -8.63 0.56 -2.84
CA ALA A 19 -9.92 0.04 -2.39
C ALA A 19 -10.33 0.70 -1.07
N ILE A 20 -9.74 1.85 -0.77
CA ILE A 20 -10.05 2.58 0.45
C ILE A 20 -10.58 3.97 0.14
N CYS A 21 -9.96 4.63 -0.83
CA CYS A 21 -10.36 5.98 -1.23
C CYS A 21 -11.10 5.96 -2.57
N LEU A 22 -10.91 4.87 -3.32
CA LEU A 22 -11.54 4.73 -4.62
C LEU A 22 -10.91 5.65 -5.65
N GLN A 23 -9.57 5.60 -5.74
CA GLN A 23 -8.84 6.43 -6.68
C GLN A 23 -7.39 5.99 -6.77
N THR A 24 -6.74 6.33 -7.89
CA THR A 24 -5.35 5.97 -8.10
C THR A 24 -4.56 6.04 -6.79
N CYS A 25 -3.90 4.93 -6.45
CA CYS A 25 -3.10 4.87 -5.23
C CYS A 25 -1.73 5.50 -5.44
N VAL A 26 -1.42 6.50 -4.62
CA VAL A 26 -0.15 7.20 -4.71
C VAL A 26 1.00 6.29 -4.27
N HIS A 27 0.74 5.44 -3.29
CA HIS A 27 1.75 4.52 -2.78
C HIS A 27 1.17 3.12 -2.60
N PRO A 28 1.21 2.32 -3.68
CA PRO A 28 0.69 0.95 -3.67
C PRO A 28 1.56 0.02 -2.82
N VAL A 29 1.02 -0.39 -1.68
CA VAL A 29 1.72 -1.29 -0.77
C VAL A 29 1.11 -2.69 -0.79
N SER A 30 1.93 -3.69 -1.08
CA SER A 30 1.47 -5.07 -1.12
C SER A 30 1.29 -5.63 0.29
N LEU A 31 0.05 -5.76 0.71
CA LEU A 31 -0.26 -6.28 2.03
C LEU A 31 -0.03 -7.79 2.10
N PRO A 32 0.16 -8.32 3.31
CA PRO A 32 0.39 -9.75 3.53
C PRO A 32 -0.86 -10.57 3.26
N CYS A 33 -1.92 -9.92 2.82
CA CYS A 33 -3.18 -10.59 2.53
C CYS A 33 -3.44 -10.63 1.03
N LYS A 34 -2.39 -10.38 0.24
CA LYS A 34 -2.51 -10.38 -1.21
C LYS A 34 -3.38 -9.23 -1.69
N HIS A 35 -3.04 -8.02 -1.27
CA HIS A 35 -3.78 -6.82 -1.67
C HIS A 35 -2.86 -5.61 -1.79
N VAL A 36 -3.37 -4.55 -2.40
CA VAL A 36 -2.59 -3.33 -2.58
C VAL A 36 -3.41 -2.10 -2.21
N PHE A 37 -2.78 -1.19 -1.48
CA PHE A 37 -3.45 0.04 -1.05
C PHE A 37 -2.45 1.16 -0.84
N CYS A 38 -2.95 2.39 -0.73
CA CYS A 38 -2.09 3.55 -0.52
C CYS A 38 -1.41 3.49 0.85
N TYR A 39 -0.08 3.56 0.84
CA TYR A 39 0.69 3.52 2.07
C TYR A 39 0.07 4.40 3.14
N LEU A 40 -0.44 5.56 2.72
CA LEU A 40 -1.06 6.50 3.64
C LEU A 40 -2.42 6.00 4.10
N CYS A 41 -3.10 5.25 3.23
CA CYS A 41 -4.42 4.71 3.55
C CYS A 41 -4.29 3.53 4.51
N VAL A 42 -3.19 2.79 4.40
CA VAL A 42 -2.97 1.64 5.26
C VAL A 42 -2.31 2.06 6.57
N LYS A 43 -1.30 2.91 6.48
CA LYS A 43 -0.60 3.39 7.67
C LYS A 43 -1.58 3.85 8.74
N GLY A 44 -2.69 4.45 8.30
CA GLY A 44 -3.69 4.92 9.24
C GLY A 44 -4.93 5.44 8.55
N ALA A 45 -6.05 5.43 9.26
CA ALA A 45 -7.31 5.91 8.71
C ALA A 45 -8.40 5.97 9.78
N SER A 46 -9.43 6.78 9.54
CA SER A 46 -10.52 6.93 10.49
C SER A 46 -11.19 5.57 10.77
N TRP A 47 -11.59 4.89 9.70
CA TRP A 47 -12.23 3.59 9.83
C TRP A 47 -11.21 2.46 9.69
N LEU A 48 -10.37 2.55 8.66
CA LEU A 48 -9.36 1.55 8.41
C LEU A 48 -8.43 1.39 9.62
N GLY A 49 -7.65 2.43 9.90
CA GLY A 49 -6.73 2.39 11.02
C GLY A 49 -5.49 1.59 10.72
N LYS A 50 -5.37 0.43 11.37
CA LYS A 50 -4.23 -0.44 11.18
C LYS A 50 -4.65 -1.82 10.70
N ARG A 51 -5.50 -1.86 9.67
CA ARG A 51 -5.99 -3.11 9.13
C ARG A 51 -6.39 -2.94 7.66
N CYS A 52 -6.69 -4.06 7.00
CA CYS A 52 -7.06 -4.04 5.59
C CYS A 52 -8.54 -3.68 5.43
N ALA A 53 -8.98 -3.52 4.20
CA ALA A 53 -10.37 -3.18 3.91
C ALA A 53 -11.05 -4.27 3.10
N LEU A 54 -10.29 -4.88 2.18
CA LEU A 54 -10.82 -5.94 1.34
C LEU A 54 -11.01 -7.23 2.13
N CYS A 55 -10.05 -7.53 3.00
CA CYS A 55 -10.11 -8.72 3.82
C CYS A 55 -9.98 -8.38 5.30
N ARG A 56 -9.59 -7.15 5.58
CA ARG A 56 -9.43 -6.69 6.96
C ARG A 56 -8.42 -7.55 7.71
N GLN A 57 -7.34 -7.91 7.03
CA GLN A 57 -6.30 -8.74 7.63
C GLN A 57 -5.49 -7.94 8.64
N GLU A 58 -5.40 -8.46 9.86
CA GLU A 58 -4.66 -7.80 10.93
C GLU A 58 -3.22 -7.51 10.48
N ILE A 59 -2.86 -6.23 10.47
CA ILE A 59 -1.52 -5.83 10.07
C ILE A 59 -0.64 -5.56 11.29
N PRO A 60 0.55 -6.19 11.30
CA PRO A 60 1.51 -6.03 12.40
C PRO A 60 2.13 -4.64 12.45
N GLU A 61 2.43 -4.16 13.65
CA GLU A 61 3.02 -2.85 13.83
C GLU A 61 4.36 -2.75 13.10
N ASP A 62 5.07 -3.87 13.04
CA ASP A 62 6.37 -3.91 12.37
C ASP A 62 6.22 -3.59 10.88
N PHE A 63 5.10 -4.00 10.30
CA PHE A 63 4.84 -3.76 8.89
C PHE A 63 5.27 -2.36 8.48
N LEU A 64 4.89 -1.37 9.29
CA LEU A 64 5.24 0.02 9.01
C LEU A 64 6.38 0.48 9.90
N ASP A 65 6.13 0.51 11.20
CA ASP A 65 7.14 0.93 12.16
C ASP A 65 8.26 -0.11 12.28
N SER A 66 9.20 -0.07 11.34
CA SER A 66 10.32 -1.01 11.34
C SER A 66 11.64 -0.28 11.10
N GLY A 67 11.68 0.51 10.04
CA GLY A 67 12.90 1.24 9.72
C GLY A 67 13.92 0.38 8.99
N PRO A 68 15.16 0.37 9.52
CA PRO A 68 16.25 -0.40 8.93
C PRO A 68 16.06 -1.90 9.10
N SER A 69 15.64 -2.57 8.03
CA SER A 69 15.42 -4.01 8.06
C SER A 69 16.67 -4.77 7.64
N SER A 70 17.82 -4.31 8.11
CA SER A 70 19.09 -4.95 7.78
C SER A 70 19.18 -5.24 6.29
N GLY A 71 18.72 -4.29 5.47
CA GLY A 71 18.76 -4.46 4.04
C GLY A 71 20.00 -5.18 3.57
N GLY A 1 19.66 11.88 10.81
CA GLY A 1 18.62 12.43 9.98
C GLY A 1 18.28 11.54 8.80
N SER A 2 17.14 11.80 8.16
CA SER A 2 16.71 11.01 7.02
C SER A 2 15.72 11.80 6.17
N SER A 3 15.93 11.77 4.85
CA SER A 3 15.07 12.48 3.92
C SER A 3 14.86 11.67 2.64
N GLY A 4 13.61 11.42 2.30
CA GLY A 4 13.30 10.65 1.11
C GLY A 4 12.40 9.47 1.39
N SER A 5 11.21 9.76 1.93
CA SER A 5 10.25 8.70 2.25
C SER A 5 9.65 8.11 0.99
N SER A 6 10.36 7.17 0.37
CA SER A 6 9.91 6.53 -0.86
C SER A 6 10.81 5.37 -1.24
N GLY A 7 10.30 4.48 -2.09
CA GLY A 7 11.08 3.33 -2.52
C GLY A 7 10.24 2.32 -3.27
N ASN A 8 10.91 1.44 -4.01
CA ASN A 8 10.22 0.41 -4.78
C ASN A 8 9.16 1.03 -5.69
N THR A 9 9.50 2.15 -6.31
CA THR A 9 8.58 2.84 -7.20
C THR A 9 8.87 2.51 -8.67
N ALA A 10 7.99 1.73 -9.27
CA ALA A 10 8.17 1.34 -10.67
C ALA A 10 8.68 2.51 -11.50
N PRO A 11 9.66 2.22 -12.37
CA PRO A 11 10.26 3.24 -13.24
C PRO A 11 9.30 3.70 -14.33
N SER A 12 8.13 3.07 -14.40
CA SER A 12 7.13 3.42 -15.40
C SER A 12 5.96 4.17 -14.77
N LEU A 13 5.16 4.81 -15.60
CA LEU A 13 4.01 5.57 -15.13
C LEU A 13 2.82 4.66 -14.87
N THR A 14 3.08 3.49 -14.28
CA THR A 14 2.03 2.53 -13.98
C THR A 14 1.74 2.48 -12.48
N VAL A 15 0.47 2.62 -12.13
CA VAL A 15 0.06 2.59 -10.73
C VAL A 15 -1.33 1.99 -10.58
N PRO A 16 -1.47 1.04 -9.64
CA PRO A 16 -2.75 0.38 -9.37
C PRO A 16 -3.78 1.31 -8.73
N GLU A 17 -4.97 0.80 -8.47
CA GLU A 17 -6.03 1.57 -7.87
C GLU A 17 -6.16 1.27 -6.38
N CYS A 18 -6.91 2.10 -5.67
CA CYS A 18 -7.11 1.92 -4.24
C CYS A 18 -8.51 1.38 -3.94
N ALA A 19 -8.61 0.54 -2.92
CA ALA A 19 -9.89 -0.04 -2.54
C ALA A 19 -10.39 0.56 -1.23
N ILE A 20 -9.85 1.72 -0.86
CA ILE A 20 -10.25 2.40 0.37
C ILE A 20 -10.74 3.81 0.08
N CYS A 21 -10.18 4.43 -0.94
CA CYS A 21 -10.57 5.79 -1.32
C CYS A 21 -11.23 5.80 -2.70
N LEU A 22 -10.99 4.75 -3.48
CA LEU A 22 -11.56 4.63 -4.81
C LEU A 22 -10.88 5.60 -5.78
N GLN A 23 -9.55 5.58 -5.79
CA GLN A 23 -8.78 6.45 -6.67
C GLN A 23 -7.35 5.95 -6.81
N THR A 24 -6.68 6.38 -7.87
CA THR A 24 -5.30 5.98 -8.12
C THR A 24 -4.52 5.84 -6.82
N CYS A 25 -3.83 4.72 -6.66
CA CYS A 25 -3.05 4.47 -5.45
C CYS A 25 -1.71 5.18 -5.52
N VAL A 26 -1.61 6.32 -4.84
CA VAL A 26 -0.39 7.10 -4.82
C VAL A 26 0.80 6.26 -4.37
N HIS A 27 0.56 5.38 -3.41
CA HIS A 27 1.62 4.51 -2.89
C HIS A 27 1.10 3.08 -2.74
N PRO A 28 1.35 2.25 -3.77
CA PRO A 28 0.93 0.85 -3.78
C PRO A 28 1.72 0.00 -2.78
N VAL A 29 1.03 -0.48 -1.75
CA VAL A 29 1.67 -1.30 -0.73
C VAL A 29 1.14 -2.73 -0.77
N SER A 30 2.03 -3.68 -1.02
CA SER A 30 1.66 -5.09 -1.09
C SER A 30 1.43 -5.66 0.30
N LEU A 31 0.17 -5.72 0.71
CA LEU A 31 -0.19 -6.25 2.02
C LEU A 31 0.00 -7.77 2.07
N PRO A 32 0.17 -8.30 3.29
CA PRO A 32 0.36 -9.74 3.51
C PRO A 32 -0.90 -10.55 3.22
N CYS A 33 -1.94 -9.86 2.74
CA CYS A 33 -3.20 -10.51 2.42
C CYS A 33 -3.44 -10.53 0.91
N LYS A 34 -2.37 -10.32 0.15
CA LYS A 34 -2.47 -10.32 -1.30
C LYS A 34 -3.34 -9.17 -1.79
N HIS A 35 -2.99 -7.95 -1.38
CA HIS A 35 -3.74 -6.77 -1.78
C HIS A 35 -2.80 -5.57 -1.95
N VAL A 36 -3.34 -4.47 -2.46
CA VAL A 36 -2.57 -3.25 -2.67
C VAL A 36 -3.38 -2.02 -2.35
N PHE A 37 -2.84 -1.17 -1.48
CA PHE A 37 -3.52 0.05 -1.08
C PHE A 37 -2.52 1.20 -0.89
N CYS A 38 -3.04 2.40 -0.73
CA CYS A 38 -2.19 3.58 -0.53
C CYS A 38 -1.52 3.54 0.84
N TYR A 39 -0.19 3.48 0.84
CA TYR A 39 0.58 3.42 2.08
C TYR A 39 -0.06 4.32 3.14
N LEU A 40 -0.58 5.45 2.71
CA LEU A 40 -1.23 6.39 3.63
C LEU A 40 -2.55 5.84 4.13
N CYS A 41 -3.39 5.39 3.21
CA CYS A 41 -4.69 4.84 3.56
C CYS A 41 -4.55 3.68 4.54
N VAL A 42 -3.47 2.91 4.39
CA VAL A 42 -3.21 1.77 5.26
C VAL A 42 -2.65 2.23 6.60
N LYS A 43 -1.77 3.22 6.56
CA LYS A 43 -1.16 3.75 7.77
C LYS A 43 -2.17 3.85 8.90
N GLY A 44 -3.26 4.58 8.64
CA GLY A 44 -4.30 4.74 9.64
C GLY A 44 -5.40 5.68 9.19
N ALA A 45 -6.30 5.16 8.36
CA ALA A 45 -7.41 5.95 7.86
C ALA A 45 -8.44 6.23 8.96
N SER A 46 -9.37 7.13 8.67
CA SER A 46 -10.40 7.50 9.64
C SER A 46 -10.99 6.24 10.29
N TRP A 47 -11.72 5.47 9.50
CA TRP A 47 -12.35 4.25 9.99
C TRP A 47 -11.35 3.10 10.02
N LEU A 48 -10.48 3.06 9.02
CA LEU A 48 -9.47 2.01 8.93
C LEU A 48 -8.37 2.21 9.97
N GLY A 49 -8.22 1.24 10.86
CA GLY A 49 -7.21 1.34 11.90
C GLY A 49 -6.24 0.16 11.87
N LYS A 50 -5.00 0.43 11.48
CA LYS A 50 -3.99 -0.62 11.42
C LYS A 50 -4.59 -1.94 10.95
N ARG A 51 -5.31 -1.91 9.84
CA ARG A 51 -5.94 -3.10 9.29
C ARG A 51 -6.36 -2.88 7.85
N CYS A 52 -6.50 -3.97 7.10
CA CYS A 52 -6.90 -3.90 5.71
C CYS A 52 -8.37 -3.47 5.58
N ALA A 53 -8.77 -3.10 4.37
CA ALA A 53 -10.14 -2.68 4.12
C ALA A 53 -10.89 -3.71 3.28
N LEU A 54 -10.13 -4.51 2.53
CA LEU A 54 -10.73 -5.54 1.69
C LEU A 54 -11.00 -6.82 2.48
N CYS A 55 -9.94 -7.36 3.09
CA CYS A 55 -10.06 -8.58 3.87
C CYS A 55 -9.95 -8.27 5.36
N ARG A 56 -9.48 -7.06 5.68
CA ARG A 56 -9.33 -6.65 7.07
C ARG A 56 -8.29 -7.51 7.79
N GLN A 57 -7.26 -7.92 7.04
CA GLN A 57 -6.20 -8.75 7.61
C GLN A 57 -5.35 -7.94 8.59
N GLU A 58 -5.30 -8.40 9.83
CA GLU A 58 -4.53 -7.73 10.86
C GLU A 58 -3.10 -7.47 10.39
N ILE A 59 -2.69 -6.20 10.40
CA ILE A 59 -1.35 -5.83 9.98
C ILE A 59 -0.40 -5.73 11.17
N PRO A 60 0.76 -6.38 11.06
CA PRO A 60 1.78 -6.38 12.12
C PRO A 60 2.45 -5.01 12.26
N GLU A 61 2.80 -4.66 13.50
CA GLU A 61 3.44 -3.38 13.77
C GLU A 61 4.75 -3.26 12.98
N ASP A 62 5.41 -4.39 12.74
CA ASP A 62 6.66 -4.41 12.01
C ASP A 62 6.45 -3.93 10.57
N PHE A 63 5.25 -4.15 10.05
CA PHE A 63 4.92 -3.74 8.69
C PHE A 63 5.28 -2.28 8.46
N LEU A 64 4.90 -1.43 9.40
CA LEU A 64 5.19 0.00 9.30
C LEU A 64 6.17 0.44 10.38
N ASP A 65 5.88 0.04 11.63
CA ASP A 65 6.74 0.40 12.75
C ASP A 65 7.69 -0.75 13.09
N SER A 66 8.95 -0.60 12.71
CA SER A 66 9.96 -1.62 12.95
C SER A 66 10.65 -1.38 14.30
N GLY A 67 11.27 -0.22 14.44
CA GLY A 67 11.97 0.11 15.67
C GLY A 67 11.92 1.59 15.98
N PRO A 68 12.63 2.01 17.03
CA PRO A 68 12.68 3.40 17.47
C PRO A 68 13.43 4.29 16.47
N SER A 69 14.64 3.86 16.10
CA SER A 69 15.46 4.61 15.17
C SER A 69 14.95 4.44 13.73
N SER A 70 15.57 5.16 12.80
CA SER A 70 15.18 5.08 11.40
C SER A 70 16.33 4.56 10.54
N GLY A 71 17.02 3.55 11.05
CA GLY A 71 18.13 2.96 10.32
C GLY A 71 19.24 3.96 10.05
N GLY A 1 18.43 -9.42 -1.39
CA GLY A 1 17.57 -9.56 -2.54
C GLY A 1 16.09 -9.44 -2.19
N SER A 2 15.72 -8.30 -1.62
CA SER A 2 14.34 -8.06 -1.22
C SER A 2 13.43 -8.00 -2.43
N SER A 3 13.86 -7.27 -3.46
CA SER A 3 13.08 -7.13 -4.68
C SER A 3 13.15 -8.41 -5.51
N GLY A 4 12.31 -9.38 -5.17
CA GLY A 4 12.28 -10.64 -5.89
C GLY A 4 11.51 -10.54 -7.19
N SER A 5 11.09 -11.70 -7.70
CA SER A 5 10.33 -11.74 -8.95
C SER A 5 9.84 -13.15 -9.24
N SER A 6 8.53 -13.30 -9.43
CA SER A 6 7.94 -14.60 -9.71
C SER A 6 7.43 -14.66 -11.15
N GLY A 7 8.22 -14.14 -12.07
CA GLY A 7 7.83 -14.15 -13.47
C GLY A 7 6.63 -13.27 -13.75
N ASN A 8 6.60 -12.10 -13.12
CA ASN A 8 5.48 -11.17 -13.30
C ASN A 8 5.88 -10.03 -14.24
N THR A 9 6.60 -10.36 -15.30
CA THR A 9 7.04 -9.37 -16.27
C THR A 9 5.84 -8.64 -16.88
N ALA A 10 5.86 -7.31 -16.77
CA ALA A 10 4.77 -6.49 -17.32
C ALA A 10 5.27 -5.62 -18.46
N PRO A 11 4.46 -5.52 -19.52
CA PRO A 11 4.80 -4.72 -20.70
C PRO A 11 4.78 -3.23 -20.42
N SER A 12 3.81 -2.79 -19.62
CA SER A 12 3.68 -1.39 -19.27
C SER A 12 3.91 -1.17 -17.77
N LEU A 13 4.17 0.08 -17.40
CA LEU A 13 4.41 0.41 -16.00
C LEU A 13 3.45 1.51 -15.53
N THR A 14 2.35 1.08 -14.93
CA THR A 14 1.35 2.02 -14.42
C THR A 14 1.07 1.80 -12.94
N VAL A 15 0.22 2.65 -12.37
CA VAL A 15 -0.12 2.54 -10.96
C VAL A 15 -1.55 2.03 -10.77
N PRO A 16 -1.71 1.03 -9.89
CA PRO A 16 -3.02 0.44 -9.59
C PRO A 16 -3.94 1.40 -8.86
N GLU A 17 -5.15 0.93 -8.56
CA GLU A 17 -6.13 1.75 -7.84
C GLU A 17 -6.16 1.40 -6.36
N CYS A 18 -6.94 2.14 -5.60
CA CYS A 18 -7.06 1.92 -4.17
C CYS A 18 -8.47 1.47 -3.80
N ALA A 19 -8.57 0.61 -2.79
CA ALA A 19 -9.87 0.11 -2.33
C ALA A 19 -10.26 0.74 -1.00
N ILE A 20 -9.70 1.90 -0.71
CA ILE A 20 -10.00 2.60 0.54
C ILE A 20 -10.50 4.02 0.26
N CYS A 21 -9.95 4.65 -0.78
CA CYS A 21 -10.34 6.00 -1.14
C CYS A 21 -11.05 6.01 -2.49
N LEU A 22 -10.89 4.93 -3.24
CA LEU A 22 -11.51 4.82 -4.56
C LEU A 22 -10.86 5.75 -5.56
N GLN A 23 -9.53 5.70 -5.62
CA GLN A 23 -8.77 6.55 -6.54
C GLN A 23 -7.31 6.10 -6.62
N THR A 24 -6.69 6.36 -7.76
CA THR A 24 -5.28 5.98 -7.96
C THR A 24 -4.50 6.05 -6.66
N CYS A 25 -3.80 4.96 -6.34
CA CYS A 25 -3.02 4.89 -5.12
C CYS A 25 -1.64 5.53 -5.32
N VAL A 26 -1.30 6.48 -4.46
CA VAL A 26 -0.02 7.17 -4.55
C VAL A 26 1.12 6.24 -4.13
N HIS A 27 0.85 5.38 -3.15
CA HIS A 27 1.86 4.44 -2.67
C HIS A 27 1.26 3.04 -2.51
N PRO A 28 1.34 2.25 -3.59
CA PRO A 28 0.82 0.87 -3.59
C PRO A 28 1.64 -0.07 -2.72
N VAL A 29 1.07 -0.45 -1.58
CA VAL A 29 1.76 -1.35 -0.66
C VAL A 29 1.14 -2.74 -0.68
N SER A 30 1.93 -3.73 -1.09
CA SER A 30 1.46 -5.11 -1.16
C SER A 30 1.31 -5.72 0.23
N LEU A 31 0.06 -5.88 0.67
CA LEU A 31 -0.22 -6.44 1.98
C LEU A 31 -0.05 -7.96 1.97
N PRO A 32 0.19 -8.54 3.16
CA PRO A 32 0.37 -9.99 3.30
C PRO A 32 -0.93 -10.76 3.08
N CYS A 33 -1.98 -10.04 2.70
CA CYS A 33 -3.27 -10.65 2.44
C CYS A 33 -3.58 -10.68 0.95
N LYS A 34 -2.56 -10.45 0.13
CA LYS A 34 -2.72 -10.44 -1.32
C LYS A 34 -3.57 -9.25 -1.77
N HIS A 35 -3.17 -8.06 -1.35
CA HIS A 35 -3.89 -6.85 -1.71
C HIS A 35 -2.94 -5.66 -1.82
N VAL A 36 -3.45 -4.54 -2.32
CA VAL A 36 -2.65 -3.33 -2.48
C VAL A 36 -3.44 -2.08 -2.11
N PHE A 37 -2.80 -1.17 -1.39
CA PHE A 37 -3.45 0.07 -0.97
C PHE A 37 -2.42 1.18 -0.76
N CYS A 38 -2.91 2.41 -0.63
CA CYS A 38 -2.03 3.56 -0.43
C CYS A 38 -1.32 3.47 0.91
N TYR A 39 0.01 3.56 0.87
CA TYR A 39 0.82 3.49 2.08
C TYR A 39 0.24 4.38 3.17
N LEU A 40 -0.46 5.43 2.77
CA LEU A 40 -1.07 6.36 3.70
C LEU A 40 -2.42 5.84 4.20
N CYS A 41 -3.13 5.15 3.32
CA CYS A 41 -4.44 4.59 3.64
C CYS A 41 -4.30 3.41 4.60
N VAL A 42 -3.17 2.72 4.52
CA VAL A 42 -2.91 1.57 5.37
C VAL A 42 -2.31 2.01 6.71
N LYS A 43 -1.41 2.98 6.66
CA LYS A 43 -0.77 3.50 7.87
C LYS A 43 -1.80 4.02 8.85
N GLY A 44 -2.82 4.71 8.33
CA GLY A 44 -3.87 5.26 9.17
C GLY A 44 -4.98 5.91 8.37
N ALA A 45 -6.17 5.34 8.45
CA ALA A 45 -7.32 5.87 7.73
C ALA A 45 -8.46 6.21 8.68
N SER A 46 -9.59 6.64 8.12
CA SER A 46 -10.75 7.00 8.92
C SER A 46 -11.50 5.74 9.38
N TRP A 47 -12.23 5.13 8.45
CA TRP A 47 -13.00 3.93 8.74
C TRP A 47 -12.10 2.70 8.76
N LEU A 48 -10.96 2.81 9.44
CA LEU A 48 -10.02 1.70 9.53
C LEU A 48 -9.17 1.81 10.79
N GLY A 49 -8.37 0.79 11.05
CA GLY A 49 -7.51 0.79 12.23
C GLY A 49 -6.32 -0.12 12.08
N LYS A 50 -5.27 0.38 11.43
CA LYS A 50 -4.05 -0.39 11.22
C LYS A 50 -4.38 -1.78 10.68
N ARG A 51 -5.38 -1.84 9.81
CA ARG A 51 -5.80 -3.11 9.20
C ARG A 51 -6.28 -2.90 7.77
N CYS A 52 -6.38 -3.99 7.02
CA CYS A 52 -6.83 -3.92 5.63
C CYS A 52 -8.27 -3.43 5.55
N ALA A 53 -8.70 -3.08 4.35
CA ALA A 53 -10.06 -2.59 4.13
C ALA A 53 -10.85 -3.54 3.23
N LEU A 54 -10.17 -4.56 2.72
CA LEU A 54 -10.81 -5.53 1.84
C LEU A 54 -11.07 -6.84 2.58
N CYS A 55 -10.07 -7.31 3.32
CA CYS A 55 -10.19 -8.54 4.08
C CYS A 55 -9.95 -8.29 5.57
N ARG A 56 -9.48 -7.10 5.90
CA ARG A 56 -9.22 -6.74 7.28
C ARG A 56 -8.18 -7.68 7.90
N GLN A 57 -7.07 -7.88 7.19
CA GLN A 57 -6.02 -8.76 7.67
C GLN A 57 -5.15 -8.06 8.71
N GLU A 58 -5.17 -8.59 9.93
CA GLU A 58 -4.39 -8.00 11.02
C GLU A 58 -2.98 -7.67 10.56
N ILE A 59 -2.70 -6.38 10.40
CA ILE A 59 -1.38 -5.94 9.96
C ILE A 59 -0.49 -5.62 11.16
N PRO A 60 0.72 -6.22 11.17
CA PRO A 60 1.69 -6.01 12.25
C PRO A 60 2.28 -4.61 12.23
N GLU A 61 2.47 -4.04 13.42
CA GLU A 61 3.02 -2.69 13.55
C GLU A 61 4.37 -2.60 12.84
N ASP A 62 5.11 -3.71 12.83
CA ASP A 62 6.42 -3.75 12.19
C ASP A 62 6.28 -3.58 10.67
N PHE A 63 5.13 -3.96 10.14
CA PHE A 63 4.88 -3.85 8.71
C PHE A 63 5.39 -2.51 8.17
N LEU A 64 4.88 -1.43 8.74
CA LEU A 64 5.28 -0.08 8.32
C LEU A 64 6.68 0.25 8.82
N ASP A 65 6.90 0.08 10.11
CA ASP A 65 8.20 0.37 10.72
C ASP A 65 9.15 -0.81 10.52
N SER A 66 9.74 -0.90 9.33
CA SER A 66 10.67 -1.98 9.01
C SER A 66 11.30 -1.77 7.64
N GLY A 67 12.60 -2.01 7.55
CA GLY A 67 13.31 -1.84 6.29
C GLY A 67 14.60 -2.64 6.24
N PRO A 68 15.50 -2.25 5.33
CA PRO A 68 16.80 -2.91 5.16
C PRO A 68 17.73 -2.67 6.34
N SER A 69 17.28 -1.88 7.29
CA SER A 69 18.08 -1.56 8.47
C SER A 69 17.34 -1.96 9.75
N SER A 70 17.41 -3.24 10.08
CA SER A 70 16.75 -3.75 11.28
C SER A 70 17.16 -5.20 11.54
N GLY A 71 17.66 -5.46 12.75
CA GLY A 71 18.08 -6.79 13.12
C GLY A 71 19.55 -7.04 12.84
#